data_2AFE
# 
_entry.id   2AFE 
# 
_audit_conform.dict_name       mmcif_pdbx.dic 
_audit_conform.dict_version    5.392 
_audit_conform.dict_location   http://mmcif.pdb.org/dictionaries/ascii/mmcif_pdbx.dic 
# 
loop_
_database_2.database_id 
_database_2.database_code 
_database_2.pdbx_database_accession 
_database_2.pdbx_DOI 
PDB   2AFE         pdb_00002afe 10.2210/pdb2afe/pdb 
RCSB  RCSB033828   ?            ?                   
WWPDB D_1000033828 ?            ?                   
# 
loop_
_pdbx_audit_revision_history.ordinal 
_pdbx_audit_revision_history.data_content_type 
_pdbx_audit_revision_history.major_revision 
_pdbx_audit_revision_history.minor_revision 
_pdbx_audit_revision_history.revision_date 
1 'Structure model' 1 0 2005-08-16 
2 'Structure model' 1 1 2008-04-30 
3 'Structure model' 1 2 2011-07-13 
4 'Structure model' 1 3 2021-10-20 
5 'Structure model' 1 4 2024-05-22 
# 
_pdbx_audit_revision_details.ordinal             1 
_pdbx_audit_revision_details.revision_ordinal    1 
_pdbx_audit_revision_details.data_content_type   'Structure model' 
_pdbx_audit_revision_details.provider            repository 
_pdbx_audit_revision_details.type                'Initial release' 
_pdbx_audit_revision_details.description         ? 
_pdbx_audit_revision_details.details             ? 
# 
loop_
_pdbx_audit_revision_group.ordinal 
_pdbx_audit_revision_group.revision_ordinal 
_pdbx_audit_revision_group.data_content_type 
_pdbx_audit_revision_group.group 
1 2 'Structure model' 'Version format compliance' 
2 3 'Structure model' 'Source and taxonomy'       
3 3 'Structure model' 'Version format compliance' 
4 4 'Structure model' 'Data collection'           
5 4 'Structure model' 'Database references'       
6 5 'Structure model' 'Data collection'           
# 
loop_
_pdbx_audit_revision_category.ordinal 
_pdbx_audit_revision_category.revision_ordinal 
_pdbx_audit_revision_category.data_content_type 
_pdbx_audit_revision_category.category 
1 4 'Structure model' database_2            
2 4 'Structure model' pdbx_nmr_software     
3 4 'Structure model' pdbx_nmr_spectrometer 
4 4 'Structure model' struct_ref_seq_dif    
5 5 'Structure model' chem_comp_atom        
6 5 'Structure model' chem_comp_bond        
# 
loop_
_pdbx_audit_revision_item.ordinal 
_pdbx_audit_revision_item.revision_ordinal 
_pdbx_audit_revision_item.data_content_type 
_pdbx_audit_revision_item.item 
1 4 'Structure model' '_database_2.pdbx_DOI'                
2 4 'Structure model' '_database_2.pdbx_database_accession' 
3 4 'Structure model' '_pdbx_nmr_software.name'             
4 4 'Structure model' '_pdbx_nmr_spectrometer.model'        
5 4 'Structure model' '_struct_ref_seq_dif.details'         
# 
_pdbx_database_status.entry_id                        2AFE 
_pdbx_database_status.status_code                     REL 
_pdbx_database_status.status_code_mr                  REL 
_pdbx_database_status.recvd_initial_deposition_date   2005-07-25 
_pdbx_database_status.deposit_site                    RCSB 
_pdbx_database_status.process_site                    RCSB 
_pdbx_database_status.SG_entry                        Y 
_pdbx_database_status.status_code_sf                  ? 
_pdbx_database_status.pdb_format_compatible           Y 
_pdbx_database_status.status_code_cs                  ? 
_pdbx_database_status.status_code_nmr_data            ? 
_pdbx_database_status.methods_development_category    ? 
# 
loop_
_pdbx_database_related.db_name 
_pdbx_database_related.db_id 
_pdbx_database_related.details 
_pdbx_database_related.content_type 
PDB      2AFD   'NMR Ensemble' unspecified 
TargetDB 354432 .              unspecified 
# 
loop_
_audit_author.name 
_audit_author.pdbx_ordinal 
'Johnson, M.A.'                               1 
'Peti, W.'                                    2 
'Herrmann, T.'                                3 
'Wilson, I.A.'                                4 
'Wuthrich, K.'                                5 
'Joint Center for Structural Genomics (JCSG)' 6 
# 
_citation.id                        primary 
_citation.title                     
;Solution structure of Asl1650, an acyl carrier protein from Anabaena sp. PCC 7120 with a variant phosphopantetheinylation-site sequence
;
_citation.journal_abbrev            'Protein Sci.' 
_citation.journal_volume            15 
_citation.page_first                1030 
_citation.page_last                 1041 
_citation.year                      2006 
_citation.journal_id_ASTM           PRCIEI 
_citation.country                   US 
_citation.journal_id_ISSN           0961-8368 
_citation.journal_id_CSD            0795 
_citation.book_publisher            ? 
_citation.pdbx_database_id_PubMed   16597827 
_citation.pdbx_database_id_DOI      10.1110/ps.051964606 
# 
loop_
_citation_author.citation_id 
_citation_author.name 
_citation_author.ordinal 
_citation_author.identifier_ORCID 
primary 'Johnson, M.A.' 1 ? 
primary 'Peti, W.'      2 ? 
primary 'Herrmann, T.'  3 ? 
primary 'Wilson, I.A.'  4 ? 
primary 'Wuthrich, K.'  5 ? 
# 
_entity.id                         1 
_entity.type                       polymer 
_entity.src_method                 man 
_entity.pdbx_description           'protein Asl1650' 
_entity.formula_weight             10088.395 
_entity.pdbx_number_of_molecules   1 
_entity.pdbx_ec                    ? 
_entity.pdbx_mutation              Cys10Ala 
_entity.pdbx_fragment              ? 
_entity.details                    ? 
# 
_entity_poly.entity_id                      1 
_entity_poly.type                           'polypeptide(L)' 
_entity_poly.nstd_linkage                   no 
_entity_poly.nstd_monomer                   no 
_entity_poly.pdbx_seq_one_letter_code       
;GSHMKTIQPASVEDIQSWLIDQFAQQLDVDPDDIDMEESFDNYDLNSSKALILLGRLEKWLGKELNPVLIFNYPTIAQLA
KRLGELYL
;
_entity_poly.pdbx_seq_one_letter_code_can   
;GSHMKTIQPASVEDIQSWLIDQFAQQLDVDPDDIDMEESFDNYDLNSSKALILLGRLEKWLGKELNPVLIFNYPTIAQLA
KRLGELYL
;
_entity_poly.pdbx_strand_id                 A 
_entity_poly.pdbx_target_identifier         354432 
# 
loop_
_entity_poly_seq.entity_id 
_entity_poly_seq.num 
_entity_poly_seq.mon_id 
_entity_poly_seq.hetero 
1 1  GLY n 
1 2  SER n 
1 3  HIS n 
1 4  MET n 
1 5  LYS n 
1 6  THR n 
1 7  ILE n 
1 8  GLN n 
1 9  PRO n 
1 10 ALA n 
1 11 SER n 
1 12 VAL n 
1 13 GLU n 
1 14 ASP n 
1 15 ILE n 
1 16 GLN n 
1 17 SER n 
1 18 TRP n 
1 19 LEU n 
1 20 ILE n 
1 21 ASP n 
1 22 GLN n 
1 23 PHE n 
1 24 ALA n 
1 25 GLN n 
1 26 GLN n 
1 27 LEU n 
1 28 ASP n 
1 29 VAL n 
1 30 ASP n 
1 31 PRO n 
1 32 ASP n 
1 33 ASP n 
1 34 ILE n 
1 35 ASP n 
1 36 MET n 
1 37 GLU n 
1 38 GLU n 
1 39 SER n 
1 40 PHE n 
1 41 ASP n 
1 42 ASN n 
1 43 TYR n 
1 44 ASP n 
1 45 LEU n 
1 46 ASN n 
1 47 SER n 
1 48 SER n 
1 49 LYS n 
1 50 ALA n 
1 51 LEU n 
1 52 ILE n 
1 53 LEU n 
1 54 LEU n 
1 55 GLY n 
1 56 ARG n 
1 57 LEU n 
1 58 GLU n 
1 59 LYS n 
1 60 TRP n 
1 61 LEU n 
1 62 GLY n 
1 63 LYS n 
1 64 GLU n 
1 65 LEU n 
1 66 ASN n 
1 67 PRO n 
1 68 VAL n 
1 69 LEU n 
1 70 ILE n 
1 71 PHE n 
1 72 ASN n 
1 73 TYR n 
1 74 PRO n 
1 75 THR n 
1 76 ILE n 
1 77 ALA n 
1 78 GLN n 
1 79 LEU n 
1 80 ALA n 
1 81 LYS n 
1 82 ARG n 
1 83 LEU n 
1 84 GLY n 
1 85 GLU n 
1 86 LEU n 
1 87 TYR n 
1 88 LEU n 
# 
_entity_src_gen.entity_id                          1 
_entity_src_gen.pdbx_src_id                        1 
_entity_src_gen.pdbx_alt_source_flag               sample 
_entity_src_gen.pdbx_seq_type                      ? 
_entity_src_gen.pdbx_beg_seq_num                   ? 
_entity_src_gen.pdbx_end_seq_num                   ? 
_entity_src_gen.gene_src_common_name               ? 
_entity_src_gen.gene_src_genus                     Nostoc 
_entity_src_gen.pdbx_gene_src_gene                 ? 
_entity_src_gen.gene_src_species                   ? 
_entity_src_gen.gene_src_strain                    'PCC 7120' 
_entity_src_gen.gene_src_tissue                    ? 
_entity_src_gen.gene_src_tissue_fraction           ? 
_entity_src_gen.gene_src_details                   ? 
_entity_src_gen.pdbx_gene_src_fragment             ? 
_entity_src_gen.pdbx_gene_src_scientific_name      'Nostoc sp.' 
_entity_src_gen.pdbx_gene_src_ncbi_taxonomy_id     103690 
_entity_src_gen.pdbx_gene_src_variant              ? 
_entity_src_gen.pdbx_gene_src_cell_line            ? 
_entity_src_gen.pdbx_gene_src_atcc                 ? 
_entity_src_gen.pdbx_gene_src_organ                ? 
_entity_src_gen.pdbx_gene_src_organelle            ? 
_entity_src_gen.pdbx_gene_src_cell                 ? 
_entity_src_gen.pdbx_gene_src_cellular_location    ? 
_entity_src_gen.host_org_common_name               ? 
_entity_src_gen.pdbx_host_org_scientific_name      'Escherichia coli' 
_entity_src_gen.pdbx_host_org_ncbi_taxonomy_id     562 
_entity_src_gen.host_org_genus                     Escherichia 
_entity_src_gen.pdbx_host_org_gene                 ? 
_entity_src_gen.pdbx_host_org_organ                ? 
_entity_src_gen.host_org_species                   ? 
_entity_src_gen.pdbx_host_org_tissue               ? 
_entity_src_gen.pdbx_host_org_tissue_fraction      ? 
_entity_src_gen.pdbx_host_org_strain               'BL21(DE3)-RIL (Stratagene)' 
_entity_src_gen.pdbx_host_org_variant              ? 
_entity_src_gen.pdbx_host_org_cell_line            ? 
_entity_src_gen.pdbx_host_org_atcc                 ? 
_entity_src_gen.pdbx_host_org_culture_collection   ? 
_entity_src_gen.pdbx_host_org_cell                 ? 
_entity_src_gen.pdbx_host_org_organelle            ? 
_entity_src_gen.pdbx_host_org_cellular_location    ? 
_entity_src_gen.pdbx_host_org_vector_type          plasmid 
_entity_src_gen.pdbx_host_org_vector               ? 
_entity_src_gen.host_org_details                   ? 
_entity_src_gen.expression_system_id               ? 
_entity_src_gen.plasmid_name                       pET28b 
_entity_src_gen.plasmid_details                    ? 
_entity_src_gen.pdbx_description                   'synonym Nostoc sp. PCC 7120' 
# 
loop_
_chem_comp.id 
_chem_comp.type 
_chem_comp.mon_nstd_flag 
_chem_comp.name 
_chem_comp.pdbx_synonyms 
_chem_comp.formula 
_chem_comp.formula_weight 
ALA 'L-peptide linking' y ALANINE         ? 'C3 H7 N O2'     89.093  
ARG 'L-peptide linking' y ARGININE        ? 'C6 H15 N4 O2 1' 175.209 
ASN 'L-peptide linking' y ASPARAGINE      ? 'C4 H8 N2 O3'    132.118 
ASP 'L-peptide linking' y 'ASPARTIC ACID' ? 'C4 H7 N O4'     133.103 
CYS 'L-peptide linking' y CYSTEINE        ? 'C3 H7 N O2 S'   121.158 
GLN 'L-peptide linking' y GLUTAMINE       ? 'C5 H10 N2 O3'   146.144 
GLU 'L-peptide linking' y 'GLUTAMIC ACID' ? 'C5 H9 N O4'     147.129 
GLY 'peptide linking'   y GLYCINE         ? 'C2 H5 N O2'     75.067  
HIS 'L-peptide linking' y HISTIDINE       ? 'C6 H10 N3 O2 1' 156.162 
ILE 'L-peptide linking' y ISOLEUCINE      ? 'C6 H13 N O2'    131.173 
LEU 'L-peptide linking' y LEUCINE         ? 'C6 H13 N O2'    131.173 
LYS 'L-peptide linking' y LYSINE          ? 'C6 H15 N2 O2 1' 147.195 
MET 'L-peptide linking' y METHIONINE      ? 'C5 H11 N O2 S'  149.211 
PHE 'L-peptide linking' y PHENYLALANINE   ? 'C9 H11 N O2'    165.189 
PRO 'L-peptide linking' y PROLINE         ? 'C5 H9 N O2'     115.130 
SER 'L-peptide linking' y SERINE          ? 'C3 H7 N O3'     105.093 
THR 'L-peptide linking' y THREONINE       ? 'C4 H9 N O3'     119.119 
TRP 'L-peptide linking' y TRYPTOPHAN      ? 'C11 H12 N2 O2'  204.225 
TYR 'L-peptide linking' y TYROSINE        ? 'C9 H11 N O3'    181.189 
VAL 'L-peptide linking' y VALINE          ? 'C5 H11 N O2'    117.146 
# 
loop_
_pdbx_poly_seq_scheme.asym_id 
_pdbx_poly_seq_scheme.entity_id 
_pdbx_poly_seq_scheme.seq_id 
_pdbx_poly_seq_scheme.mon_id 
_pdbx_poly_seq_scheme.ndb_seq_num 
_pdbx_poly_seq_scheme.pdb_seq_num 
_pdbx_poly_seq_scheme.auth_seq_num 
_pdbx_poly_seq_scheme.pdb_mon_id 
_pdbx_poly_seq_scheme.auth_mon_id 
_pdbx_poly_seq_scheme.pdb_strand_id 
_pdbx_poly_seq_scheme.pdb_ins_code 
_pdbx_poly_seq_scheme.hetero 
A 1 1  GLY 1  1  1  GLY GLY A . n 
A 1 2  SER 2  2  2  SER SER A . n 
A 1 3  HIS 3  3  3  HIS HIS A . n 
A 1 4  MET 4  4  4  MET MET A . n 
A 1 5  LYS 5  5  5  LYS LYS A . n 
A 1 6  THR 6  6  6  THR THR A . n 
A 1 7  ILE 7  7  7  ILE ILE A . n 
A 1 8  GLN 8  8  8  GLN GLN A . n 
A 1 9  PRO 9  9  9  PRO PRO A . n 
A 1 10 ALA 10 10 10 ALA ALA A . n 
A 1 11 SER 11 11 11 SER SER A . n 
A 1 12 VAL 12 12 12 VAL VAL A . n 
A 1 13 GLU 13 13 13 GLU GLU A . n 
A 1 14 ASP 14 14 14 ASP ASP A . n 
A 1 15 ILE 15 15 15 ILE ILE A . n 
A 1 16 GLN 16 16 16 GLN GLN A . n 
A 1 17 SER 17 17 17 SER SER A . n 
A 1 18 TRP 18 18 18 TRP TRP A . n 
A 1 19 LEU 19 19 19 LEU LEU A . n 
A 1 20 ILE 20 20 20 ILE ILE A . n 
A 1 21 ASP 21 21 21 ASP ASP A . n 
A 1 22 GLN 22 22 22 GLN GLN A . n 
A 1 23 PHE 23 23 23 PHE PHE A . n 
A 1 24 ALA 24 24 24 ALA ALA A . n 
A 1 25 GLN 25 25 25 GLN GLN A . n 
A 1 26 GLN 26 26 26 GLN GLN A . n 
A 1 27 LEU 27 27 27 LEU LEU A . n 
A 1 28 ASP 28 28 28 ASP ASP A . n 
A 1 29 VAL 29 29 29 VAL VAL A . n 
A 1 30 ASP 30 30 30 ASP ASP A . n 
A 1 31 PRO 31 31 31 PRO PRO A . n 
A 1 32 ASP 32 32 32 ASP ASP A . n 
A 1 33 ASP 33 33 33 ASP ASP A . n 
A 1 34 ILE 34 34 34 ILE ILE A . n 
A 1 35 ASP 35 35 35 ASP ASP A . n 
A 1 36 MET 36 36 36 MET MET A . n 
A 1 37 GLU 37 37 37 GLU GLU A . n 
A 1 38 GLU 38 38 38 GLU GLU A . n 
A 1 39 SER 39 39 39 SER SER A . n 
A 1 40 PHE 40 40 40 PHE PHE A . n 
A 1 41 ASP 41 41 41 ASP ASP A . n 
A 1 42 ASN 42 42 42 ASN ASN A . n 
A 1 43 TYR 43 43 43 TYR TYR A . n 
A 1 44 ASP 44 44 44 ASP ASP A . n 
A 1 45 LEU 45 45 45 LEU LEU A . n 
A 1 46 ASN 46 46 46 ASN ASN A . n 
A 1 47 SER 47 47 47 SER SER A . n 
A 1 48 SER 48 48 48 SER SER A . n 
A 1 49 LYS 49 49 49 LYS LYS A . n 
A 1 50 ALA 50 50 50 ALA ALA A . n 
A 1 51 LEU 51 51 51 LEU LEU A . n 
A 1 52 ILE 52 52 52 ILE ILE A . n 
A 1 53 LEU 53 53 53 LEU LEU A . n 
A 1 54 LEU 54 54 54 LEU LEU A . n 
A 1 55 GLY 55 55 55 GLY GLY A . n 
A 1 56 ARG 56 56 56 ARG ARG A . n 
A 1 57 LEU 57 57 57 LEU LEU A . n 
A 1 58 GLU 58 58 58 GLU GLU A . n 
A 1 59 LYS 59 59 59 LYS LYS A . n 
A 1 60 TRP 60 60 60 TRP TRP A . n 
A 1 61 LEU 61 61 61 LEU LEU A . n 
A 1 62 GLY 62 62 62 GLY GLY A . n 
A 1 63 LYS 63 63 63 LYS LYS A . n 
A 1 64 GLU 64 64 64 GLU GLU A . n 
A 1 65 LEU 65 65 65 LEU LEU A . n 
A 1 66 ASN 66 66 66 ASN ASN A . n 
A 1 67 PRO 67 67 67 PRO PRO A . n 
A 1 68 VAL 68 68 68 VAL VAL A . n 
A 1 69 LEU 69 69 69 LEU LEU A . n 
A 1 70 ILE 70 70 70 ILE ILE A . n 
A 1 71 PHE 71 71 71 PHE PHE A . n 
A 1 72 ASN 72 72 72 ASN ASN A . n 
A 1 73 TYR 73 73 73 TYR TYR A . n 
A 1 74 PRO 74 74 74 PRO PRO A . n 
A 1 75 THR 75 75 75 THR THR A . n 
A 1 76 ILE 76 76 76 ILE ILE A . n 
A 1 77 ALA 77 77 77 ALA ALA A . n 
A 1 78 GLN 78 78 78 GLN GLN A . n 
A 1 79 LEU 79 79 79 LEU LEU A . n 
A 1 80 ALA 80 80 80 ALA ALA A . n 
A 1 81 LYS 81 81 81 LYS LYS A . n 
A 1 82 ARG 82 82 82 ARG ARG A . n 
A 1 83 LEU 83 83 83 LEU LEU A . n 
A 1 84 GLY 84 84 84 GLY GLY A . n 
A 1 85 GLU 85 85 85 GLU GLU A . n 
A 1 86 LEU 86 86 86 LEU LEU A . n 
A 1 87 TYR 87 87 87 TYR TYR A . n 
A 1 88 LEU 88 88 88 LEU LEU A . n 
# 
_exptl.entry_id          2AFE 
_exptl.method            'SOLUTION NMR' 
_exptl.crystals_number   ? 
# 
_struct.entry_id                  2AFE 
_struct.title                     
;Solution Structure of Asl1650, an Acyl Carrier Protein from Anabaena sp. PCC 7120 with a Variant Phosphopantetheinylation-Site Sequence
;
_struct.pdbx_model_details        ? 
_struct.pdbx_CASP_flag            ? 
_struct.pdbx_model_type_details   ? 
# 
_struct_keywords.entry_id        2AFE 
_struct_keywords.pdbx_keywords   'LIGAND BINDING PROTEIN' 
_struct_keywords.text            
;twisted antiparallel helical bundle; acyl carrier protein family, Structural Genomics, PSI, Protein Structure Initiative, Joint Center for Structural Genomics, JCSG, LIGAND BINDING PROTEIN
;
# 
_struct_asym.id                            A 
_struct_asym.pdbx_blank_PDB_chainid_flag   N 
_struct_asym.pdbx_modified                 N 
_struct_asym.entity_id                     1 
_struct_asym.details                       ? 
# 
_struct_ref.id                         1 
_struct_ref.entity_id                  1 
_struct_ref.db_name                    UNP 
_struct_ref.db_code                    Q8YWG3_ANASP 
_struct_ref.pdbx_db_accession          Q8YWG3 
_struct_ref.pdbx_align_begin           1 
_struct_ref.pdbx_seq_one_letter_code   
;MKTIQPCSVEDIQSWLIDQFAQQLDVDPDDIDMEESFDNYDLNSSKALILLGRLEKWLGKELNPVLIFNYPTIAQLAKRL
GELYL
;
_struct_ref.pdbx_db_isoform            ? 
# 
_struct_ref_seq.align_id                      1 
_struct_ref_seq.ref_id                        1 
_struct_ref_seq.pdbx_PDB_id_code              2AFE 
_struct_ref_seq.pdbx_strand_id                A 
_struct_ref_seq.seq_align_beg                 4 
_struct_ref_seq.pdbx_seq_align_beg_ins_code   ? 
_struct_ref_seq.seq_align_end                 88 
_struct_ref_seq.pdbx_seq_align_end_ins_code   ? 
_struct_ref_seq.pdbx_db_accession             Q8YWG3 
_struct_ref_seq.db_align_beg                  1 
_struct_ref_seq.pdbx_db_align_beg_ins_code    ? 
_struct_ref_seq.db_align_end                  85 
_struct_ref_seq.pdbx_db_align_end_ins_code    ? 
_struct_ref_seq.pdbx_auth_seq_align_beg       4 
_struct_ref_seq.pdbx_auth_seq_align_end       88 
# 
loop_
_struct_ref_seq_dif.align_id 
_struct_ref_seq_dif.pdbx_pdb_id_code 
_struct_ref_seq_dif.mon_id 
_struct_ref_seq_dif.pdbx_pdb_strand_id 
_struct_ref_seq_dif.seq_num 
_struct_ref_seq_dif.pdbx_pdb_ins_code 
_struct_ref_seq_dif.pdbx_seq_db_name 
_struct_ref_seq_dif.pdbx_seq_db_accession_code 
_struct_ref_seq_dif.db_mon_id 
_struct_ref_seq_dif.pdbx_seq_db_seq_num 
_struct_ref_seq_dif.details 
_struct_ref_seq_dif.pdbx_auth_seq_num 
_struct_ref_seq_dif.pdbx_ordinal 
1 2AFE GLY A 1  ? UNP Q8YWG3 ?   ? 'cloning artifact'    1  1 
1 2AFE SER A 2  ? UNP Q8YWG3 ?   ? 'cloning artifact'    2  2 
1 2AFE HIS A 3  ? UNP Q8YWG3 ?   ? 'cloning artifact'    3  3 
1 2AFE ALA A 10 ? UNP Q8YWG3 CYS 7 'engineered mutation' 10 4 
# 
_pdbx_struct_assembly.id                   1 
_pdbx_struct_assembly.details              author_defined_assembly 
_pdbx_struct_assembly.method_details       ? 
_pdbx_struct_assembly.oligomeric_details   monomeric 
_pdbx_struct_assembly.oligomeric_count     1 
# 
_pdbx_struct_assembly_gen.assembly_id       1 
_pdbx_struct_assembly_gen.oper_expression   1 
_pdbx_struct_assembly_gen.asym_id_list      A 
# 
_pdbx_struct_oper_list.id                   1 
_pdbx_struct_oper_list.type                 'identity operation' 
_pdbx_struct_oper_list.name                 1_555 
_pdbx_struct_oper_list.symmetry_operation   x,y,z 
_pdbx_struct_oper_list.matrix[1][1]         1.0000000000 
_pdbx_struct_oper_list.matrix[1][2]         0.0000000000 
_pdbx_struct_oper_list.matrix[1][3]         0.0000000000 
_pdbx_struct_oper_list.vector[1]            0.0000000000 
_pdbx_struct_oper_list.matrix[2][1]         0.0000000000 
_pdbx_struct_oper_list.matrix[2][2]         1.0000000000 
_pdbx_struct_oper_list.matrix[2][3]         0.0000000000 
_pdbx_struct_oper_list.vector[2]            0.0000000000 
_pdbx_struct_oper_list.matrix[3][1]         0.0000000000 
_pdbx_struct_oper_list.matrix[3][2]         0.0000000000 
_pdbx_struct_oper_list.matrix[3][3]         1.0000000000 
_pdbx_struct_oper_list.vector[3]            0.0000000000 
# 
_struct_biol.id   1 
# 
loop_
_struct_conf.conf_type_id 
_struct_conf.id 
_struct_conf.pdbx_PDB_helix_id 
_struct_conf.beg_label_comp_id 
_struct_conf.beg_label_asym_id 
_struct_conf.beg_label_seq_id 
_struct_conf.pdbx_beg_PDB_ins_code 
_struct_conf.end_label_comp_id 
_struct_conf.end_label_asym_id 
_struct_conf.end_label_seq_id 
_struct_conf.pdbx_end_PDB_ins_code 
_struct_conf.beg_auth_comp_id 
_struct_conf.beg_auth_asym_id 
_struct_conf.beg_auth_seq_id 
_struct_conf.end_auth_comp_id 
_struct_conf.end_auth_asym_id 
_struct_conf.end_auth_seq_id 
_struct_conf.pdbx_PDB_helix_class 
_struct_conf.details 
_struct_conf.pdbx_PDB_helix_length 
HELX_P HELX_P1 1 SER A 11 ? ASP A 28 ? SER A 11 ASP A 28 1 ? 18 
HELX_P HELX_P2 2 ASP A 30 ? ILE A 34 ? ASP A 30 ILE A 34 5 ? 5  
HELX_P HELX_P3 3 SER A 48 ? GLY A 62 ? SER A 48 GLY A 62 1 ? 15 
HELX_P HELX_P4 4 ASN A 66 ? ILE A 70 ? ASN A 66 ILE A 70 5 ? 5  
HELX_P HELX_P5 5 THR A 75 ? TYR A 87 ? THR A 75 TYR A 87 1 ? 13 
# 
_struct_conf_type.id          HELX_P 
_struct_conf_type.criteria    ? 
_struct_conf_type.reference   ? 
# 
loop_
_pdbx_validate_torsion.id 
_pdbx_validate_torsion.PDB_model_num 
_pdbx_validate_torsion.auth_comp_id 
_pdbx_validate_torsion.auth_asym_id 
_pdbx_validate_torsion.auth_seq_id 
_pdbx_validate_torsion.PDB_ins_code 
_pdbx_validate_torsion.label_alt_id 
_pdbx_validate_torsion.phi 
_pdbx_validate_torsion.psi 
1  1 MET A 4  ? ? 154.05  95.27   
2  1 LYS A 5  ? ? 159.49  141.27  
3  1 ILE A 7  ? ? -132.53 -124.97 
4  1 PRO A 9  ? ? -67.37  93.29   
5  1 MET A 36 ? ? -59.47  -4.08   
6  1 LEU A 45 ? ? -73.13  32.11   
7  1 ASN A 46 ? ? -24.79  -63.82  
8  1 SER A 47 ? ? -153.52 -61.19  
9  1 LYS A 63 ? ? -132.05 -153.09 
10 1 ASN A 72 ? ? -142.87 -32.10  
11 1 PRO A 74 ? ? -84.30  42.66   
# 
loop_
_pdbx_validate_planes.id 
_pdbx_validate_planes.PDB_model_num 
_pdbx_validate_planes.auth_comp_id 
_pdbx_validate_planes.auth_asym_id 
_pdbx_validate_planes.auth_seq_id 
_pdbx_validate_planes.PDB_ins_code 
_pdbx_validate_planes.label_alt_id 
_pdbx_validate_planes.rmsd 
_pdbx_validate_planes.type 
1 1 TYR A 73 ? ? 0.079 'SIDE CHAIN' 
2 1 ARG A 82 ? ? 0.123 'SIDE CHAIN' 
# 
_pdbx_SG_project.id                    1 
_pdbx_SG_project.project_name          'PSI, Protein Structure Initiative' 
_pdbx_SG_project.full_name_of_center   'Joint Center for Structural Genomics' 
_pdbx_SG_project.initial_of_center     JCSG 
# 
_pdbx_nmr_ensemble.entry_id                                      2AFE 
_pdbx_nmr_ensemble.conformers_calculated_total_number            100 
_pdbx_nmr_ensemble.conformers_submitted_total_number             1 
_pdbx_nmr_ensemble.conformer_selection_criteria                  
'Representative conformer; Conformer with the lowest rmsd to the mean coordinates of the ensemble' 
_pdbx_nmr_ensemble.average_constraints_per_residue               ? 
_pdbx_nmr_ensemble.average_constraint_violations_per_residue     ? 
_pdbx_nmr_ensemble.maximum_distance_constraint_violation         ? 
_pdbx_nmr_ensemble.average_distance_constraint_violation         ? 
_pdbx_nmr_ensemble.maximum_upper_distance_constraint_violation   ? 
_pdbx_nmr_ensemble.maximum_lower_distance_constraint_violation   ? 
_pdbx_nmr_ensemble.distance_constraint_violation_method          ? 
_pdbx_nmr_ensemble.maximum_torsion_angle_constraint_violation    ? 
_pdbx_nmr_ensemble.average_torsion_angle_constraint_violation    ? 
_pdbx_nmr_ensemble.torsion_angle_constraint_violation_method     ? 
# 
loop_
_pdbx_nmr_sample_details.solution_id 
_pdbx_nmr_sample_details.contents 
_pdbx_nmr_sample_details.solvent_system 
1 '2mM Asl1650 U-15N,13C; 20mM phosphate buffer, pH 6.0; 250 mM NaCl; 2mM NaN3' '90% H2O/10% D2O' 
2 '2mM Asl1650 U-15N; 20mM phosphate buffer, pH 6.0; 250 mM NaCl; 2mM NaN3'     '90% H2O/10% D2O' 
3 '2mM Asl1650; 20mM phosphate buffer, pH 6.0; 250mM NaCl; 2mM NaN3'            '99% D2O'         
# 
loop_
_pdbx_nmr_exptl_sample_conditions.conditions_id 
_pdbx_nmr_exptl_sample_conditions.temperature 
_pdbx_nmr_exptl_sample_conditions.pressure 
_pdbx_nmr_exptl_sample_conditions.pH 
_pdbx_nmr_exptl_sample_conditions.ionic_strength 
_pdbx_nmr_exptl_sample_conditions.pressure_units 
_pdbx_nmr_exptl_sample_conditions.temperature_units 
1 303 ambient 6.0 '250 mM NaCl' . K 
2 303 ambient 6.0 '250 mM NaCl' . K 
3 303 ambient 6.0 '250 mM NaCl' . K 
# 
loop_
_pdbx_nmr_exptl.experiment_id 
_pdbx_nmr_exptl.conditions_id 
_pdbx_nmr_exptl.type 
_pdbx_nmr_exptl.solution_id 
1 1 3D_13C-separated_NOESY 1 
2 1 3D_15N-separated_NOESY 2 
3 1 '2D NOESY'             3 
# 
_pdbx_nmr_refine.entry_id           2AFE 
_pdbx_nmr_refine.method             'torsion angle dynamics' 
_pdbx_nmr_refine.details            'automated NOESY peak picking, automated NOE assignment' 
_pdbx_nmr_refine.software_ordinal   1 
# 
loop_
_pdbx_nmr_software.classification 
_pdbx_nmr_software.name 
_pdbx_nmr_software.version 
_pdbx_nmr_software.authors 
_pdbx_nmr_software.ordinal 
'structure solution' ATNOS  1    'Herrmann T, Guntert P, Wuthrich K'              1 
'structure solution' CANDID 1    'Herrmann T, Guntert P, Wuthrich K'              2 
'structure solution' DYANA  6.01 'Guntert P, Mumenthaler C, Wuthrich K'           3 
refinement           OPALp  1    'Luginbuhl P, Guntert P, Billeter M, Wuthrich K' 4 
# 
loop_
_chem_comp_atom.comp_id 
_chem_comp_atom.atom_id 
_chem_comp_atom.type_symbol 
_chem_comp_atom.pdbx_aromatic_flag 
_chem_comp_atom.pdbx_stereo_config 
_chem_comp_atom.pdbx_ordinal 
ALA N    N N N 1   
ALA CA   C N S 2   
ALA C    C N N 3   
ALA O    O N N 4   
ALA CB   C N N 5   
ALA OXT  O N N 6   
ALA H    H N N 7   
ALA H2   H N N 8   
ALA HA   H N N 9   
ALA HB1  H N N 10  
ALA HB2  H N N 11  
ALA HB3  H N N 12  
ALA HXT  H N N 13  
ARG N    N N N 14  
ARG CA   C N S 15  
ARG C    C N N 16  
ARG O    O N N 17  
ARG CB   C N N 18  
ARG CG   C N N 19  
ARG CD   C N N 20  
ARG NE   N N N 21  
ARG CZ   C N N 22  
ARG NH1  N N N 23  
ARG NH2  N N N 24  
ARG OXT  O N N 25  
ARG H    H N N 26  
ARG H2   H N N 27  
ARG HA   H N N 28  
ARG HB2  H N N 29  
ARG HB3  H N N 30  
ARG HG2  H N N 31  
ARG HG3  H N N 32  
ARG HD2  H N N 33  
ARG HD3  H N N 34  
ARG HE   H N N 35  
ARG HH11 H N N 36  
ARG HH12 H N N 37  
ARG HH21 H N N 38  
ARG HH22 H N N 39  
ARG HXT  H N N 40  
ASN N    N N N 41  
ASN CA   C N S 42  
ASN C    C N N 43  
ASN O    O N N 44  
ASN CB   C N N 45  
ASN CG   C N N 46  
ASN OD1  O N N 47  
ASN ND2  N N N 48  
ASN OXT  O N N 49  
ASN H    H N N 50  
ASN H2   H N N 51  
ASN HA   H N N 52  
ASN HB2  H N N 53  
ASN HB3  H N N 54  
ASN HD21 H N N 55  
ASN HD22 H N N 56  
ASN HXT  H N N 57  
ASP N    N N N 58  
ASP CA   C N S 59  
ASP C    C N N 60  
ASP O    O N N 61  
ASP CB   C N N 62  
ASP CG   C N N 63  
ASP OD1  O N N 64  
ASP OD2  O N N 65  
ASP OXT  O N N 66  
ASP H    H N N 67  
ASP H2   H N N 68  
ASP HA   H N N 69  
ASP HB2  H N N 70  
ASP HB3  H N N 71  
ASP HD2  H N N 72  
ASP HXT  H N N 73  
CYS N    N N N 74  
CYS CA   C N R 75  
CYS C    C N N 76  
CYS O    O N N 77  
CYS CB   C N N 78  
CYS SG   S N N 79  
CYS OXT  O N N 80  
CYS H    H N N 81  
CYS H2   H N N 82  
CYS HA   H N N 83  
CYS HB2  H N N 84  
CYS HB3  H N N 85  
CYS HG   H N N 86  
CYS HXT  H N N 87  
GLN N    N N N 88  
GLN CA   C N S 89  
GLN C    C N N 90  
GLN O    O N N 91  
GLN CB   C N N 92  
GLN CG   C N N 93  
GLN CD   C N N 94  
GLN OE1  O N N 95  
GLN NE2  N N N 96  
GLN OXT  O N N 97  
GLN H    H N N 98  
GLN H2   H N N 99  
GLN HA   H N N 100 
GLN HB2  H N N 101 
GLN HB3  H N N 102 
GLN HG2  H N N 103 
GLN HG3  H N N 104 
GLN HE21 H N N 105 
GLN HE22 H N N 106 
GLN HXT  H N N 107 
GLU N    N N N 108 
GLU CA   C N S 109 
GLU C    C N N 110 
GLU O    O N N 111 
GLU CB   C N N 112 
GLU CG   C N N 113 
GLU CD   C N N 114 
GLU OE1  O N N 115 
GLU OE2  O N N 116 
GLU OXT  O N N 117 
GLU H    H N N 118 
GLU H2   H N N 119 
GLU HA   H N N 120 
GLU HB2  H N N 121 
GLU HB3  H N N 122 
GLU HG2  H N N 123 
GLU HG3  H N N 124 
GLU HE2  H N N 125 
GLU HXT  H N N 126 
GLY N    N N N 127 
GLY CA   C N N 128 
GLY C    C N N 129 
GLY O    O N N 130 
GLY OXT  O N N 131 
GLY H    H N N 132 
GLY H2   H N N 133 
GLY HA2  H N N 134 
GLY HA3  H N N 135 
GLY HXT  H N N 136 
HIS N    N N N 137 
HIS CA   C N S 138 
HIS C    C N N 139 
HIS O    O N N 140 
HIS CB   C N N 141 
HIS CG   C Y N 142 
HIS ND1  N Y N 143 
HIS CD2  C Y N 144 
HIS CE1  C Y N 145 
HIS NE2  N Y N 146 
HIS OXT  O N N 147 
HIS H    H N N 148 
HIS H2   H N N 149 
HIS HA   H N N 150 
HIS HB2  H N N 151 
HIS HB3  H N N 152 
HIS HD1  H N N 153 
HIS HD2  H N N 154 
HIS HE1  H N N 155 
HIS HE2  H N N 156 
HIS HXT  H N N 157 
ILE N    N N N 158 
ILE CA   C N S 159 
ILE C    C N N 160 
ILE O    O N N 161 
ILE CB   C N S 162 
ILE CG1  C N N 163 
ILE CG2  C N N 164 
ILE CD1  C N N 165 
ILE OXT  O N N 166 
ILE H    H N N 167 
ILE H2   H N N 168 
ILE HA   H N N 169 
ILE HB   H N N 170 
ILE HG12 H N N 171 
ILE HG13 H N N 172 
ILE HG21 H N N 173 
ILE HG22 H N N 174 
ILE HG23 H N N 175 
ILE HD11 H N N 176 
ILE HD12 H N N 177 
ILE HD13 H N N 178 
ILE HXT  H N N 179 
LEU N    N N N 180 
LEU CA   C N S 181 
LEU C    C N N 182 
LEU O    O N N 183 
LEU CB   C N N 184 
LEU CG   C N N 185 
LEU CD1  C N N 186 
LEU CD2  C N N 187 
LEU OXT  O N N 188 
LEU H    H N N 189 
LEU H2   H N N 190 
LEU HA   H N N 191 
LEU HB2  H N N 192 
LEU HB3  H N N 193 
LEU HG   H N N 194 
LEU HD11 H N N 195 
LEU HD12 H N N 196 
LEU HD13 H N N 197 
LEU HD21 H N N 198 
LEU HD22 H N N 199 
LEU HD23 H N N 200 
LEU HXT  H N N 201 
LYS N    N N N 202 
LYS CA   C N S 203 
LYS C    C N N 204 
LYS O    O N N 205 
LYS CB   C N N 206 
LYS CG   C N N 207 
LYS CD   C N N 208 
LYS CE   C N N 209 
LYS NZ   N N N 210 
LYS OXT  O N N 211 
LYS H    H N N 212 
LYS H2   H N N 213 
LYS HA   H N N 214 
LYS HB2  H N N 215 
LYS HB3  H N N 216 
LYS HG2  H N N 217 
LYS HG3  H N N 218 
LYS HD2  H N N 219 
LYS HD3  H N N 220 
LYS HE2  H N N 221 
LYS HE3  H N N 222 
LYS HZ1  H N N 223 
LYS HZ2  H N N 224 
LYS HZ3  H N N 225 
LYS HXT  H N N 226 
MET N    N N N 227 
MET CA   C N S 228 
MET C    C N N 229 
MET O    O N N 230 
MET CB   C N N 231 
MET CG   C N N 232 
MET SD   S N N 233 
MET CE   C N N 234 
MET OXT  O N N 235 
MET H    H N N 236 
MET H2   H N N 237 
MET HA   H N N 238 
MET HB2  H N N 239 
MET HB3  H N N 240 
MET HG2  H N N 241 
MET HG3  H N N 242 
MET HE1  H N N 243 
MET HE2  H N N 244 
MET HE3  H N N 245 
MET HXT  H N N 246 
PHE N    N N N 247 
PHE CA   C N S 248 
PHE C    C N N 249 
PHE O    O N N 250 
PHE CB   C N N 251 
PHE CG   C Y N 252 
PHE CD1  C Y N 253 
PHE CD2  C Y N 254 
PHE CE1  C Y N 255 
PHE CE2  C Y N 256 
PHE CZ   C Y N 257 
PHE OXT  O N N 258 
PHE H    H N N 259 
PHE H2   H N N 260 
PHE HA   H N N 261 
PHE HB2  H N N 262 
PHE HB3  H N N 263 
PHE HD1  H N N 264 
PHE HD2  H N N 265 
PHE HE1  H N N 266 
PHE HE2  H N N 267 
PHE HZ   H N N 268 
PHE HXT  H N N 269 
PRO N    N N N 270 
PRO CA   C N S 271 
PRO C    C N N 272 
PRO O    O N N 273 
PRO CB   C N N 274 
PRO CG   C N N 275 
PRO CD   C N N 276 
PRO OXT  O N N 277 
PRO H    H N N 278 
PRO HA   H N N 279 
PRO HB2  H N N 280 
PRO HB3  H N N 281 
PRO HG2  H N N 282 
PRO HG3  H N N 283 
PRO HD2  H N N 284 
PRO HD3  H N N 285 
PRO HXT  H N N 286 
SER N    N N N 287 
SER CA   C N S 288 
SER C    C N N 289 
SER O    O N N 290 
SER CB   C N N 291 
SER OG   O N N 292 
SER OXT  O N N 293 
SER H    H N N 294 
SER H2   H N N 295 
SER HA   H N N 296 
SER HB2  H N N 297 
SER HB3  H N N 298 
SER HG   H N N 299 
SER HXT  H N N 300 
THR N    N N N 301 
THR CA   C N S 302 
THR C    C N N 303 
THR O    O N N 304 
THR CB   C N R 305 
THR OG1  O N N 306 
THR CG2  C N N 307 
THR OXT  O N N 308 
THR H    H N N 309 
THR H2   H N N 310 
THR HA   H N N 311 
THR HB   H N N 312 
THR HG1  H N N 313 
THR HG21 H N N 314 
THR HG22 H N N 315 
THR HG23 H N N 316 
THR HXT  H N N 317 
TRP N    N N N 318 
TRP CA   C N S 319 
TRP C    C N N 320 
TRP O    O N N 321 
TRP CB   C N N 322 
TRP CG   C Y N 323 
TRP CD1  C Y N 324 
TRP CD2  C Y N 325 
TRP NE1  N Y N 326 
TRP CE2  C Y N 327 
TRP CE3  C Y N 328 
TRP CZ2  C Y N 329 
TRP CZ3  C Y N 330 
TRP CH2  C Y N 331 
TRP OXT  O N N 332 
TRP H    H N N 333 
TRP H2   H N N 334 
TRP HA   H N N 335 
TRP HB2  H N N 336 
TRP HB3  H N N 337 
TRP HD1  H N N 338 
TRP HE1  H N N 339 
TRP HE3  H N N 340 
TRP HZ2  H N N 341 
TRP HZ3  H N N 342 
TRP HH2  H N N 343 
TRP HXT  H N N 344 
TYR N    N N N 345 
TYR CA   C N S 346 
TYR C    C N N 347 
TYR O    O N N 348 
TYR CB   C N N 349 
TYR CG   C Y N 350 
TYR CD1  C Y N 351 
TYR CD2  C Y N 352 
TYR CE1  C Y N 353 
TYR CE2  C Y N 354 
TYR CZ   C Y N 355 
TYR OH   O N N 356 
TYR OXT  O N N 357 
TYR H    H N N 358 
TYR H2   H N N 359 
TYR HA   H N N 360 
TYR HB2  H N N 361 
TYR HB3  H N N 362 
TYR HD1  H N N 363 
TYR HD2  H N N 364 
TYR HE1  H N N 365 
TYR HE2  H N N 366 
TYR HH   H N N 367 
TYR HXT  H N N 368 
VAL N    N N N 369 
VAL CA   C N S 370 
VAL C    C N N 371 
VAL O    O N N 372 
VAL CB   C N N 373 
VAL CG1  C N N 374 
VAL CG2  C N N 375 
VAL OXT  O N N 376 
VAL H    H N N 377 
VAL H2   H N N 378 
VAL HA   H N N 379 
VAL HB   H N N 380 
VAL HG11 H N N 381 
VAL HG12 H N N 382 
VAL HG13 H N N 383 
VAL HG21 H N N 384 
VAL HG22 H N N 385 
VAL HG23 H N N 386 
VAL HXT  H N N 387 
# 
loop_
_chem_comp_bond.comp_id 
_chem_comp_bond.atom_id_1 
_chem_comp_bond.atom_id_2 
_chem_comp_bond.value_order 
_chem_comp_bond.pdbx_aromatic_flag 
_chem_comp_bond.pdbx_stereo_config 
_chem_comp_bond.pdbx_ordinal 
ALA N   CA   sing N N 1   
ALA N   H    sing N N 2   
ALA N   H2   sing N N 3   
ALA CA  C    sing N N 4   
ALA CA  CB   sing N N 5   
ALA CA  HA   sing N N 6   
ALA C   O    doub N N 7   
ALA C   OXT  sing N N 8   
ALA CB  HB1  sing N N 9   
ALA CB  HB2  sing N N 10  
ALA CB  HB3  sing N N 11  
ALA OXT HXT  sing N N 12  
ARG N   CA   sing N N 13  
ARG N   H    sing N N 14  
ARG N   H2   sing N N 15  
ARG CA  C    sing N N 16  
ARG CA  CB   sing N N 17  
ARG CA  HA   sing N N 18  
ARG C   O    doub N N 19  
ARG C   OXT  sing N N 20  
ARG CB  CG   sing N N 21  
ARG CB  HB2  sing N N 22  
ARG CB  HB3  sing N N 23  
ARG CG  CD   sing N N 24  
ARG CG  HG2  sing N N 25  
ARG CG  HG3  sing N N 26  
ARG CD  NE   sing N N 27  
ARG CD  HD2  sing N N 28  
ARG CD  HD3  sing N N 29  
ARG NE  CZ   sing N N 30  
ARG NE  HE   sing N N 31  
ARG CZ  NH1  sing N N 32  
ARG CZ  NH2  doub N N 33  
ARG NH1 HH11 sing N N 34  
ARG NH1 HH12 sing N N 35  
ARG NH2 HH21 sing N N 36  
ARG NH2 HH22 sing N N 37  
ARG OXT HXT  sing N N 38  
ASN N   CA   sing N N 39  
ASN N   H    sing N N 40  
ASN N   H2   sing N N 41  
ASN CA  C    sing N N 42  
ASN CA  CB   sing N N 43  
ASN CA  HA   sing N N 44  
ASN C   O    doub N N 45  
ASN C   OXT  sing N N 46  
ASN CB  CG   sing N N 47  
ASN CB  HB2  sing N N 48  
ASN CB  HB3  sing N N 49  
ASN CG  OD1  doub N N 50  
ASN CG  ND2  sing N N 51  
ASN ND2 HD21 sing N N 52  
ASN ND2 HD22 sing N N 53  
ASN OXT HXT  sing N N 54  
ASP N   CA   sing N N 55  
ASP N   H    sing N N 56  
ASP N   H2   sing N N 57  
ASP CA  C    sing N N 58  
ASP CA  CB   sing N N 59  
ASP CA  HA   sing N N 60  
ASP C   O    doub N N 61  
ASP C   OXT  sing N N 62  
ASP CB  CG   sing N N 63  
ASP CB  HB2  sing N N 64  
ASP CB  HB3  sing N N 65  
ASP CG  OD1  doub N N 66  
ASP CG  OD2  sing N N 67  
ASP OD2 HD2  sing N N 68  
ASP OXT HXT  sing N N 69  
CYS N   CA   sing N N 70  
CYS N   H    sing N N 71  
CYS N   H2   sing N N 72  
CYS CA  C    sing N N 73  
CYS CA  CB   sing N N 74  
CYS CA  HA   sing N N 75  
CYS C   O    doub N N 76  
CYS C   OXT  sing N N 77  
CYS CB  SG   sing N N 78  
CYS CB  HB2  sing N N 79  
CYS CB  HB3  sing N N 80  
CYS SG  HG   sing N N 81  
CYS OXT HXT  sing N N 82  
GLN N   CA   sing N N 83  
GLN N   H    sing N N 84  
GLN N   H2   sing N N 85  
GLN CA  C    sing N N 86  
GLN CA  CB   sing N N 87  
GLN CA  HA   sing N N 88  
GLN C   O    doub N N 89  
GLN C   OXT  sing N N 90  
GLN CB  CG   sing N N 91  
GLN CB  HB2  sing N N 92  
GLN CB  HB3  sing N N 93  
GLN CG  CD   sing N N 94  
GLN CG  HG2  sing N N 95  
GLN CG  HG3  sing N N 96  
GLN CD  OE1  doub N N 97  
GLN CD  NE2  sing N N 98  
GLN NE2 HE21 sing N N 99  
GLN NE2 HE22 sing N N 100 
GLN OXT HXT  sing N N 101 
GLU N   CA   sing N N 102 
GLU N   H    sing N N 103 
GLU N   H2   sing N N 104 
GLU CA  C    sing N N 105 
GLU CA  CB   sing N N 106 
GLU CA  HA   sing N N 107 
GLU C   O    doub N N 108 
GLU C   OXT  sing N N 109 
GLU CB  CG   sing N N 110 
GLU CB  HB2  sing N N 111 
GLU CB  HB3  sing N N 112 
GLU CG  CD   sing N N 113 
GLU CG  HG2  sing N N 114 
GLU CG  HG3  sing N N 115 
GLU CD  OE1  doub N N 116 
GLU CD  OE2  sing N N 117 
GLU OE2 HE2  sing N N 118 
GLU OXT HXT  sing N N 119 
GLY N   CA   sing N N 120 
GLY N   H    sing N N 121 
GLY N   H2   sing N N 122 
GLY CA  C    sing N N 123 
GLY CA  HA2  sing N N 124 
GLY CA  HA3  sing N N 125 
GLY C   O    doub N N 126 
GLY C   OXT  sing N N 127 
GLY OXT HXT  sing N N 128 
HIS N   CA   sing N N 129 
HIS N   H    sing N N 130 
HIS N   H2   sing N N 131 
HIS CA  C    sing N N 132 
HIS CA  CB   sing N N 133 
HIS CA  HA   sing N N 134 
HIS C   O    doub N N 135 
HIS C   OXT  sing N N 136 
HIS CB  CG   sing N N 137 
HIS CB  HB2  sing N N 138 
HIS CB  HB3  sing N N 139 
HIS CG  ND1  sing Y N 140 
HIS CG  CD2  doub Y N 141 
HIS ND1 CE1  doub Y N 142 
HIS ND1 HD1  sing N N 143 
HIS CD2 NE2  sing Y N 144 
HIS CD2 HD2  sing N N 145 
HIS CE1 NE2  sing Y N 146 
HIS CE1 HE1  sing N N 147 
HIS NE2 HE2  sing N N 148 
HIS OXT HXT  sing N N 149 
ILE N   CA   sing N N 150 
ILE N   H    sing N N 151 
ILE N   H2   sing N N 152 
ILE CA  C    sing N N 153 
ILE CA  CB   sing N N 154 
ILE CA  HA   sing N N 155 
ILE C   O    doub N N 156 
ILE C   OXT  sing N N 157 
ILE CB  CG1  sing N N 158 
ILE CB  CG2  sing N N 159 
ILE CB  HB   sing N N 160 
ILE CG1 CD1  sing N N 161 
ILE CG1 HG12 sing N N 162 
ILE CG1 HG13 sing N N 163 
ILE CG2 HG21 sing N N 164 
ILE CG2 HG22 sing N N 165 
ILE CG2 HG23 sing N N 166 
ILE CD1 HD11 sing N N 167 
ILE CD1 HD12 sing N N 168 
ILE CD1 HD13 sing N N 169 
ILE OXT HXT  sing N N 170 
LEU N   CA   sing N N 171 
LEU N   H    sing N N 172 
LEU N   H2   sing N N 173 
LEU CA  C    sing N N 174 
LEU CA  CB   sing N N 175 
LEU CA  HA   sing N N 176 
LEU C   O    doub N N 177 
LEU C   OXT  sing N N 178 
LEU CB  CG   sing N N 179 
LEU CB  HB2  sing N N 180 
LEU CB  HB3  sing N N 181 
LEU CG  CD1  sing N N 182 
LEU CG  CD2  sing N N 183 
LEU CG  HG   sing N N 184 
LEU CD1 HD11 sing N N 185 
LEU CD1 HD12 sing N N 186 
LEU CD1 HD13 sing N N 187 
LEU CD2 HD21 sing N N 188 
LEU CD2 HD22 sing N N 189 
LEU CD2 HD23 sing N N 190 
LEU OXT HXT  sing N N 191 
LYS N   CA   sing N N 192 
LYS N   H    sing N N 193 
LYS N   H2   sing N N 194 
LYS CA  C    sing N N 195 
LYS CA  CB   sing N N 196 
LYS CA  HA   sing N N 197 
LYS C   O    doub N N 198 
LYS C   OXT  sing N N 199 
LYS CB  CG   sing N N 200 
LYS CB  HB2  sing N N 201 
LYS CB  HB3  sing N N 202 
LYS CG  CD   sing N N 203 
LYS CG  HG2  sing N N 204 
LYS CG  HG3  sing N N 205 
LYS CD  CE   sing N N 206 
LYS CD  HD2  sing N N 207 
LYS CD  HD3  sing N N 208 
LYS CE  NZ   sing N N 209 
LYS CE  HE2  sing N N 210 
LYS CE  HE3  sing N N 211 
LYS NZ  HZ1  sing N N 212 
LYS NZ  HZ2  sing N N 213 
LYS NZ  HZ3  sing N N 214 
LYS OXT HXT  sing N N 215 
MET N   CA   sing N N 216 
MET N   H    sing N N 217 
MET N   H2   sing N N 218 
MET CA  C    sing N N 219 
MET CA  CB   sing N N 220 
MET CA  HA   sing N N 221 
MET C   O    doub N N 222 
MET C   OXT  sing N N 223 
MET CB  CG   sing N N 224 
MET CB  HB2  sing N N 225 
MET CB  HB3  sing N N 226 
MET CG  SD   sing N N 227 
MET CG  HG2  sing N N 228 
MET CG  HG3  sing N N 229 
MET SD  CE   sing N N 230 
MET CE  HE1  sing N N 231 
MET CE  HE2  sing N N 232 
MET CE  HE3  sing N N 233 
MET OXT HXT  sing N N 234 
PHE N   CA   sing N N 235 
PHE N   H    sing N N 236 
PHE N   H2   sing N N 237 
PHE CA  C    sing N N 238 
PHE CA  CB   sing N N 239 
PHE CA  HA   sing N N 240 
PHE C   O    doub N N 241 
PHE C   OXT  sing N N 242 
PHE CB  CG   sing N N 243 
PHE CB  HB2  sing N N 244 
PHE CB  HB3  sing N N 245 
PHE CG  CD1  doub Y N 246 
PHE CG  CD2  sing Y N 247 
PHE CD1 CE1  sing Y N 248 
PHE CD1 HD1  sing N N 249 
PHE CD2 CE2  doub Y N 250 
PHE CD2 HD2  sing N N 251 
PHE CE1 CZ   doub Y N 252 
PHE CE1 HE1  sing N N 253 
PHE CE2 CZ   sing Y N 254 
PHE CE2 HE2  sing N N 255 
PHE CZ  HZ   sing N N 256 
PHE OXT HXT  sing N N 257 
PRO N   CA   sing N N 258 
PRO N   CD   sing N N 259 
PRO N   H    sing N N 260 
PRO CA  C    sing N N 261 
PRO CA  CB   sing N N 262 
PRO CA  HA   sing N N 263 
PRO C   O    doub N N 264 
PRO C   OXT  sing N N 265 
PRO CB  CG   sing N N 266 
PRO CB  HB2  sing N N 267 
PRO CB  HB3  sing N N 268 
PRO CG  CD   sing N N 269 
PRO CG  HG2  sing N N 270 
PRO CG  HG3  sing N N 271 
PRO CD  HD2  sing N N 272 
PRO CD  HD3  sing N N 273 
PRO OXT HXT  sing N N 274 
SER N   CA   sing N N 275 
SER N   H    sing N N 276 
SER N   H2   sing N N 277 
SER CA  C    sing N N 278 
SER CA  CB   sing N N 279 
SER CA  HA   sing N N 280 
SER C   O    doub N N 281 
SER C   OXT  sing N N 282 
SER CB  OG   sing N N 283 
SER CB  HB2  sing N N 284 
SER CB  HB3  sing N N 285 
SER OG  HG   sing N N 286 
SER OXT HXT  sing N N 287 
THR N   CA   sing N N 288 
THR N   H    sing N N 289 
THR N   H2   sing N N 290 
THR CA  C    sing N N 291 
THR CA  CB   sing N N 292 
THR CA  HA   sing N N 293 
THR C   O    doub N N 294 
THR C   OXT  sing N N 295 
THR CB  OG1  sing N N 296 
THR CB  CG2  sing N N 297 
THR CB  HB   sing N N 298 
THR OG1 HG1  sing N N 299 
THR CG2 HG21 sing N N 300 
THR CG2 HG22 sing N N 301 
THR CG2 HG23 sing N N 302 
THR OXT HXT  sing N N 303 
TRP N   CA   sing N N 304 
TRP N   H    sing N N 305 
TRP N   H2   sing N N 306 
TRP CA  C    sing N N 307 
TRP CA  CB   sing N N 308 
TRP CA  HA   sing N N 309 
TRP C   O    doub N N 310 
TRP C   OXT  sing N N 311 
TRP CB  CG   sing N N 312 
TRP CB  HB2  sing N N 313 
TRP CB  HB3  sing N N 314 
TRP CG  CD1  doub Y N 315 
TRP CG  CD2  sing Y N 316 
TRP CD1 NE1  sing Y N 317 
TRP CD1 HD1  sing N N 318 
TRP CD2 CE2  doub Y N 319 
TRP CD2 CE3  sing Y N 320 
TRP NE1 CE2  sing Y N 321 
TRP NE1 HE1  sing N N 322 
TRP CE2 CZ2  sing Y N 323 
TRP CE3 CZ3  doub Y N 324 
TRP CE3 HE3  sing N N 325 
TRP CZ2 CH2  doub Y N 326 
TRP CZ2 HZ2  sing N N 327 
TRP CZ3 CH2  sing Y N 328 
TRP CZ3 HZ3  sing N N 329 
TRP CH2 HH2  sing N N 330 
TRP OXT HXT  sing N N 331 
TYR N   CA   sing N N 332 
TYR N   H    sing N N 333 
TYR N   H2   sing N N 334 
TYR CA  C    sing N N 335 
TYR CA  CB   sing N N 336 
TYR CA  HA   sing N N 337 
TYR C   O    doub N N 338 
TYR C   OXT  sing N N 339 
TYR CB  CG   sing N N 340 
TYR CB  HB2  sing N N 341 
TYR CB  HB3  sing N N 342 
TYR CG  CD1  doub Y N 343 
TYR CG  CD2  sing Y N 344 
TYR CD1 CE1  sing Y N 345 
TYR CD1 HD1  sing N N 346 
TYR CD2 CE2  doub Y N 347 
TYR CD2 HD2  sing N N 348 
TYR CE1 CZ   doub Y N 349 
TYR CE1 HE1  sing N N 350 
TYR CE2 CZ   sing Y N 351 
TYR CE2 HE2  sing N N 352 
TYR CZ  OH   sing N N 353 
TYR OH  HH   sing N N 354 
TYR OXT HXT  sing N N 355 
VAL N   CA   sing N N 356 
VAL N   H    sing N N 357 
VAL N   H2   sing N N 358 
VAL CA  C    sing N N 359 
VAL CA  CB   sing N N 360 
VAL CA  HA   sing N N 361 
VAL C   O    doub N N 362 
VAL C   OXT  sing N N 363 
VAL CB  CG1  sing N N 364 
VAL CB  CG2  sing N N 365 
VAL CB  HB   sing N N 366 
VAL CG1 HG11 sing N N 367 
VAL CG1 HG12 sing N N 368 
VAL CG1 HG13 sing N N 369 
VAL CG2 HG21 sing N N 370 
VAL CG2 HG22 sing N N 371 
VAL CG2 HG23 sing N N 372 
VAL OXT HXT  sing N N 373 
# 
loop_
_pdbx_nmr_spectrometer.spectrometer_id 
_pdbx_nmr_spectrometer.model 
_pdbx_nmr_spectrometer.manufacturer 
_pdbx_nmr_spectrometer.field_strength 
_pdbx_nmr_spectrometer.type 
1 AVANCE Bruker 900 ? 
2 AVANCE Bruker 600 ? 
3 AVANCE Bruker 500 ? 
# 
_atom_sites.entry_id                    2AFE 
_atom_sites.fract_transf_matrix[1][1]   1.000000 
_atom_sites.fract_transf_matrix[1][2]   0.000000 
_atom_sites.fract_transf_matrix[1][3]   0.000000 
_atom_sites.fract_transf_matrix[2][1]   0.000000 
_atom_sites.fract_transf_matrix[2][2]   1.000000 
_atom_sites.fract_transf_matrix[2][3]   0.000000 
_atom_sites.fract_transf_matrix[3][1]   0.000000 
_atom_sites.fract_transf_matrix[3][2]   0.000000 
_atom_sites.fract_transf_matrix[3][3]   1.000000 
_atom_sites.fract_transf_vector[1]      0.00000 
_atom_sites.fract_transf_vector[2]      0.00000 
_atom_sites.fract_transf_vector[3]      0.00000 
# 
loop_
_atom_type.symbol 
C 
H 
N 
O 
S 
# 
loop_
_atom_site.group_PDB 
_atom_site.id 
_atom_site.type_symbol 
_atom_site.label_atom_id 
_atom_site.label_alt_id 
_atom_site.label_comp_id 
_atom_site.label_asym_id 
_atom_site.label_entity_id 
_atom_site.label_seq_id 
_atom_site.pdbx_PDB_ins_code 
_atom_site.Cartn_x 
_atom_site.Cartn_y 
_atom_site.Cartn_z 
_atom_site.occupancy 
_atom_site.B_iso_or_equiv 
_atom_site.pdbx_formal_charge 
_atom_site.auth_seq_id 
_atom_site.auth_comp_id 
_atom_site.auth_asym_id 
_atom_site.auth_atom_id 
_atom_site.pdbx_PDB_model_num 
ATOM 1    N N    . GLY A 1 1  ? -13.329 -6.452  12.950  1.00 0.00 ? 1  GLY A N    1 
ATOM 2    C CA   . GLY A 1 1  ? -13.327 -5.166  13.648  1.00 0.00 ? 1  GLY A CA   1 
ATOM 3    C C    . GLY A 1 1  ? -12.041 -4.986  14.429  1.00 0.00 ? 1  GLY A C    1 
ATOM 4    O O    . GLY A 1 1  ? -11.253 -5.929  14.565  1.00 0.00 ? 1  GLY A O    1 
ATOM 5    H H1   . GLY A 1 1  ? -13.243 -7.254  13.540  1.00 0.00 ? 1  GLY A H1   1 
ATOM 6    H HA2  . GLY A 1 1  ? -13.422 -4.361  12.920  1.00 0.00 ? 1  GLY A HA2  1 
ATOM 7    H HA3  . GLY A 1 1  ? -14.168 -5.128  14.342  1.00 0.00 ? 1  GLY A HA3  1 
ATOM 8    N N    . SER A 1 2  ? -11.814 -3.775  14.943  1.00 0.00 ? 2  SER A N    1 
ATOM 9    C CA   . SER A 1 2  ? -10.563 -3.365  15.579  1.00 0.00 ? 2  SER A CA   1 
ATOM 10   C C    . SER A 1 2  ? -9.339  -3.810  14.761  1.00 0.00 ? 2  SER A C    1 
ATOM 11   O O    . SER A 1 2  ? -8.340  -4.268  15.329  1.00 0.00 ? 2  SER A O    1 
ATOM 12   C CB   . SER A 1 2  ? -10.514 -3.867  17.033  1.00 0.00 ? 2  SER A CB   1 
ATOM 13   O OG   . SER A 1 2  ? -11.723 -3.621  17.739  1.00 0.00 ? 2  SER A OG   1 
ATOM 14   H H    . SER A 1 2  ? -12.496 -3.054  14.747  1.00 0.00 ? 2  SER A H    1 
ATOM 15   H HA   . SER A 1 2  ? -10.547 -2.277  15.597  1.00 0.00 ? 2  SER A HA   1 
ATOM 16   H HB2  . SER A 1 2  ? -10.315 -4.939  17.031  1.00 0.00 ? 2  SER A HB2  1 
ATOM 17   H HB3  . SER A 1 2  ? -9.696  -3.369  17.552  1.00 0.00 ? 2  SER A HB3  1 
ATOM 18   H HG   . SER A 1 2  ? -11.847 -2.656  17.756  1.00 0.00 ? 2  SER A HG   1 
ATOM 19   N N    . HIS A 1 3  ? -9.429  -3.747  13.427  1.00 0.00 ? 3  HIS A N    1 
ATOM 20   C CA   . HIS A 1 3  ? -8.291  -3.999  12.561  1.00 0.00 ? 3  HIS A CA   1 
ATOM 21   C C    . HIS A 1 3  ? -7.284  -2.863  12.750  1.00 0.00 ? 3  HIS A C    1 
ATOM 22   O O    . HIS A 1 3  ? -7.667  -1.752  13.122  1.00 0.00 ? 3  HIS A O    1 
ATOM 23   C CB   . HIS A 1 3  ? -8.746  -4.160  11.098  1.00 0.00 ? 3  HIS A CB   1 
ATOM 24   C CG   . HIS A 1 3  ? -7.772  -4.961  10.265  1.00 0.00 ? 3  HIS A CG   1 
ATOM 25   N ND1  . HIS A 1 3  ? -7.249  -4.614  9.039   1.00 0.00 ? 3  HIS A ND1  1 
ATOM 26   C CD2  . HIS A 1 3  ? -7.273  -6.192  10.586  1.00 0.00 ? 3  HIS A CD2  1 
ATOM 27   C CE1  . HIS A 1 3  ? -6.412  -5.595  8.658   1.00 0.00 ? 3  HIS A CE1  1 
ATOM 28   N NE2  . HIS A 1 3  ? -6.392  -6.589  9.571   1.00 0.00 ? 3  HIS A NE2  1 
ATOM 29   H H    . HIS A 1 3  ? -10.251 -3.331  12.994  1.00 0.00 ? 3  HIS A H    1 
ATOM 30   H HA   . HIS A 1 3  ? -7.827  -4.929  12.886  1.00 0.00 ? 3  HIS A HA   1 
ATOM 31   H HB2  . HIS A 1 3  ? -9.699  -4.687  11.074  1.00 0.00 ? 3  HIS A HB2  1 
ATOM 32   H HB3  . HIS A 1 3  ? -8.894  -3.176  10.650  1.00 0.00 ? 3  HIS A HB3  1 
ATOM 33   H HD1  . HIS A 1 3  ? -7.549  -3.844  8.446   1.00 0.00 ? 3  HIS A HD1  1 
ATOM 34   H HD2  . HIS A 1 3  ? -7.531  -6.756  11.472  1.00 0.00 ? 3  HIS A HD2  1 
ATOM 35   H HE1  . HIS A 1 3  ? -5.861  -5.595  7.725   1.00 0.00 ? 3  HIS A HE1  1 
ATOM 36   N N    . MET A 1 4  ? -6.006  -3.191  12.554  1.00 0.00 ? 4  MET A N    1 
ATOM 37   C CA   . MET A 1 4  ? -4.786  -2.405  12.716  1.00 0.00 ? 4  MET A CA   1 
ATOM 38   C C    . MET A 1 4  ? -3.702  -3.438  12.989  1.00 0.00 ? 4  MET A C    1 
ATOM 39   O O    . MET A 1 4  ? -3.601  -3.914  14.119  1.00 0.00 ? 4  MET A O    1 
ATOM 40   C CB   . MET A 1 4  ? -4.810  -1.332  13.826  1.00 0.00 ? 4  MET A CB   1 
ATOM 41   C CG   . MET A 1 4  ? -5.183  0.067   13.315  1.00 0.00 ? 4  MET A CG   1 
ATOM 42   S SD   . MET A 1 4  ? -5.269  1.320   14.619  1.00 0.00 ? 4  MET A SD   1 
ATOM 43   C CE   . MET A 1 4  ? -3.514  1.609   14.969  1.00 0.00 ? 4  MET A CE   1 
ATOM 44   H H    . MET A 1 4  ? -5.828  -4.134  12.243  1.00 0.00 ? 4  MET A H    1 
ATOM 45   H HA   . MET A 1 4  ? -4.570  -1.915  11.773  1.00 0.00 ? 4  MET A HA   1 
ATOM 46   H HB2  . MET A 1 4  ? -5.477  -1.636  14.632  1.00 0.00 ? 4  MET A HB2  1 
ATOM 47   H HB3  . MET A 1 4  ? -3.807  -1.251  14.248  1.00 0.00 ? 4  MET A HB3  1 
ATOM 48   H HG2  . MET A 1 4  ? -4.460  0.389   12.569  1.00 0.00 ? 4  MET A HG2  1 
ATOM 49   H HG3  . MET A 1 4  ? -6.151  0.033   12.823  1.00 0.00 ? 4  MET A HG3  1 
ATOM 50   H HE1  . MET A 1 4  ? -3.017  1.967   14.067  1.00 0.00 ? 4  MET A HE1  1 
ATOM 51   H HE2  . MET A 1 4  ? -3.424  2.368   15.745  1.00 0.00 ? 4  MET A HE2  1 
ATOM 52   H HE3  . MET A 1 4  ? -3.044  0.687   15.312  1.00 0.00 ? 4  MET A HE3  1 
ATOM 53   N N    . LYS A 1 5  ? -2.974  -3.872  11.961  1.00 0.00 ? 5  LYS A N    1 
ATOM 54   C CA   . LYS A 1 5  ? -1.825  -4.788  11.990  1.00 0.00 ? 5  LYS A CA   1 
ATOM 55   C C    . LYS A 1 5  ? -1.672  -5.364  10.602  1.00 0.00 ? 5  LYS A C    1 
ATOM 56   O O    . LYS A 1 5  ? -2.656  -5.720  9.953   1.00 0.00 ? 5  LYS A O    1 
ATOM 57   C CB   . LYS A 1 5  ? -1.919  -5.966  12.988  1.00 0.00 ? 5  LYS A CB   1 
ATOM 58   C CG   . LYS A 1 5  ? -1.098  -5.710  14.263  1.00 0.00 ? 5  LYS A CG   1 
ATOM 59   C CD   . LYS A 1 5  ? -1.479  -6.651  15.414  1.00 0.00 ? 5  LYS A CD   1 
ATOM 60   C CE   . LYS A 1 5  ? -0.496  -6.472  16.580  1.00 0.00 ? 5  LYS A CE   1 
ATOM 61   N NZ   . LYS A 1 5  ? 0.614   -7.448  16.550  1.00 0.00 ? 5  LYS A NZ   1 
ATOM 62   H H    . LYS A 1 5  ? -3.156  -3.463  11.046  1.00 0.00 ? 5  LYS A H    1 
ATOM 63   H HA   . LYS A 1 5  ? -0.938  -4.197  12.219  1.00 0.00 ? 5  LYS A HA   1 
ATOM 64   H HB2  . LYS A 1 5  ? -2.961  -6.191  13.219  1.00 0.00 ? 5  LYS A HB2  1 
ATOM 65   H HB3  . LYS A 1 5  ? -1.491  -6.850  12.512  1.00 0.00 ? 5  LYS A HB3  1 
ATOM 66   H HG2  . LYS A 1 5  ? -0.047  -5.851  14.017  1.00 0.00 ? 5  LYS A HG2  1 
ATOM 67   H HG3  . LYS A 1 5  ? -1.232  -4.680  14.595  1.00 0.00 ? 5  LYS A HG3  1 
ATOM 68   H HD2  . LYS A 1 5  ? -2.475  -6.377  15.762  1.00 0.00 ? 5  LYS A HD2  1 
ATOM 69   H HD3  . LYS A 1 5  ? -1.499  -7.690  15.081  1.00 0.00 ? 5  LYS A HD3  1 
ATOM 70   H HE2  . LYS A 1 5  ? -0.101  -5.454  16.550  1.00 0.00 ? 5  LYS A HE2  1 
ATOM 71   H HE3  . LYS A 1 5  ? -1.028  -6.578  17.525  1.00 0.00 ? 5  LYS A HE3  1 
ATOM 72   H HZ1  . LYS A 1 5  ? 0.384   -8.284  17.081  1.00 0.00 ? 5  LYS A HZ1  1 
ATOM 73   H HZ2  . LYS A 1 5  ? 0.888   -7.700  15.607  1.00 0.00 ? 5  LYS A HZ2  1 
ATOM 74   H HZ3  . LYS A 1 5  ? 1.433   -7.061  17.007  1.00 0.00 ? 5  LYS A HZ3  1 
ATOM 75   N N    . THR A 1 6  ? -0.423  -5.508  10.196  1.00 0.00 ? 6  THR A N    1 
ATOM 76   C CA   . THR A 1 6  ? -0.022  -6.110  8.943   1.00 0.00 ? 6  THR A CA   1 
ATOM 77   C C    . THR A 1 6  ? -0.379  -7.607  8.943   1.00 0.00 ? 6  THR A C    1 
ATOM 78   O O    . THR A 1 6  ? -0.697  -8.171  9.995   1.00 0.00 ? 6  THR A O    1 
ATOM 79   C CB   . THR A 1 6  ? 1.475   -5.794  8.775   1.00 0.00 ? 6  THR A CB   1 
ATOM 80   O OG1  . THR A 1 6  ? 2.240   -6.224  9.889   1.00 0.00 ? 6  THR A OG1  1 
ATOM 81   C CG2  . THR A 1 6  ? 1.682   -4.274  8.685   1.00 0.00 ? 6  THR A CG2  1 
ATOM 82   H H    . THR A 1 6  ? 0.336   -5.254  10.804  1.00 0.00 ? 6  THR A H    1 
ATOM 83   H HA   . THR A 1 6  ? -0.574  -5.634  8.132   1.00 0.00 ? 6  THR A HA   1 
ATOM 84   H HB   . THR A 1 6  ? 1.852   -6.269  7.870   1.00 0.00 ? 6  THR A HB   1 
ATOM 85   H HG1  . THR A 1 6  ? 2.374   -7.195  9.766   1.00 0.00 ? 6  THR A HG1  1 
ATOM 86   H HG21 . THR A 1 6  ? 1.478   -3.797  9.647   1.00 0.00 ? 6  THR A HG21 1 
ATOM 87   H HG22 . THR A 1 6  ? 2.705   -4.053  8.386   1.00 0.00 ? 6  THR A HG22 1 
ATOM 88   H HG23 . THR A 1 6  ? 1.000   -3.844  7.950   1.00 0.00 ? 6  THR A HG23 1 
ATOM 89   N N    . ILE A 1 7  ? -0.316  -8.255  7.777   1.00 0.00 ? 7  ILE A N    1 
ATOM 90   C CA   . ILE A 1 7  ? -0.674  -9.655  7.587   1.00 0.00 ? 7  ILE A CA   1 
ATOM 91   C C    . ILE A 1 7  ? 0.488   -10.254 6.779   1.00 0.00 ? 7  ILE A C    1 
ATOM 92   O O    . ILE A 1 7  ? 1.635   -10.112 7.220   1.00 0.00 ? 7  ILE A O    1 
ATOM 93   C CB   . ILE A 1 7  ? -2.089  -9.795  6.959   1.00 0.00 ? 7  ILE A CB   1 
ATOM 94   C CG1  . ILE A 1 7  ? -3.154  -8.840  7.553   1.00 0.00 ? 7  ILE A CG1  1 
ATOM 95   C CG2  . ILE A 1 7  ? -2.582  -11.248 7.119   1.00 0.00 ? 7  ILE A CG2  1 
ATOM 96   C CD1  . ILE A 1 7  ? -4.426  -8.779  6.699   1.00 0.00 ? 7  ILE A CD1  1 
ATOM 97   H H    . ILE A 1 7  ? -0.010  -7.794  6.934   1.00 0.00 ? 7  ILE A H    1 
ATOM 98   H HA   . ILE A 1 7  ? -0.688  -10.150 8.558   1.00 0.00 ? 7  ILE A HA   1 
ATOM 99   H HB   . ILE A 1 7  ? -2.007  -9.553  5.907   1.00 0.00 ? 7  ILE A HB   1 
ATOM 100  H HG12 . ILE A 1 7  ? -3.397  -9.154  8.569   1.00 0.00 ? 7  ILE A HG12 1 
ATOM 101  H HG13 . ILE A 1 7  ? -2.779  -7.820  7.589   1.00 0.00 ? 7  ILE A HG13 1 
ATOM 102  H HG21 . ILE A 1 7  ? -2.860  -11.446 8.151   1.00 0.00 ? 7  ILE A HG21 1 
ATOM 103  H HG22 . ILE A 1 7  ? -3.449  -11.419 6.483   1.00 0.00 ? 7  ILE A HG22 1 
ATOM 104  H HG23 . ILE A 1 7  ? -1.821  -11.961 6.811   1.00 0.00 ? 7  ILE A HG23 1 
ATOM 105  H HD11 . ILE A 1 7  ? -4.175  -8.492  5.675   1.00 0.00 ? 7  ILE A HD11 1 
ATOM 106  H HD12 . ILE A 1 7  ? -4.916  -9.749  6.691   1.00 0.00 ? 7  ILE A HD12 1 
ATOM 107  H HD13 . ILE A 1 7  ? -5.109  -8.044  7.121   1.00 0.00 ? 7  ILE A HD13 1 
ATOM 108  N N    . GLN A 1 8  ? 0.259   -10.882 5.625   1.00 0.00 ? 8  GLN A N    1 
ATOM 109  C CA   . GLN A 1 8  ? 1.274   -11.439 4.738   1.00 0.00 ? 8  GLN A CA   1 
ATOM 110  C C    . GLN A 1 8  ? 0.646   -11.623 3.358   1.00 0.00 ? 8  GLN A C    1 
ATOM 111  O O    . GLN A 1 8  ? -0.445  -12.177 3.269   1.00 0.00 ? 8  GLN A O    1 
ATOM 112  C CB   . GLN A 1 8  ? 1.835   -12.765 5.273   1.00 0.00 ? 8  GLN A CB   1 
ATOM 113  C CG   . GLN A 1 8  ? 1.087   -13.528 6.383   1.00 0.00 ? 8  GLN A CG   1 
ATOM 114  C CD   . GLN A 1 8  ? -0.084  -14.451 6.026   1.00 0.00 ? 8  GLN A CD   1 
ATOM 115  O OE1  . GLN A 1 8  ? -0.206  -15.506 6.643   1.00 0.00 ? 8  GLN A OE1  1 
ATOM 116  N NE2  . GLN A 1 8  ? -0.997  -14.121 5.133   1.00 0.00 ? 8  GLN A NE2  1 
ATOM 117  H H    . GLN A 1 8  ? -0.676  -10.883 5.220   1.00 0.00 ? 8  GLN A H    1 
ATOM 118  H HA   . GLN A 1 8  ? 2.112   -10.735 4.647   1.00 0.00 ? 8  GLN A HA   1 
ATOM 119  H HB2  . GLN A 1 8  ? 2.068   -13.443 4.450   1.00 0.00 ? 8  GLN A HB2  1 
ATOM 120  H HB3  . GLN A 1 8  ? 2.776   -12.466 5.727   1.00 0.00 ? 8  GLN A HB3  1 
ATOM 121  H HG2  . GLN A 1 8  ? 1.847   -14.163 6.828   1.00 0.00 ? 8  GLN A HG2  1 
ATOM 122  H HG3  . GLN A 1 8  ? 0.775   -12.850 7.172   1.00 0.00 ? 8  GLN A HG3  1 
ATOM 123  H HE21 . GLN A 1 8  ? -0.948  -13.271 4.571   1.00 0.00 ? 8  GLN A HE21 1 
ATOM 124  H HE22 . GLN A 1 8  ? -1.768  -14.757 4.951   1.00 0.00 ? 8  GLN A HE22 1 
ATOM 125  N N    . PRO A 1 9  ? 1.337   -11.215 2.288   1.00 0.00 ? 9  PRO A N    1 
ATOM 126  C CA   . PRO A 1 9  ? 0.791   -11.104 0.948   1.00 0.00 ? 9  PRO A CA   1 
ATOM 127  C C    . PRO A 1 9  ? 0.464   -12.512 0.417   1.00 0.00 ? 9  PRO A C    1 
ATOM 128  O O    . PRO A 1 9  ? 1.330   -13.206 -0.124  1.00 0.00 ? 9  PRO A O    1 
ATOM 129  C CB   . PRO A 1 9  ? 1.875   -10.379 0.158   1.00 0.00 ? 9  PRO A CB   1 
ATOM 130  C CG   . PRO A 1 9  ? 3.175   -10.800 0.851   1.00 0.00 ? 9  PRO A CG   1 
ATOM 131  C CD   . PRO A 1 9  ? 2.765   -10.982 2.300   1.00 0.00 ? 9  PRO A CD   1 
ATOM 132  H HA   . PRO A 1 9  ? -0.089  -10.452 0.934   1.00 0.00 ? 9  PRO A HA   1 
ATOM 133  H HB2  . PRO A 1 9  ? 1.827   -10.645 -0.896  1.00 0.00 ? 9  PRO A HB2  1 
ATOM 134  H HB3  . PRO A 1 9  ? 1.749   -9.303  0.279   1.00 0.00 ? 9  PRO A HB3  1 
ATOM 135  H HG2  . PRO A 1 9  ? 3.541   -11.741 0.443   1.00 0.00 ? 9  PRO A HG2  1 
ATOM 136  H HG3  . PRO A 1 9  ? 3.932   -10.022 0.801   1.00 0.00 ? 9  PRO A HG3  1 
ATOM 137  H HD2  . PRO A 1 9  ? 3.270   -11.839 2.757   1.00 0.00 ? 9  PRO A HD2  1 
ATOM 138  H HD3  . PRO A 1 9  ? 2.990   -10.065 2.844   1.00 0.00 ? 9  PRO A HD3  1 
ATOM 139  N N    . ALA A 1 10 ? -0.781  -12.954 0.602   1.00 0.00 ? 10 ALA A N    1 
ATOM 140  C CA   . ALA A 1 10 ? -1.239  -14.285 0.209   1.00 0.00 ? 10 ALA A CA   1 
ATOM 141  C C    . ALA A 1 10 ? -2.220  -14.244 -0.956  1.00 0.00 ? 10 ALA A C    1 
ATOM 142  O O    . ALA A 1 10 ? -2.577  -15.280 -1.507  1.00 0.00 ? 10 ALA A O    1 
ATOM 143  C CB   . ALA A 1 10 ? -1.893  -14.975 1.408   1.00 0.00 ? 10 ALA A CB   1 
ATOM 144  H H    . ALA A 1 10 ? -1.379  -12.399 1.202   1.00 0.00 ? 10 ALA A H    1 
ATOM 145  H HA   . ALA A 1 10 ? -0.384  -14.865 -0.126  1.00 0.00 ? 10 ALA A HA   1 
ATOM 146  H HB1  . ALA A 1 10 ? -1.188  -15.023 2.239   1.00 0.00 ? 10 ALA A HB1  1 
ATOM 147  H HB2  . ALA A 1 10 ? -2.785  -14.419 1.703   1.00 0.00 ? 10 ALA A HB2  1 
ATOM 148  H HB3  . ALA A 1 10 ? -2.185  -15.987 1.122   1.00 0.00 ? 10 ALA A HB3  1 
ATOM 149  N N    . SER A 1 11 ? -2.695  -13.058 -1.303  1.00 0.00 ? 11 SER A N    1 
ATOM 150  C CA   . SER A 1 11 ? -3.394  -12.737 -2.531  1.00 0.00 ? 11 SER A CA   1 
ATOM 151  C C    . SER A 1 11 ? -3.464  -11.219 -2.578  1.00 0.00 ? 11 SER A C    1 
ATOM 152  O O    . SER A 1 11 ? -3.142  -10.552 -1.587  1.00 0.00 ? 11 SER A O    1 
ATOM 153  C CB   . SER A 1 11 ? -4.762  -13.431 -2.600  1.00 0.00 ? 11 SER A CB   1 
ATOM 154  O OG   . SER A 1 11 ? -5.626  -13.109 -1.525  1.00 0.00 ? 11 SER A OG   1 
ATOM 155  H H    . SER A 1 11 ? -2.332  -12.242 -0.823  1.00 0.00 ? 11 SER A H    1 
ATOM 156  H HA   . SER A 1 11 ? -2.799  -13.058 -3.386  1.00 0.00 ? 11 SER A HA   1 
ATOM 157  H HB2  . SER A 1 11 ? -5.247  -13.133 -3.522  1.00 0.00 ? 11 SER A HB2  1 
ATOM 158  H HB3  . SER A 1 11 ? -4.625  -14.510 -2.647  1.00 0.00 ? 11 SER A HB3  1 
ATOM 159  H HG   . SER A 1 11 ? -5.248  -13.372 -0.663  1.00 0.00 ? 11 SER A HG   1 
ATOM 160  N N    . VAL A 1 12 ? -3.881  -10.655 -3.708  1.00 0.00 ? 12 VAL A N    1 
ATOM 161  C CA   . VAL A 1 12 ? -4.058  -9.215  -3.862  1.00 0.00 ? 12 VAL A CA   1 
ATOM 162  C C    . VAL A 1 12 ? -4.988  -8.658  -2.765  1.00 0.00 ? 12 VAL A C    1 
ATOM 163  O O    . VAL A 1 12 ? -4.809  -7.518  -2.349  1.00 0.00 ? 12 VAL A O    1 
ATOM 164  C CB   . VAL A 1 12 ? -4.655  -8.976  -5.265  1.00 0.00 ? 12 VAL A CB   1 
ATOM 165  C CG1  . VAL A 1 12 ? -5.283  -7.592  -5.474  1.00 0.00 ? 12 VAL A CG1  1 
ATOM 166  C CG2  . VAL A 1 12 ? -3.636  -9.133  -6.385  1.00 0.00 ? 12 VAL A CG2  1 
ATOM 167  H H    . VAL A 1 12 ? -4.103  -11.249 -4.500  1.00 0.00 ? 12 VAL A H    1 
ATOM 168  H HA   . VAL A 1 12 ? -3.068  -8.744  -3.766  1.00 0.00 ? 12 VAL A HA   1 
ATOM 169  H HB   . VAL A 1 12 ? -5.406  -9.750  -5.402  1.00 0.00 ? 12 VAL A HB   1 
ATOM 170  H HG11 . VAL A 1 12 ? -6.162  -7.506  -4.849  1.00 0.00 ? 12 VAL A HG11 1 
ATOM 171  H HG12 . VAL A 1 12 ? -4.569  -6.812  -5.216  1.00 0.00 ? 12 VAL A HG12 1 
ATOM 172  H HG13 . VAL A 1 12 ? -5.608  -7.470  -6.508  1.00 0.00 ? 12 VAL A HG13 1 
ATOM 173  H HG21 . VAL A 1 12 ? -3.236  -10.145 -6.376  1.00 0.00 ? 12 VAL A HG21 1 
ATOM 174  H HG22 . VAL A 1 12 ? -4.121  -8.951  -7.349  1.00 0.00 ? 12 VAL A HG22 1 
ATOM 175  H HG23 . VAL A 1 12 ? -2.849  -8.394  -6.248  1.00 0.00 ? 12 VAL A HG23 1 
ATOM 176  N N    . GLU A 1 13 ? -5.959  -9.436  -2.275  1.00 0.00 ? 13 GLU A N    1 
ATOM 177  C CA   . GLU A 1 13 ? -6.844  -9.101  -1.158  1.00 0.00 ? 13 GLU A CA   1 
ATOM 178  C C    . GLU A 1 13 ? -6.047  -8.689  0.079   1.00 0.00 ? 13 GLU A C    1 
ATOM 179  O O    . GLU A 1 13 ? -6.418  -7.752  0.786   1.00 0.00 ? 13 GLU A O    1 
ATOM 180  C CB   . GLU A 1 13 ? -7.684  -10.348 -0.831  1.00 0.00 ? 13 GLU A CB   1 
ATOM 181  C CG   . GLU A 1 13 ? -9.077  -10.311 -1.453  1.00 0.00 ? 13 GLU A CG   1 
ATOM 182  C CD   . GLU A 1 13 ? -10.007 -9.400  -0.659  1.00 0.00 ? 13 GLU A CD   1 
ATOM 183  O OE1  . GLU A 1 13 ? -10.442 -9.802  0.446   1.00 0.00 ? 13 GLU A OE1  1 
ATOM 184  O OE2  . GLU A 1 13 ? -10.331 -8.295  -1.154  1.00 0.00 ? 13 GLU A OE2  1 
ATOM 185  H H    . GLU A 1 13 ? -6.051  -10.376 -2.627  1.00 0.00 ? 13 GLU A H    1 
ATOM 186  H HA   . GLU A 1 13 ? -7.503  -8.277  -1.430  1.00 0.00 ? 13 GLU A HA   1 
ATOM 187  H HB2  . GLU A 1 13 ? -7.178  -11.235 -1.198  1.00 0.00 ? 13 GLU A HB2  1 
ATOM 188  H HB3  . GLU A 1 13 ? -7.774  -10.464 0.248   1.00 0.00 ? 13 GLU A HB3  1 
ATOM 189  H HG2  . GLU A 1 13 ? -9.004  -9.973  -2.489  1.00 0.00 ? 13 GLU A HG2  1 
ATOM 190  H HG3  . GLU A 1 13 ? -9.488  -11.320 -1.446  1.00 0.00 ? 13 GLU A HG3  1 
ATOM 191  N N    . ASP A 1 14 ? -4.954  -9.401  0.339   1.00 0.00 ? 14 ASP A N    1 
ATOM 192  C CA   . ASP A 1 14 ? -4.116  -9.171  1.499   1.00 0.00 ? 14 ASP A CA   1 
ATOM 193  C C    . ASP A 1 14 ? -3.296  -7.903  1.294   1.00 0.00 ? 14 ASP A C    1 
ATOM 194  O O    . ASP A 1 14 ? -3.325  -6.998  2.126   1.00 0.00 ? 14 ASP A O    1 
ATOM 195  C CB   . ASP A 1 14 ? -3.215  -10.383 1.731   1.00 0.00 ? 14 ASP A CB   1 
ATOM 196  C CG   . ASP A 1 14 ? -2.764  -10.377 3.180   1.00 0.00 ? 14 ASP A CG   1 
ATOM 197  O OD1  . ASP A 1 14 ? -1.772  -9.694  3.487   1.00 0.00 ? 14 ASP A OD1  1 
ATOM 198  O OD2  . ASP A 1 14 ? -3.432  -11.077 3.974   1.00 0.00 ? 14 ASP A OD2  1 
ATOM 199  H H    . ASP A 1 14 ? -4.636  -10.077 -0.345  1.00 0.00 ? 14 ASP A H    1 
ATOM 200  H HA   . ASP A 1 14 ? -4.754  -9.037  2.375   1.00 0.00 ? 14 ASP A HA   1 
ATOM 201  H HB2  . ASP A 1 14 ? -3.773  -11.300 1.538   1.00 0.00 ? 14 ASP A HB2  1 
ATOM 202  H HB3  . ASP A 1 14 ? -2.352  -10.362 1.063   1.00 0.00 ? 14 ASP A HB3  1 
ATOM 203  N N    . ILE A 1 15 ? -2.632  -7.798  0.133   1.00 0.00 ? 15 ILE A N    1 
ATOM 204  C CA   . ILE A 1 15 ? -1.828  -6.631  -0.218  1.00 0.00 ? 15 ILE A CA   1 
ATOM 205  C C    . ILE A 1 15 ? -2.707  -5.357  -0.167  1.00 0.00 ? 15 ILE A C    1 
ATOM 206  O O    . ILE A 1 15 ? -2.244  -4.330  0.328   1.00 0.00 ? 15 ILE A O    1 
ATOM 207  C CB   . ILE A 1 15 ? -1.070  -6.790  -1.569  1.00 0.00 ? 15 ILE A CB   1 
ATOM 208  C CG1  . ILE A 1 15 ? -0.728  -8.243  -1.957  1.00 0.00 ? 15 ILE A CG1  1 
ATOM 209  C CG2  . ILE A 1 15 ? 0.265   -6.024  -1.520  1.00 0.00 ? 15 ILE A CG2  1 
ATOM 210  C CD1  . ILE A 1 15 ? 0.098   -8.362  -3.245  1.00 0.00 ? 15 ILE A CD1  1 
ATOM 211  H H    . ILE A 1 15 ? -2.709  -8.577  -0.508  1.00 0.00 ? 15 ILE A H    1 
ATOM 212  H HA   . ILE A 1 15 ? -1.069  -6.563  0.562   1.00 0.00 ? 15 ILE A HA   1 
ATOM 213  H HB   . ILE A 1 15 ? -1.691  -6.378  -2.361  1.00 0.00 ? 15 ILE A HB   1 
ATOM 214  H HG12 . ILE A 1 15 ? -0.199  -8.733  -1.140  1.00 0.00 ? 15 ILE A HG12 1 
ATOM 215  H HG13 . ILE A 1 15 ? -1.658  -8.767  -2.120  1.00 0.00 ? 15 ILE A HG13 1 
ATOM 216  H HG21 . ILE A 1 15 ? 0.979   -6.627  -0.950  1.00 0.00 ? 15 ILE A HG21 1 
ATOM 217  H HG22 . ILE A 1 15 ? 0.657   -5.870  -2.530  1.00 0.00 ? 15 ILE A HG22 1 
ATOM 218  H HG23 . ILE A 1 15 ? 0.132   -5.053  -1.046  1.00 0.00 ? 15 ILE A HG23 1 
ATOM 219  H HD11 . ILE A 1 15 ? 0.048   -9.376  -3.623  1.00 0.00 ? 15 ILE A HD11 1 
ATOM 220  H HD12 . ILE A 1 15 ? -0.316  -7.700  -4.000  1.00 0.00 ? 15 ILE A HD12 1 
ATOM 221  H HD13 . ILE A 1 15 ? 1.144   -8.109  -3.056  1.00 0.00 ? 15 ILE A HD13 1 
ATOM 222  N N    . GLN A 1 16 ? -3.968  -5.413  -0.633  1.00 0.00 ? 16 GLN A N    1 
ATOM 223  C CA   . GLN A 1 16 ? -4.974  -4.351  -0.496  1.00 0.00 ? 16 GLN A CA   1 
ATOM 224  C C    . GLN A 1 16 ? -5.137  -3.998  0.969   1.00 0.00 ? 16 GLN A C    1 
ATOM 225  O O    . GLN A 1 16 ? -4.817  -2.866  1.317   1.00 0.00 ? 16 GLN A O    1 
ATOM 226  C CB   . GLN A 1 16 ? -6.322  -4.736  -1.139  1.00 0.00 ? 16 GLN A CB   1 
ATOM 227  C CG   . GLN A 1 16 ? -6.276  -4.606  -2.667  1.00 0.00 ? 16 GLN A CG   1 
ATOM 228  C CD   . GLN A 1 16 ? -7.570  -5.004  -3.357  1.00 0.00 ? 16 GLN A CD   1 
ATOM 229  O OE1  . GLN A 1 16 ? -8.288  -4.174  -3.904  1.00 0.00 ? 16 GLN A OE1  1 
ATOM 230  N NE2  . GLN A 1 16 ? -7.823  -6.296  -3.426  1.00 0.00 ? 16 GLN A NE2  1 
ATOM 231  H H    . GLN A 1 16 ? -4.290  -6.294  -1.019  1.00 0.00 ? 16 GLN A H    1 
ATOM 232  H HA   . GLN A 1 16 ? -4.642  -3.420  -0.966  1.00 0.00 ? 16 GLN A HA   1 
ATOM 233  H HB2  . GLN A 1 16 ? -6.595  -5.753  -0.862  1.00 0.00 ? 16 GLN A HB2  1 
ATOM 234  H HB3  . GLN A 1 16 ? -7.098  -4.064  -0.768  1.00 0.00 ? 16 GLN A HB3  1 
ATOM 235  H HG2  . GLN A 1 16 ? -6.037  -3.581  -2.940  1.00 0.00 ? 16 GLN A HG2  1 
ATOM 236  H HG3  . GLN A 1 16 ? -5.498  -5.250  -3.060  1.00 0.00 ? 16 GLN A HG3  1 
ATOM 237  H HE21 . GLN A 1 16 ? -7.196  -6.946  -2.985  1.00 0.00 ? 16 GLN A HE21 1 
ATOM 238  H HE22 . GLN A 1 16 ? -8.578  -6.639  -4.010  1.00 0.00 ? 16 GLN A HE22 1 
ATOM 239  N N    . SER A 1 17 ? -5.601  -4.908  1.827   1.00 0.00 ? 17 SER A N    1 
ATOM 240  C CA   . SER A 1 17 ? -5.849  -4.540  3.216   1.00 0.00 ? 17 SER A CA   1 
ATOM 241  C C    . SER A 1 17 ? -4.601  -4.036  3.936   1.00 0.00 ? 17 SER A C    1 
ATOM 242  O O    . SER A 1 17 ? -4.724  -3.171  4.799   1.00 0.00 ? 17 SER A O    1 
ATOM 243  C CB   . SER A 1 17 ? -6.467  -5.708  3.979   1.00 0.00 ? 17 SER A CB   1 
ATOM 244  O OG   . SER A 1 17 ? -7.664  -6.165  3.370   1.00 0.00 ? 17 SER A OG   1 
ATOM 245  H H    . SER A 1 17 ? -5.838  -5.851  1.525   1.00 0.00 ? 17 SER A H    1 
ATOM 246  H HA   . SER A 1 17 ? -6.529  -3.695  3.208   1.00 0.00 ? 17 SER A HA   1 
ATOM 247  H HB2  . SER A 1 17 ? -5.751  -6.528  4.027   1.00 0.00 ? 17 SER A HB2  1 
ATOM 248  H HB3  . SER A 1 17 ? -6.681  -5.377  4.996   1.00 0.00 ? 17 SER A HB3  1 
ATOM 249  H HG   . SER A 1 17 ? -8.060  -5.427  2.856   1.00 0.00 ? 17 SER A HG   1 
ATOM 250  N N    . TRP A 1 18 ? -3.422  -4.509  3.545   1.00 0.00 ? 18 TRP A N    1 
ATOM 251  C CA   . TRP A 1 18 ? -2.161  -4.063  4.111   1.00 0.00 ? 18 TRP A CA   1 
ATOM 252  C C    . TRP A 1 18 ? -1.929  -2.616  3.748   1.00 0.00 ? 18 TRP A C    1 
ATOM 253  O O    . TRP A 1 18 ? -1.683  -1.789  4.622   1.00 0.00 ? 18 TRP A O    1 
ATOM 254  C CB   . TRP A 1 18 ? -1.004  -4.901  3.579   1.00 0.00 ? 18 TRP A CB   1 
ATOM 255  C CG   . TRP A 1 18 ? 0.325   -4.604  4.210   1.00 0.00 ? 18 TRP A CG   1 
ATOM 256  C CD1  . TRP A 1 18 ? 0.823   -5.179  5.323   1.00 0.00 ? 18 TRP A CD1  1 
ATOM 257  C CD2  . TRP A 1 18 ? 1.345   -3.661  3.773   1.00 0.00 ? 18 TRP A CD2  1 
ATOM 258  N NE1  . TRP A 1 18 ? 2.082   -4.669  5.590   1.00 0.00 ? 18 TRP A NE1  1 
ATOM 259  C CE2  . TRP A 1 18 ? 2.446   -3.710  4.675   1.00 0.00 ? 18 TRP A CE2  1 
ATOM 260  C CE3  . TRP A 1 18 ? 1.446   -2.762  2.698   1.00 0.00 ? 18 TRP A CE3  1 
ATOM 261  C CZ2  . TRP A 1 18 ? 3.579   -2.894  4.524   1.00 0.00 ? 18 TRP A CZ2  1 
ATOM 262  C CZ3  . TRP A 1 18 ? 2.574   -1.940  2.533   1.00 0.00 ? 18 TRP A CZ3  1 
ATOM 263  C CH2  . TRP A 1 18 ? 3.632   -1.991  3.450   1.00 0.00 ? 18 TRP A CH2  1 
ATOM 264  H H    . TRP A 1 18 ? -3.425  -5.198  2.803   1.00 0.00 ? 18 TRP A H    1 
ATOM 265  H HA   . TRP A 1 18 ? -2.205  -4.151  5.194   1.00 0.00 ? 18 TRP A HA   1 
ATOM 266  H HB2  . TRP A 1 18 ? -1.267  -5.940  3.708   1.00 0.00 ? 18 TRP A HB2  1 
ATOM 267  H HB3  . TRP A 1 18 ? -0.904  -4.752  2.506   1.00 0.00 ? 18 TRP A HB3  1 
ATOM 268  H HD1  . TRP A 1 18 ? 0.303   -5.947  5.873   1.00 0.00 ? 18 TRP A HD1  1 
ATOM 269  H HE1  . TRP A 1 18 ? 2.671   -4.983  6.348   1.00 0.00 ? 18 TRP A HE1  1 
ATOM 270  H HE3  . TRP A 1 18 ? 0.633   -2.747  1.996   1.00 0.00 ? 18 TRP A HE3  1 
ATOM 271  H HZ2  . TRP A 1 18 ? 4.391   -2.936  5.234   1.00 0.00 ? 18 TRP A HZ2  1 
ATOM 272  H HZ3  . TRP A 1 18 ? 2.642   -1.289  1.676   1.00 0.00 ? 18 TRP A HZ3  1 
ATOM 273  H HH2  . TRP A 1 18 ? 4.491   -1.356  3.302   1.00 0.00 ? 18 TRP A HH2  1 
ATOM 274  N N    . LEU A 1 19 ? -1.998  -2.314  2.448   1.00 0.00 ? 19 LEU A N    1 
ATOM 275  C CA   . LEU A 1 19 ? -1.830  -0.965  1.946   1.00 0.00 ? 19 LEU A CA   1 
ATOM 276  C C    . LEU A 1 19 ? -2.835  -0.063  2.635   1.00 0.00 ? 19 LEU A C    1 
ATOM 277  O O    . LEU A 1 19 ? -2.447  0.988   3.136   1.00 0.00 ? 19 LEU A O    1 
ATOM 278  C CB   . LEU A 1 19 ? -1.997  -0.909  0.420   1.00 0.00 ? 19 LEU A CB   1 
ATOM 279  C CG   . LEU A 1 19 ? -0.780  -1.454  -0.346  1.00 0.00 ? 19 LEU A CG   1 
ATOM 280  C CD1  . LEU A 1 19 ? -1.173  -1.987  -1.717  1.00 0.00 ? 19 LEU A CD1  1 
ATOM 281  C CD2  . LEU A 1 19 ? 0.282   -0.370  -0.536  1.00 0.00 ? 19 LEU A CD2  1 
ATOM 282  H H    . LEU A 1 19 ? -2.271  -3.049  1.802   1.00 0.00 ? 19 LEU A H    1 
ATOM 283  H HA   . LEU A 1 19 ? -0.841  -0.618  2.217   1.00 0.00 ? 19 LEU A HA   1 
ATOM 284  H HB2  . LEU A 1 19 ? -2.905  -1.442  0.129   1.00 0.00 ? 19 LEU A HB2  1 
ATOM 285  H HB3  . LEU A 1 19 ? -2.132  0.134   0.144   1.00 0.00 ? 19 LEU A HB3  1 
ATOM 286  H HG   . LEU A 1 19 ? -0.348  -2.290  0.198   1.00 0.00 ? 19 LEU A HG   1 
ATOM 287  H HD11 . LEU A 1 19 ? -1.815  -2.845  -1.544  1.00 0.00 ? 19 LEU A HD11 1 
ATOM 288  H HD12 . LEU A 1 19 ? -1.712  -1.229  -2.284  1.00 0.00 ? 19 LEU A HD12 1 
ATOM 289  H HD13 . LEU A 1 19 ? -0.291  -2.329  -2.258  1.00 0.00 ? 19 LEU A HD13 1 
ATOM 290  H HD21 . LEU A 1 19 ? -0.153  0.502   -1.024  1.00 0.00 ? 19 LEU A HD21 1 
ATOM 291  H HD22 . LEU A 1 19 ? 0.666   -0.059  0.428   1.00 0.00 ? 19 LEU A HD22 1 
ATOM 292  H HD23 . LEU A 1 19 ? 1.105   -0.759  -1.129  1.00 0.00 ? 19 LEU A HD23 1 
ATOM 293  N N    . ILE A 1 20 ? -4.086  -0.504  2.691   1.00 0.00 ? 20 ILE A N    1 
ATOM 294  C CA   . ILE A 1 20 ? -5.198  0.265   3.206   1.00 0.00 ? 20 ILE A CA   1 
ATOM 295  C C    . ILE A 1 20 ? -4.966  0.604   4.682   1.00 0.00 ? 20 ILE A C    1 
ATOM 296  O O    . ILE A 1 20 ? -5.087  1.753   5.088   1.00 0.00 ? 20 ILE A O    1 
ATOM 297  C CB   . ILE A 1 20 ? -6.499  -0.538  3.017   1.00 0.00 ? 20 ILE A CB   1 
ATOM 298  C CG1  . ILE A 1 20 ? -6.941  -0.556  1.556   1.00 0.00 ? 20 ILE A CG1  1 
ATOM 299  C CG2  . ILE A 1 20 ? -7.630  -0.006  3.885   1.00 0.00 ? 20 ILE A CG2  1 
ATOM 300  C CD1  . ILE A 1 20 ? -7.493  0.772   1.057   1.00 0.00 ? 20 ILE A CD1  1 
ATOM 301  H H    . ILE A 1 20 ? -4.269  -1.443  2.348   1.00 0.00 ? 20 ILE A H    1 
ATOM 302  H HA   . ILE A 1 20 ? -5.244  1.174   2.602   1.00 0.00 ? 20 ILE A HA   1 
ATOM 303  H HB   . ILE A 1 20 ? -6.319  -1.565  3.324   1.00 0.00 ? 20 ILE A HB   1 
ATOM 304  H HG12 . ILE A 1 20 ? -6.092  -0.811  0.930   1.00 0.00 ? 20 ILE A HG12 1 
ATOM 305  H HG13 . ILE A 1 20 ? -7.701  -1.322  1.431   1.00 0.00 ? 20 ILE A HG13 1 
ATOM 306  H HG21 . ILE A 1 20 ? -8.597  -0.407  3.575   1.00 0.00 ? 20 ILE A HG21 1 
ATOM 307  H HG22 . ILE A 1 20 ? -7.436  -0.315  4.902   1.00 0.00 ? 20 ILE A HG22 1 
ATOM 308  H HG23 . ILE A 1 20 ? -7.642  1.087   3.838   1.00 0.00 ? 20 ILE A HG23 1 
ATOM 309  H HD11 . ILE A 1 20 ? -6.849  1.599   1.337   1.00 0.00 ? 20 ILE A HD11 1 
ATOM 310  H HD12 . ILE A 1 20 ? -7.524  0.692   -0.015  1.00 0.00 ? 20 ILE A HD12 1 
ATOM 311  H HD13 . ILE A 1 20 ? -8.484  0.983   1.453   1.00 0.00 ? 20 ILE A HD13 1 
ATOM 312  N N    . ASP A 1 21 ? -4.670  -0.389  5.512   1.00 0.00 ? 21 ASP A N    1 
ATOM 313  C CA   . ASP A 1 21 ? -4.517  -0.188  6.948   1.00 0.00 ? 21 ASP A CA   1 
ATOM 314  C C    . ASP A 1 21 ? -3.273  0.637   7.215   1.00 0.00 ? 21 ASP A C    1 
ATOM 315  O O    . ASP A 1 21 ? -3.314  1.576   7.999   1.00 0.00 ? 21 ASP A O    1 
ATOM 316  C CB   . ASP A 1 21 ? -4.343  -1.579  7.604   1.00 0.00 ? 21 ASP A CB   1 
ATOM 317  C CG   . ASP A 1 21 ? -3.630  -1.607  8.964   1.00 0.00 ? 21 ASP A CG   1 
ATOM 318  O OD1  . ASP A 1 21 ? -3.898  -0.773  9.850   1.00 0.00 ? 21 ASP A OD1  1 
ATOM 319  O OD2  . ASP A 1 21 ? -2.777  -2.509  9.172   1.00 0.00 ? 21 ASP A OD2  1 
ATOM 320  H H    . ASP A 1 21 ? -4.613  -1.339  5.155   1.00 0.00 ? 21 ASP A H    1 
ATOM 321  H HA   . ASP A 1 21 ? -5.387  0.412   7.289   1.00 0.00 ? 21 ASP A HA   1 
ATOM 322  H HB2  . ASP A 1 21 ? -5.292  -2.108  7.650   1.00 0.00 ? 21 ASP A HB2  1 
ATOM 323  H HB3  . ASP A 1 21 ? -3.706  -2.162  6.942   1.00 0.00 ? 21 ASP A HB3  1 
ATOM 324  N N    . GLN A 1 22 ? -2.171  0.354   6.518   1.00 0.00 ? 22 GLN A N    1 
ATOM 325  C CA   . GLN A 1 22 ? -0.980  1.183   6.583   1.00 0.00 ? 22 GLN A CA   1 
ATOM 326  C C    . GLN A 1 22 ? -1.250  2.618   6.089   1.00 0.00 ? 22 GLN A C    1 
ATOM 327  O O    . GLN A 1 22 ? -0.459  3.509   6.413   1.00 0.00 ? 22 GLN A O    1 
ATOM 328  C CB   . GLN A 1 22 ? 0.109   0.559   5.708   1.00 0.00 ? 22 GLN A CB   1 
ATOM 329  C CG   . GLN A 1 22 ? 0.795   -0.720  6.222   1.00 0.00 ? 22 GLN A CG   1 
ATOM 330  C CD   . GLN A 1 22 ? 2.076   -0.457  7.016   1.00 0.00 ? 22 GLN A CD   1 
ATOM 331  O OE1  . GLN A 1 22 ? 3.197   -0.585  6.530   1.00 0.00 ? 22 GLN A OE1  1 
ATOM 332  N NE2  . GLN A 1 22 ? 1.965   -0.090  8.274   1.00 0.00 ? 22 GLN A NE2  1 
ATOM 333  H H    . GLN A 1 22 ? -2.197  -0.423  5.862   1.00 0.00 ? 22 GLN A H    1 
ATOM 334  H HA   . GLN A 1 22 ? -0.659  1.236   7.631   1.00 0.00 ? 22 GLN A HA   1 
ATOM 335  H HB2  . GLN A 1 22 ? -0.352  0.336   4.752   1.00 0.00 ? 22 GLN A HB2  1 
ATOM 336  H HB3  . GLN A 1 22 ? 0.857   1.315   5.516   1.00 0.00 ? 22 GLN A HB3  1 
ATOM 337  H HG2  . GLN A 1 22 ? 0.097   -1.301  6.823   1.00 0.00 ? 22 GLN A HG2  1 
ATOM 338  H HG3  . GLN A 1 22 ? 1.062   -1.322  5.355   1.00 0.00 ? 22 GLN A HG3  1 
ATOM 339  H HE21 . GLN A 1 22 ? 1.062   -0.014  8.707   1.00 0.00 ? 22 GLN A HE21 1 
ATOM 340  H HE22 . GLN A 1 22 ? 2.802   -0.004  8.826   1.00 0.00 ? 22 GLN A HE22 1 
ATOM 341  N N    . PHE A 1 23 ? -2.338  2.878   5.367   1.00 0.00 ? 23 PHE A N    1 
ATOM 342  C CA   . PHE A 1 23 ? -2.750  4.214   4.967   1.00 0.00 ? 23 PHE A CA   1 
ATOM 343  C C    . PHE A 1 23 ? -3.504  4.773   6.168   1.00 0.00 ? 23 PHE A C    1 
ATOM 344  O O    . PHE A 1 23 ? -3.136  5.828   6.669   1.00 0.00 ? 23 PHE A O    1 
ATOM 345  C CB   . PHE A 1 23 ? -3.659  4.174   3.737   1.00 0.00 ? 23 PHE A CB   1 
ATOM 346  C CG   . PHE A 1 23 ? -3.004  4.786   2.525   1.00 0.00 ? 23 PHE A CG   1 
ATOM 347  C CD1  . PHE A 1 23 ? -2.088  4.036   1.780   1.00 0.00 ? 23 PHE A CD1  1 
ATOM 348  C CD2  . PHE A 1 23 ? -3.271  6.119   2.161   1.00 0.00 ? 23 PHE A CD2  1 
ATOM 349  C CE1  . PHE A 1 23 ? -1.432  4.603   0.680   1.00 0.00 ? 23 PHE A CE1  1 
ATOM 350  C CE2  . PHE A 1 23 ? -2.574  6.707   1.096   1.00 0.00 ? 23 PHE A CE2  1 
ATOM 351  C CZ   . PHE A 1 23 ? -1.646  5.956   0.360   1.00 0.00 ? 23 PHE A CZ   1 
ATOM 352  H H    . PHE A 1 23 ? -2.961  2.121   5.106   1.00 0.00 ? 23 PHE A H    1 
ATOM 353  H HA   . PHE A 1 23 ? -1.893  4.844   4.718   1.00 0.00 ? 23 PHE A HA   1 
ATOM 354  H HB2  . PHE A 1 23 ? -3.975  3.150   3.535   1.00 0.00 ? 23 PHE A HB2  1 
ATOM 355  H HB3  . PHE A 1 23 ? -4.542  4.777   3.938   1.00 0.00 ? 23 PHE A HB3  1 
ATOM 356  H HD1  . PHE A 1 23 ? -1.876  3.014   2.045   1.00 0.00 ? 23 PHE A HD1  1 
ATOM 357  H HD2  . PHE A 1 23 ? -4.022  6.683   2.688   1.00 0.00 ? 23 PHE A HD2  1 
ATOM 358  H HE1  . PHE A 1 23 ? -0.777  3.973   0.105   1.00 0.00 ? 23 PHE A HE1  1 
ATOM 359  H HE2  . PHE A 1 23 ? -2.784  7.726   0.820   1.00 0.00 ? 23 PHE A HE2  1 
ATOM 360  H HZ   . PHE A 1 23 ? -1.114  6.426   -0.453  1.00 0.00 ? 23 PHE A HZ   1 
ATOM 361  N N    . ALA A 1 24 ? -4.479  4.016   6.699   1.00 0.00 ? 24 ALA A N    1 
ATOM 362  C CA   . ALA A 1 24 ? -5.265  4.361   7.872   1.00 0.00 ? 24 ALA A CA   1 
ATOM 363  C C    . ALA A 1 24 ? -4.360  4.835   9.010   1.00 0.00 ? 24 ALA A C    1 
ATOM 364  O O    . ALA A 1 24 ? -4.511  5.940   9.511   1.00 0.00 ? 24 ALA A O    1 
ATOM 365  C CB   . ALA A 1 24 ? -6.133  3.202   8.340   1.00 0.00 ? 24 ALA A CB   1 
ATOM 366  H H    . ALA A 1 24 ? -4.703  3.147   6.233   1.00 0.00 ? 24 ALA A H    1 
ATOM 367  H HA   . ALA A 1 24 ? -5.966  5.115   7.543   1.00 0.00 ? 24 ALA A HA   1 
ATOM 368  H HB1  . ALA A 1 24 ? -5.588  2.526   8.996   1.00 0.00 ? 24 ALA A HB1  1 
ATOM 369  H HB2  . ALA A 1 24 ? -6.983  3.627   8.881   1.00 0.00 ? 24 ALA A HB2  1 
ATOM 370  H HB3  . ALA A 1 24 ? -6.473  2.658   7.472   1.00 0.00 ? 24 ALA A HB3  1 
ATOM 371  N N    . GLN A 1 25 ? -3.366  4.018   9.363   1.00 0.00 ? 25 GLN A N    1 
ATOM 372  C CA   . GLN A 1 25 ? -2.427  4.228   10.460  1.00 0.00 ? 25 GLN A CA   1 
ATOM 373  C C    . GLN A 1 25 ? -1.381  5.302   10.147  1.00 0.00 ? 25 GLN A C    1 
ATOM 374  O O    . GLN A 1 25 ? -0.629  5.694   11.043  1.00 0.00 ? 25 GLN A O    1 
ATOM 375  C CB   . GLN A 1 25 ? -1.714  2.925   10.865  1.00 0.00 ? 25 GLN A CB   1 
ATOM 376  C CG   . GLN A 1 25 ? -0.979  2.267   9.733   1.00 0.00 ? 25 GLN A CG   1 
ATOM 377  C CD   . GLN A 1 25 ? 0.535   2.462   9.759   1.00 0.00 ? 25 GLN A CD   1 
ATOM 378  O OE1  . GLN A 1 25 ? 1.233   2.054   10.684  1.00 0.00 ? 25 GLN A OE1  1 
ATOM 379  N NE2  . GLN A 1 25 ? 1.089   3.052   8.716   1.00 0.00 ? 25 GLN A NE2  1 
ATOM 380  H H    . GLN A 1 25 ? -3.334  3.127   8.880   1.00 0.00 ? 25 GLN A H    1 
ATOM 381  H HA   . GLN A 1 25 ? -2.994  4.534   11.310  1.00 0.00 ? 25 GLN A HA   1 
ATOM 382  H HB2  . GLN A 1 25 ? -0.995  3.112   11.639  1.00 0.00 ? 25 GLN A HB2  1 
ATOM 383  H HB3  . GLN A 1 25 ? -2.462  2.212   11.205  1.00 0.00 ? 25 GLN A HB3  1 
ATOM 384  H HG2  . GLN A 1 25 ? -1.207  1.201   9.727   1.00 0.00 ? 25 GLN A HG2  1 
ATOM 385  H HG3  . GLN A 1 25 ? -1.376  2.757   8.862   1.00 0.00 ? 25 GLN A HG3  1 
ATOM 386  H HE21 . GLN A 1 25 ? 0.514   3.371   7.935   1.00 0.00 ? 25 GLN A HE21 1 
ATOM 387  H HE22 . GLN A 1 25 ? 2.083   3.243   8.708   1.00 0.00 ? 25 GLN A HE22 1 
ATOM 388  N N    . GLN A 1 26 ? -1.250  5.747   8.894   1.00 0.00 ? 26 GLN A N    1 
ATOM 389  C CA   . GLN A 1 26 ? -0.508  6.968   8.610   1.00 0.00 ? 26 GLN A CA   1 
ATOM 390  C C    . GLN A 1 26 ? -1.405  8.178   8.874   1.00 0.00 ? 26 GLN A C    1 
ATOM 391  O O    . GLN A 1 26 ? -0.928  9.185   9.385   1.00 0.00 ? 26 GLN A O    1 
ATOM 392  C CB   . GLN A 1 26 ? -0.011  6.989   7.155   1.00 0.00 ? 26 GLN A CB   1 
ATOM 393  C CG   . GLN A 1 26 ? 1.393   6.384   6.967   1.00 0.00 ? 26 GLN A CG   1 
ATOM 394  C CD   . GLN A 1 26 ? 2.527   7.234   7.550   1.00 0.00 ? 26 GLN A CD   1 
ATOM 395  O OE1  . GLN A 1 26 ? 2.368   8.410   7.867   1.00 0.00 ? 26 GLN A OE1  1 
ATOM 396  N NE2  . GLN A 1 26 ? 3.717   6.677   7.706   1.00 0.00 ? 26 GLN A NE2  1 
ATOM 397  H H    . GLN A 1 26 ? -1.889  5.422   8.172   1.00 0.00 ? 26 GLN A H    1 
ATOM 398  H HA   . GLN A 1 26 ? 0.349   7.030   9.277   1.00 0.00 ? 26 GLN A HA   1 
ATOM 399  H HB2  . GLN A 1 26 ? -0.706  6.453   6.515   1.00 0.00 ? 26 GLN A HB2  1 
ATOM 400  H HB3  . GLN A 1 26 ? 0.002   8.024   6.821   1.00 0.00 ? 26 GLN A HB3  1 
ATOM 401  H HG2  . GLN A 1 26 ? 1.415   5.398   7.423   1.00 0.00 ? 26 GLN A HG2  1 
ATOM 402  H HG3  . GLN A 1 26 ? 1.573   6.263   5.899   1.00 0.00 ? 26 GLN A HG3  1 
ATOM 403  H HE21 . GLN A 1 26 ? 3.838   5.677   7.573   1.00 0.00 ? 26 GLN A HE21 1 
ATOM 404  H HE22 . GLN A 1 26 ? 4.428   7.205   8.201   1.00 0.00 ? 26 GLN A HE22 1 
ATOM 405  N N    . LEU A 1 27 ? -2.679  8.082   8.504   1.00 0.00 ? 27 LEU A N    1 
ATOM 406  C CA   . LEU A 1 27 ? -3.602  9.195   8.348   1.00 0.00 ? 27 LEU A CA   1 
ATOM 407  C C    . LEU A 1 27 ? -4.476  9.423   9.579   1.00 0.00 ? 27 LEU A C    1 
ATOM 408  O O    . LEU A 1 27 ? -5.090  10.486  9.693   1.00 0.00 ? 27 LEU A O    1 
ATOM 409  C CB   . LEU A 1 27 ? -4.460  8.899   7.111   1.00 0.00 ? 27 LEU A CB   1 
ATOM 410  C CG   . LEU A 1 27 ? -3.681  9.239   5.828   1.00 0.00 ? 27 LEU A CG   1 
ATOM 411  C CD1  . LEU A 1 27 ? -4.152  8.451   4.613   1.00 0.00 ? 27 LEU A CD1  1 
ATOM 412  C CD2  . LEU A 1 27 ? -3.820  10.730  5.536   1.00 0.00 ? 27 LEU A CD2  1 
ATOM 413  H H    . LEU A 1 27 ? -2.991  7.198   8.115   1.00 0.00 ? 27 LEU A H    1 
ATOM 414  H HA   . LEU A 1 27 ? -3.027  10.107  8.187   1.00 0.00 ? 27 LEU A HA   1 
ATOM 415  H HB2  . LEU A 1 27 ? -4.729  7.843   7.108   1.00 0.00 ? 27 LEU A HB2  1 
ATOM 416  H HB3  . LEU A 1 27 ? -5.385  9.473   7.169   1.00 0.00 ? 27 LEU A HB3  1 
ATOM 417  H HG   . LEU A 1 27 ? -2.628  8.988   5.952   1.00 0.00 ? 27 LEU A HG   1 
ATOM 418  H HD11 . LEU A 1 27 ? -3.508  8.703   3.758   1.00 0.00 ? 27 LEU A HD11 1 
ATOM 419  H HD12 . LEU A 1 27 ? -4.066  7.387   4.822   1.00 0.00 ? 27 LEU A HD12 1 
ATOM 420  H HD13 . LEU A 1 27 ? -5.196  8.691   4.397   1.00 0.00 ? 27 LEU A HD13 1 
ATOM 421  H HD21 . LEU A 1 27 ? -3.327  11.323  6.305   1.00 0.00 ? 27 LEU A HD21 1 
ATOM 422  H HD22 . LEU A 1 27 ? -3.372  10.950  4.573   1.00 0.00 ? 27 LEU A HD22 1 
ATOM 423  H HD23 . LEU A 1 27 ? -4.873  11.004  5.487   1.00 0.00 ? 27 LEU A HD23 1 
ATOM 424  N N    . ASP A 1 28 ? -4.474  8.486   10.527  1.00 0.00 ? 28 ASP A N    1 
ATOM 425  C CA   . ASP A 1 28 ? -5.179  8.462   11.804  1.00 0.00 ? 28 ASP A CA   1 
ATOM 426  C C    . ASP A 1 28 ? -6.665  8.082   11.630  1.00 0.00 ? 28 ASP A C    1 
ATOM 427  O O    . ASP A 1 28 ? -7.486  8.358   12.508  1.00 0.00 ? 28 ASP A O    1 
ATOM 428  C CB   . ASP A 1 28 ? -4.930  9.792   12.530  1.00 0.00 ? 28 ASP A CB   1 
ATOM 429  C CG   . ASP A 1 28 ? -5.007  9.786   14.060  1.00 0.00 ? 28 ASP A CG   1 
ATOM 430  O OD1  . ASP A 1 28 ? -5.189  8.714   14.675  1.00 0.00 ? 28 ASP A OD1  1 
ATOM 431  O OD2  . ASP A 1 28 ? -4.731  10.864  14.657  1.00 0.00 ? 28 ASP A OD2  1 
ATOM 432  H H    . ASP A 1 28 ? -3.986  7.631   10.337  1.00 0.00 ? 28 ASP A H    1 
ATOM 433  H HA   . ASP A 1 28 ? -4.712  7.672   12.386  1.00 0.00 ? 28 ASP A HA   1 
ATOM 434  H HB2  . ASP A 1 28 ? -3.930  10.136  12.270  1.00 0.00 ? 28 ASP A HB2  1 
ATOM 435  H HB3  . ASP A 1 28 ? -5.628  10.501  12.113  1.00 0.00 ? 28 ASP A HB3  1 
ATOM 436  N N    . VAL A 1 29 ? -7.025  7.420   10.522  1.00 0.00 ? 29 VAL A N    1 
ATOM 437  C CA   . VAL A 1 29 ? -8.405  7.160   10.083  1.00 0.00 ? 29 VAL A CA   1 
ATOM 438  C C    . VAL A 1 29 ? -8.788  5.682   10.148  1.00 0.00 ? 29 VAL A C    1 
ATOM 439  O O    . VAL A 1 29 ? -8.048  4.876   10.718  1.00 0.00 ? 29 VAL A O    1 
ATOM 440  C CB   . VAL A 1 29 ? -8.692  7.855   8.731   1.00 0.00 ? 29 VAL A CB   1 
ATOM 441  C CG1  . VAL A 1 29 ? -8.531  9.377   8.857   1.00 0.00 ? 29 VAL A CG1  1 
ATOM 442  C CG2  . VAL A 1 29 ? -7.806  7.337   7.593   1.00 0.00 ? 29 VAL A CG2  1 
ATOM 443  H H    . VAL A 1 29 ? -6.282  7.101   9.912   1.00 0.00 ? 29 VAL A H    1 
ATOM 444  H HA   . VAL A 1 29 ? -9.079  7.584   10.804  1.00 0.00 ? 29 VAL A HA   1 
ATOM 445  H HB   . VAL A 1 29 ? -9.726  7.666   8.453   1.00 0.00 ? 29 VAL A HB   1 
ATOM 446  H HG11 . VAL A 1 29 ? -7.486  9.639   9.011   1.00 0.00 ? 29 VAL A HG11 1 
ATOM 447  H HG12 . VAL A 1 29 ? -8.886  9.856   7.947   1.00 0.00 ? 29 VAL A HG12 1 
ATOM 448  H HG13 . VAL A 1 29 ? -9.124  9.744   9.694   1.00 0.00 ? 29 VAL A HG13 1 
ATOM 449  H HG21 . VAL A 1 29 ? -6.760  7.464   7.843   1.00 0.00 ? 29 VAL A HG21 1 
ATOM 450  H HG22 . VAL A 1 29 ? -8.012  6.281   7.418   1.00 0.00 ? 29 VAL A HG22 1 
ATOM 451  H HG23 . VAL A 1 29 ? -8.029  7.881   6.677   1.00 0.00 ? 29 VAL A HG23 1 
ATOM 452  N N    . ASP A 1 30 ? -9.991  5.320   9.695   1.00 0.00 ? 30 ASP A N    1 
ATOM 453  C CA   . ASP A 1 30 ? -10.369 3.939   9.510   1.00 0.00 ? 30 ASP A CA   1 
ATOM 454  C C    . ASP A 1 30 ? -9.736  3.481   8.202   1.00 0.00 ? 30 ASP A C    1 
ATOM 455  O O    . ASP A 1 30 ? -9.574  4.278   7.276   1.00 0.00 ? 30 ASP A O    1 
ATOM 456  C CB   . ASP A 1 30 ? -11.898 3.805   9.417   1.00 0.00 ? 30 ASP A CB   1 
ATOM 457  C CG   . ASP A 1 30 ? -12.527 3.053   10.594  1.00 0.00 ? 30 ASP A CG   1 
ATOM 458  O OD1  . ASP A 1 30 ? -12.092 1.920   10.905  1.00 0.00 ? 30 ASP A OD1  1 
ATOM 459  O OD2  . ASP A 1 30 ? -13.504 3.572   11.184  1.00 0.00 ? 30 ASP A OD2  1 
ATOM 460  H H    . ASP A 1 30 ? -10.579 5.930   9.143   1.00 0.00 ? 30 ASP A H    1 
ATOM 461  H HA   . ASP A 1 30 ? -9.982  3.340   10.330  1.00 0.00 ? 30 ASP A HA   1 
ATOM 462  H HB2  . ASP A 1 30 ? -12.345 4.784   9.311   1.00 0.00 ? 30 ASP A HB2  1 
ATOM 463  H HB3  . ASP A 1 30 ? -12.154 3.286   8.500   1.00 0.00 ? 30 ASP A HB3  1 
ATOM 464  N N    . PRO A 1 31 ? -9.451  2.185   8.061   1.00 0.00 ? 31 PRO A N    1 
ATOM 465  C CA   . PRO A 1 31 ? -8.989  1.644   6.799   1.00 0.00 ? 31 PRO A CA   1 
ATOM 466  C C    . PRO A 1 31 ? -10.040 1.822   5.715   1.00 0.00 ? 31 PRO A C    1 
ATOM 467  O O    . PRO A 1 31 ? -9.735  2.144   4.573   1.00 0.00 ? 31 PRO A O    1 
ATOM 468  C CB   . PRO A 1 31 ? -8.734  0.181   7.079   1.00 0.00 ? 31 PRO A CB   1 
ATOM 469  C CG   . PRO A 1 31 ? -9.377  -0.185  8.417   1.00 0.00 ? 31 PRO A CG   1 
ATOM 470  C CD   . PRO A 1 31 ? -9.872  1.143   8.977   1.00 0.00 ? 31 PRO A CD   1 
ATOM 471  H HA   . PRO A 1 31 ? -8.071  2.113   6.453   1.00 0.00 ? 31 PRO A HA   1 
ATOM 472  H HB2  . PRO A 1 31 ? -9.148  -0.405  6.275   1.00 0.00 ? 31 PRO A HB2  1 
ATOM 473  H HB3  . PRO A 1 31 ? -7.668  0.049   7.128   1.00 0.00 ? 31 PRO A HB3  1 
ATOM 474  H HG2  . PRO A 1 31 ? -10.217 -0.868  8.265   1.00 0.00 ? 31 PRO A HG2  1 
ATOM 475  H HG3  . PRO A 1 31 ? -8.637  -0.630  9.083   1.00 0.00 ? 31 PRO A HG3  1 
ATOM 476  H HD2  . PRO A 1 31 ? -10.960 1.139   8.984   1.00 0.00 ? 31 PRO A HD2  1 
ATOM 477  H HD3  . PRO A 1 31 ? -9.483  1.327   9.979   1.00 0.00 ? 31 PRO A HD3  1 
ATOM 478  N N    . ASP A 1 32 ? -11.300 1.649   6.089   1.00 0.00 ? 32 ASP A N    1 
ATOM 479  C CA   . ASP A 1 32 ? -12.398 1.694   5.148   1.00 0.00 ? 32 ASP A CA   1 
ATOM 480  C C    . ASP A 1 32 ? -12.635 3.123   4.641   1.00 0.00 ? 32 ASP A C    1 
ATOM 481  O O    . ASP A 1 32 ? -13.435 3.315   3.730   1.00 0.00 ? 32 ASP A O    1 
ATOM 482  C CB   . ASP A 1 32 ? -13.645 1.122   5.833   1.00 0.00 ? 32 ASP A CB   1 
ATOM 483  C CG   . ASP A 1 32 ? -14.370 0.056   5.013   1.00 0.00 ? 32 ASP A CG   1 
ATOM 484  O OD1  . ASP A 1 32 ? -13.704 -0.849  4.460   1.00 0.00 ? 32 ASP A OD1  1 
ATOM 485  O OD2  . ASP A 1 32 ? -15.620 -0.004  5.060   1.00 0.00 ? 32 ASP A OD2  1 
ATOM 486  H H    . ASP A 1 32 ? -11.506 1.471   7.058   1.00 0.00 ? 32 ASP A H    1 
ATOM 487  H HA   . ASP A 1 32 ? -12.111 1.062   4.309   1.00 0.00 ? 32 ASP A HA   1 
ATOM 488  H HB2  . ASP A 1 32 ? -13.363 0.675   6.790   1.00 0.00 ? 32 ASP A HB2  1 
ATOM 489  H HB3  . ASP A 1 32 ? -14.329 1.940   6.036   1.00 0.00 ? 32 ASP A HB3  1 
ATOM 490  N N    . ASP A 1 33 ? -11.974 4.128   5.229   1.00 0.00 ? 33 ASP A N    1 
ATOM 491  C CA   . ASP A 1 33 ? -12.045 5.529   4.782   1.00 0.00 ? 33 ASP A CA   1 
ATOM 492  C C    . ASP A 1 33 ? -11.009 5.840   3.686   1.00 0.00 ? 33 ASP A C    1 
ATOM 493  O O    . ASP A 1 33 ? -10.998 6.947   3.134   1.00 0.00 ? 33 ASP A O    1 
ATOM 494  C CB   . ASP A 1 33 ? -11.866 6.472   5.986   1.00 0.00 ? 33 ASP A CB   1 
ATOM 495  C CG   . ASP A 1 33 ? -12.376 7.902   5.748   1.00 0.00 ? 33 ASP A CG   1 
ATOM 496  O OD1  . ASP A 1 33 ? -13.247 8.133   4.882   1.00 0.00 ? 33 ASP A OD1  1 
ATOM 497  O OD2  . ASP A 1 33 ? -12.000 8.816   6.527   1.00 0.00 ? 33 ASP A OD2  1 
ATOM 498  H H    . ASP A 1 33 ? -11.300 3.882   5.951   1.00 0.00 ? 33 ASP A H    1 
ATOM 499  H HA   . ASP A 1 33 ? -13.040 5.703   4.367   1.00 0.00 ? 33 ASP A HA   1 
ATOM 500  H HB2  . ASP A 1 33 ? -12.421 6.062   6.831   1.00 0.00 ? 33 ASP A HB2  1 
ATOM 501  H HB3  . ASP A 1 33 ? -10.811 6.511   6.263   1.00 0.00 ? 33 ASP A HB3  1 
ATOM 502  N N    . ILE A 1 34 ? -10.131 4.885   3.356   1.00 0.00 ? 34 ILE A N    1 
ATOM 503  C CA   . ILE A 1 34 ? -9.124  5.039   2.307   1.00 0.00 ? 34 ILE A CA   1 
ATOM 504  C C    . ILE A 1 34 ? -9.689  4.815   0.894   1.00 0.00 ? 34 ILE A C    1 
ATOM 505  O O    . ILE A 1 34 ? -10.206 3.740   0.570   1.00 0.00 ? 34 ILE A O    1 
ATOM 506  C CB   . ILE A 1 34 ? -7.916  4.146   2.618   1.00 0.00 ? 34 ILE A CB   1 
ATOM 507  C CG1  . ILE A 1 34 ? -7.351  4.400   4.038   1.00 0.00 ? 34 ILE A CG1  1 
ATOM 508  C CG2  . ILE A 1 34 ? -6.842  4.368   1.541   1.00 0.00 ? 34 ILE A CG2  1 
ATOM 509  C CD1  . ILE A 1 34 ? -6.984  5.858   4.358   1.00 0.00 ? 34 ILE A CD1  1 
ATOM 510  H H    . ILE A 1 34 ? -10.082 4.040   3.933   1.00 0.00 ? 34 ILE A H    1 
ATOM 511  H HA   . ILE A 1 34 ? -8.748  6.045   2.328   1.00 0.00 ? 34 ILE A HA   1 
ATOM 512  H HB   . ILE A 1 34 ? -8.237  3.106   2.568   1.00 0.00 ? 34 ILE A HB   1 
ATOM 513  H HG12 . ILE A 1 34 ? -8.075  4.077   4.785   1.00 0.00 ? 34 ILE A HG12 1 
ATOM 514  H HG13 . ILE A 1 34 ? -6.478  3.769   4.175   1.00 0.00 ? 34 ILE A HG13 1 
ATOM 515  H HG21 . ILE A 1 34 ? -6.578  5.424   1.480   1.00 0.00 ? 34 ILE A HG21 1 
ATOM 516  H HG22 . ILE A 1 34 ? -5.950  3.788   1.769   1.00 0.00 ? 34 ILE A HG22 1 
ATOM 517  H HG23 . ILE A 1 34 ? -7.227  4.068   0.561   1.00 0.00 ? 34 ILE A HG23 1 
ATOM 518  H HD11 . ILE A 1 34 ? -6.318  6.267   3.601   1.00 0.00 ? 34 ILE A HD11 1 
ATOM 519  H HD12 . ILE A 1 34 ? -7.884  6.471   4.413   1.00 0.00 ? 34 ILE A HD12 1 
ATOM 520  H HD13 . ILE A 1 34 ? -6.482  5.899   5.323   1.00 0.00 ? 34 ILE A HD13 1 
ATOM 521  N N    . ASP A 1 35 ? -9.494  5.795   -0.003  1.00 0.00 ? 35 ASP A N    1 
ATOM 522  C CA   . ASP A 1 35 ? -9.785  5.689   -1.413  1.00 0.00 ? 35 ASP A CA   1 
ATOM 523  C C    . ASP A 1 35 ? -8.667  4.923   -2.109  1.00 0.00 ? 35 ASP A C    1 
ATOM 524  O O    . ASP A 1 35 ? -7.719  5.512   -2.639  1.00 0.00 ? 35 ASP A O    1 
ATOM 525  C CB   . ASP A 1 35 ? -9.898  7.056   -2.106  1.00 0.00 ? 35 ASP A CB   1 
ATOM 526  C CG   . ASP A 1 35 ? -11.108 7.922   -1.796  1.00 0.00 ? 35 ASP A CG   1 
ATOM 527  O OD1  . ASP A 1 35 ? -12.189 7.643   -2.363  1.00 0.00 ? 35 ASP A OD1  1 
ATOM 528  O OD2  . ASP A 1 35 ? -10.958 8.971   -1.126  1.00 0.00 ? 35 ASP A OD2  1 
ATOM 529  H H    . ASP A 1 35 ? -9.067  6.678   0.233   1.00 0.00 ? 35 ASP A H    1 
ATOM 530  H HA   . ASP A 1 35 ? -10.713 5.137   -1.524  1.00 0.00 ? 35 ASP A HA   1 
ATOM 531  H HB2  . ASP A 1 35 ? -8.986  7.637   -2.004  1.00 0.00 ? 35 ASP A HB2  1 
ATOM 532  H HB3  . ASP A 1 35 ? -9.950  6.830   -3.154  1.00 0.00 ? 35 ASP A HB3  1 
ATOM 533  N N    . MET A 1 36 ? -8.811  3.612   -2.217  1.00 0.00 ? 36 MET A N    1 
ATOM 534  C CA   . MET A 1 36 ? -7.968  2.758   -3.057  1.00 0.00 ? 36 MET A CA   1 
ATOM 535  C C    . MET A 1 36 ? -7.968  3.088   -4.543  1.00 0.00 ? 36 MET A C    1 
ATOM 536  O O    . MET A 1 36 ? -7.209  2.454   -5.278  1.00 0.00 ? 36 MET A O    1 
ATOM 537  C CB   . MET A 1 36 ? -8.406  1.290   -2.884  1.00 0.00 ? 36 MET A CB   1 
ATOM 538  C CG   . MET A 1 36 ? -9.908  1.051   -3.045  1.00 0.00 ? 36 MET A CG   1 
ATOM 539  S SD   . MET A 1 36 ? -10.426 -0.203  -4.248  1.00 0.00 ? 36 MET A SD   1 
ATOM 540  C CE   . MET A 1 36 ? -10.256 -1.692  -3.233  1.00 0.00 ? 36 MET A CE   1 
ATOM 541  H H    . MET A 1 36 ? -9.551  3.193   -1.660  1.00 0.00 ? 36 MET A H    1 
ATOM 542  H HA   . MET A 1 36 ? -6.921  2.923   -2.767  1.00 0.00 ? 36 MET A HA   1 
ATOM 543  H HB2  . MET A 1 36 ? -7.888  0.660   -3.604  1.00 0.00 ? 36 MET A HB2  1 
ATOM 544  H HB3  . MET A 1 36 ? -8.113  0.968   -1.890  1.00 0.00 ? 36 MET A HB3  1 
ATOM 545  H HG2  . MET A 1 36 ? -10.261 0.750   -2.071  1.00 0.00 ? 36 MET A HG2  1 
ATOM 546  H HG3  . MET A 1 36 ? -10.404 1.984   -3.301  1.00 0.00 ? 36 MET A HG3  1 
ATOM 547  H HE1  . MET A 1 36 ? -9.221  -1.808  -2.913  1.00 0.00 ? 36 MET A HE1  1 
ATOM 548  H HE2  . MET A 1 36 ? -10.898 -1.607  -2.355  1.00 0.00 ? 36 MET A HE2  1 
ATOM 549  H HE3  . MET A 1 36 ? -10.557 -2.568  -3.806  1.00 0.00 ? 36 MET A HE3  1 
ATOM 550  N N    . GLU A 1 37 ? -8.771  4.046   -4.989  1.00 0.00 ? 37 GLU A N    1 
ATOM 551  C CA   . GLU A 1 37 ? -8.910  4.413   -6.387  1.00 0.00 ? 37 GLU A CA   1 
ATOM 552  C C    . GLU A 1 37 ? -8.440  5.851   -6.633  1.00 0.00 ? 37 GLU A C    1 
ATOM 553  O O    . GLU A 1 37 ? -8.205  6.211   -7.790  1.00 0.00 ? 37 GLU A O    1 
ATOM 554  C CB   . GLU A 1 37 ? -10.385 4.225   -6.752  1.00 0.00 ? 37 GLU A CB   1 
ATOM 555  C CG   . GLU A 1 37 ? -10.795 2.746   -6.809  1.00 0.00 ? 37 GLU A CG   1 
ATOM 556  C CD   . GLU A 1 37 ? -10.769 2.197   -8.242  1.00 0.00 ? 37 GLU A CD   1 
ATOM 557  O OE1  . GLU A 1 37 ? -11.808 2.306   -8.934  1.00 0.00 ? 37 GLU A OE1  1 
ATOM 558  O OE2  . GLU A 1 37 ? -9.763  1.614   -8.707  1.00 0.00 ? 37 GLU A OE2  1 
ATOM 559  H H    . GLU A 1 37 ? -9.343  4.551   -4.330  1.00 0.00 ? 37 GLU A H    1 
ATOM 560  H HA   . GLU A 1 37 ? -8.310  3.754   -7.017  1.00 0.00 ? 37 GLU A HA   1 
ATOM 561  H HB2  . GLU A 1 37 ? -10.995 4.735   -6.003  1.00 0.00 ? 37 GLU A HB2  1 
ATOM 562  H HB3  . GLU A 1 37 ? -10.590 4.682   -7.715  1.00 0.00 ? 37 GLU A HB3  1 
ATOM 563  H HG2  . GLU A 1 37 ? -10.193 2.130   -6.132  1.00 0.00 ? 37 GLU A HG2  1 
ATOM 564  H HG3  . GLU A 1 37 ? -11.815 2.689   -6.439  1.00 0.00 ? 37 GLU A HG3  1 
ATOM 565  N N    . GLU A 1 38 ? -8.266  6.654   -5.577  1.00 0.00 ? 38 GLU A N    1 
ATOM 566  C CA   . GLU A 1 38 ? -7.723  8.001   -5.651  1.00 0.00 ? 38 GLU A CA   1 
ATOM 567  C C    . GLU A 1 38 ? -6.213  7.940   -5.623  1.00 0.00 ? 38 GLU A C    1 
ATOM 568  O O    . GLU A 1 38 ? -5.635  7.049   -4.996  1.00 0.00 ? 38 GLU A O    1 
ATOM 569  C CB   . GLU A 1 38 ? -8.281  8.864   -4.524  1.00 0.00 ? 38 GLU A CB   1 
ATOM 570  C CG   . GLU A 1 38 ? -7.849  10.335  -4.542  1.00 0.00 ? 38 GLU A CG   1 
ATOM 571  C CD   . GLU A 1 38 ? -8.034  11.006  -5.905  1.00 0.00 ? 38 GLU A CD   1 
ATOM 572  O OE1  . GLU A 1 38 ? -9.202  11.215  -6.313  1.00 0.00 ? 38 GLU A OE1  1 
ATOM 573  O OE2  . GLU A 1 38 ? -7.013  11.291  -6.565  1.00 0.00 ? 38 GLU A OE2  1 
ATOM 574  H H    . GLU A 1 38 ? -8.317  6.265   -4.647  1.00 0.00 ? 38 GLU A H    1 
ATOM 575  H HA   . GLU A 1 38 ? -7.998  8.441   -6.583  1.00 0.00 ? 38 GLU A HA   1 
ATOM 576  H HB2  . GLU A 1 38 ? -9.372  8.821   -4.549  1.00 0.00 ? 38 GLU A HB2  1 
ATOM 577  H HB3  . GLU A 1 38 ? -7.923  8.432   -3.599  1.00 0.00 ? 38 GLU A HB3  1 
ATOM 578  H HG2  . GLU A 1 38 ? -8.449  10.854  -3.800  1.00 0.00 ? 38 GLU A HG2  1 
ATOM 579  H HG3  . GLU A 1 38 ? -6.806  10.409  -4.234  1.00 0.00 ? 38 GLU A HG3  1 
ATOM 580  N N    . SER A 1 39 ? -5.578  8.886   -6.306  1.00 0.00 ? 39 SER A N    1 
ATOM 581  C CA   . SER A 1 39 ? -4.148  8.889   -6.395  1.00 0.00 ? 39 SER A CA   1 
ATOM 582  C C    . SER A 1 39 ? -3.558  9.235   -5.033  1.00 0.00 ? 39 SER A C    1 
ATOM 583  O O    . SER A 1 39 ? -3.986  10.176  -4.353  1.00 0.00 ? 39 SER A O    1 
ATOM 584  C CB   . SER A 1 39 ? -3.677  9.831   -7.495  1.00 0.00 ? 39 SER A CB   1 
ATOM 585  O OG   . SER A 1 39 ? -2.269  10.008  -7.486  1.00 0.00 ? 39 SER A OG   1 
ATOM 586  H H    . SER A 1 39 ? -6.088  9.678   -6.690  1.00 0.00 ? 39 SER A H    1 
ATOM 587  H HA   . SER A 1 39 ? -3.904  7.878   -6.679  1.00 0.00 ? 39 SER A HA   1 
ATOM 588  H HB2  . SER A 1 39 ? -3.977  9.428   -8.457  1.00 0.00 ? 39 SER A HB2  1 
ATOM 589  H HB3  . SER A 1 39 ? -4.175  10.778  -7.352  1.00 0.00 ? 39 SER A HB3  1 
ATOM 590  H HG   . SER A 1 39 ? -2.002  10.440  -8.306  1.00 0.00 ? 39 SER A HG   1 
ATOM 591  N N    . PHE A 1 40 ? -2.513  8.500   -4.668  1.00 0.00 ? 40 PHE A N    1 
ATOM 592  C CA   . PHE A 1 40 ? -1.780  8.707   -3.438  1.00 0.00 ? 40 PHE A CA   1 
ATOM 593  C C    . PHE A 1 40 ? -1.175  10.104  -3.352  1.00 0.00 ? 40 PHE A C    1 
ATOM 594  O O    . PHE A 1 40 ? -0.926  10.565  -2.239  1.00 0.00 ? 40 PHE A O    1 
ATOM 595  C CB   . PHE A 1 40 ? -0.637  7.695   -3.330  1.00 0.00 ? 40 PHE A CB   1 
ATOM 596  C CG   . PHE A 1 40 ? -0.975  6.217   -3.259  1.00 0.00 ? 40 PHE A CG   1 
ATOM 597  C CD1  . PHE A 1 40 ? -2.277  5.774   -2.976  1.00 0.00 ? 40 PHE A CD1  1 
ATOM 598  C CD2  . PHE A 1 40 ? 0.050   5.264   -3.408  1.00 0.00 ? 40 PHE A CD2  1 
ATOM 599  C CE1  . PHE A 1 40 ? -2.543  4.407   -2.835  1.00 0.00 ? 40 PHE A CE1  1 
ATOM 600  C CE2  . PHE A 1 40 ? -0.227  3.892   -3.267  1.00 0.00 ? 40 PHE A CE2  1 
ATOM 601  C CZ   . PHE A 1 40 ? -1.523  3.456   -2.974  1.00 0.00 ? 40 PHE A CZ   1 
ATOM 602  H H    . PHE A 1 40 ? -2.269  7.713   -5.263  1.00 0.00 ? 40 PHE A H    1 
ATOM 603  H HA   . PHE A 1 40 ? -2.461  8.581   -2.595  1.00 0.00 ? 40 PHE A HA   1 
ATOM 604  H HB2  . PHE A 1 40 ? 0.070   7.859   -4.145  1.00 0.00 ? 40 PHE A HB2  1 
ATOM 605  H HB3  . PHE A 1 40 ? -0.130  7.947   -2.408  1.00 0.00 ? 40 PHE A HB3  1 
ATOM 606  H HD1  . PHE A 1 40 ? -3.093  6.466   -2.840  1.00 0.00 ? 40 PHE A HD1  1 
ATOM 607  H HD2  . PHE A 1 40 ? 1.062   5.584   -3.600  1.00 0.00 ? 40 PHE A HD2  1 
ATOM 608  H HE1  . PHE A 1 40 ? -3.547  4.113   -2.606  1.00 0.00 ? 40 PHE A HE1  1 
ATOM 609  H HE2  . PHE A 1 40 ? 0.557   3.165   -3.362  1.00 0.00 ? 40 PHE A HE2  1 
ATOM 610  H HZ   . PHE A 1 40 ? -1.733  2.404   -2.857  1.00 0.00 ? 40 PHE A HZ   1 
ATOM 611  N N    . ASP A 1 41 ? -0.927  10.780  -4.482  1.00 0.00 ? 41 ASP A N    1 
ATOM 612  C CA   . ASP A 1 41 ? -0.292  12.097  -4.458  1.00 0.00 ? 41 ASP A CA   1 
ATOM 613  C C    . ASP A 1 41 ? -1.228  13.124  -3.840  1.00 0.00 ? 41 ASP A C    1 
ATOM 614  O O    . ASP A 1 41 ? -0.782  14.217  -3.483  1.00 0.00 ? 41 ASP A O    1 
ATOM 615  C CB   . ASP A 1 41 ? 0.122   12.558  -5.866  1.00 0.00 ? 41 ASP A CB   1 
ATOM 616  C CG   . ASP A 1 41 ? 1.577   12.260  -6.218  1.00 0.00 ? 41 ASP A CG   1 
ATOM 617  O OD1  . ASP A 1 41 ? 2.393   11.868  -5.353  1.00 0.00 ? 41 ASP A OD1  1 
ATOM 618  O OD2  . ASP A 1 41 ? 1.920   12.380  -7.416  1.00 0.00 ? 41 ASP A OD2  1 
ATOM 619  H H    . ASP A 1 41 ? -1.296  10.444  -5.367  1.00 0.00 ? 41 ASP A H    1 
ATOM 620  H HA   . ASP A 1 41 ? 0.591   12.052  -3.820  1.00 0.00 ? 41 ASP A HA   1 
ATOM 621  H HB2  . ASP A 1 41 ? -0.532  12.100  -6.609  1.00 0.00 ? 41 ASP A HB2  1 
ATOM 622  H HB3  . ASP A 1 41 ? -0.005  13.637  -5.951  1.00 0.00 ? 41 ASP A HB3  1 
ATOM 623  N N    . ASN A 1 42 ? -2.517  12.803  -3.711  1.00 0.00 ? 42 ASN A N    1 
ATOM 624  C CA   . ASN A 1 42 ? -3.504  13.677  -3.091  1.00 0.00 ? 42 ASN A CA   1 
ATOM 625  C C    . ASN A 1 42 ? -3.660  13.377  -1.603  1.00 0.00 ? 42 ASN A C    1 
ATOM 626  O O    . ASN A 1 42 ? -4.033  14.283  -0.849  1.00 0.00 ? 42 ASN A O    1 
ATOM 627  C CB   . ASN A 1 42 ? -4.821  13.588  -3.875  1.00 0.00 ? 42 ASN A CB   1 
ATOM 628  C CG   . ASN A 1 42 ? -4.579  14.006  -5.319  1.00 0.00 ? 42 ASN A CG   1 
ATOM 629  O OD1  . ASN A 1 42 ? -3.907  15.008  -5.567  1.00 0.00 ? 42 ASN A OD1  1 
ATOM 630  N ND2  . ASN A 1 42 ? -5.025  13.248  -6.303  1.00 0.00 ? 42 ASN A ND2  1 
ATOM 631  H H    . ASN A 1 42 ? -2.832  11.906  -4.075  1.00 0.00 ? 42 ASN A H    1 
ATOM 632  H HA   . ASN A 1 42 ? -3.156  14.708  -3.165  1.00 0.00 ? 42 ASN A HA   1 
ATOM 633  H HB2  . ASN A 1 42 ? -5.206  12.569  -3.834  1.00 0.00 ? 42 ASN A HB2  1 
ATOM 634  H HB3  . ASN A 1 42 ? -5.552  14.261  -3.426  1.00 0.00 ? 42 ASN A HB3  1 
ATOM 635  H HD21 . ASN A 1 42 ? -5.683  12.466  -6.184  1.00 0.00 ? 42 ASN A HD21 1 
ATOM 636  H HD22 . ASN A 1 42 ? -4.765  13.518  -7.237  1.00 0.00 ? 42 ASN A HD22 1 
ATOM 637  N N    . TYR A 1 43 ? -3.324  12.162  -1.148  1.00 0.00 ? 43 TYR A N    1 
ATOM 638  C CA   . TYR A 1 43 ? -3.225  11.820  0.247   1.00 0.00 ? 43 TYR A CA   1 
ATOM 639  C C    . TYR A 1 43 ? -1.886  12.318  0.792   1.00 0.00 ? 43 TYR A C    1 
ATOM 640  O O    . TYR A 1 43 ? -1.068  12.927  0.096   1.00 0.00 ? 43 TYR A O    1 
ATOM 641  C CB   . TYR A 1 43 ? -3.381  10.296  0.361   1.00 0.00 ? 43 TYR A CB   1 
ATOM 642  C CG   . TYR A 1 43 ? -4.822  9.826   0.369   1.00 0.00 ? 43 TYR A CG   1 
ATOM 643  C CD1  . TYR A 1 43 ? -5.575  9.724   -0.815  1.00 0.00 ? 43 TYR A CD1  1 
ATOM 644  C CD2  . TYR A 1 43 ? -5.416  9.488   1.591   1.00 0.00 ? 43 TYR A CD2  1 
ATOM 645  C CE1  . TYR A 1 43 ? -6.929  9.344   -0.755  1.00 0.00 ? 43 TYR A CE1  1 
ATOM 646  C CE2  . TYR A 1 43 ? -6.739  9.029   1.654   1.00 0.00 ? 43 TYR A CE2  1 
ATOM 647  C CZ   . TYR A 1 43 ? -7.518  8.992   0.480   1.00 0.00 ? 43 TYR A CZ   1 
ATOM 648  O OH   . TYR A 1 43 ? -8.817  8.605   0.568   1.00 0.00 ? 43 TYR A OH   1 
ATOM 649  H H    . TYR A 1 43 ? -2.916  11.418  -1.700  1.00 0.00 ? 43 TYR A H    1 
ATOM 650  H HA   . TYR A 1 43 ? -4.028  12.307  0.796   1.00 0.00 ? 43 TYR A HA   1 
ATOM 651  H HB2  . TYR A 1 43 ? -2.839  9.806   -0.448  1.00 0.00 ? 43 TYR A HB2  1 
ATOM 652  H HB3  . TYR A 1 43 ? -2.922  9.958   1.288   1.00 0.00 ? 43 TYR A HB3  1 
ATOM 653  H HD1  . TYR A 1 43 ? -5.126  9.931   -1.777  1.00 0.00 ? 43 TYR A HD1  1 
ATOM 654  H HD2  . TYR A 1 43 ? -4.847  9.587   2.492   1.00 0.00 ? 43 TYR A HD2  1 
ATOM 655  H HE1  . TYR A 1 43 ? -7.503  9.277   -1.661  1.00 0.00 ? 43 TYR A HE1  1 
ATOM 656  H HE2  . TYR A 1 43 ? -7.157  8.736   2.609   1.00 0.00 ? 43 TYR A HE2  1 
ATOM 657  H HH   . TYR A 1 43 ? -9.423  8.907   -0.132  1.00 0.00 ? 43 TYR A HH   1 
ATOM 658  N N    . ASP A 1 44 ? -1.650  12.029  2.064   1.00 0.00 ? 44 ASP A N    1 
ATOM 659  C CA   . ASP A 1 44 ? -0.491  12.415  2.857   1.00 0.00 ? 44 ASP A CA   1 
ATOM 660  C C    . ASP A 1 44 ? 0.850   11.884  2.314   1.00 0.00 ? 44 ASP A C    1 
ATOM 661  O O    . ASP A 1 44 ? 1.896   12.231  2.860   1.00 0.00 ? 44 ASP A O    1 
ATOM 662  C CB   . ASP A 1 44 ? -0.781  11.936  4.285   1.00 0.00 ? 44 ASP A CB   1 
ATOM 663  C CG   . ASP A 1 44 ? 0.352   12.186  5.280   1.00 0.00 ? 44 ASP A CG   1 
ATOM 664  O OD1  . ASP A 1 44 ? 0.855   13.322  5.440   1.00 0.00 ? 44 ASP A OD1  1 
ATOM 665  O OD2  . ASP A 1 44 ? 0.783   11.192  5.903   1.00 0.00 ? 44 ASP A OD2  1 
ATOM 666  H H    . ASP A 1 44 ? -2.430  11.645  2.578   1.00 0.00 ? 44 ASP A H    1 
ATOM 667  H HA   . ASP A 1 44 ? -0.428  13.505  2.870   1.00 0.00 ? 44 ASP A HA   1 
ATOM 668  H HB2  . ASP A 1 44 ? -1.687  12.436  4.634   1.00 0.00 ? 44 ASP A HB2  1 
ATOM 669  H HB3  . ASP A 1 44 ? -0.981  10.858  4.258   1.00 0.00 ? 44 ASP A HB3  1 
ATOM 670  N N    . LEU A 1 45 ? 0.885   11.107  1.218   1.00 0.00 ? 45 LEU A N    1 
ATOM 671  C CA   . LEU A 1 45 ? 2.099   10.513  0.628   1.00 0.00 ? 45 LEU A CA   1 
ATOM 672  C C    . LEU A 1 45 ? 2.993   11.545  -0.100  1.00 0.00 ? 45 LEU A C    1 
ATOM 673  O O    . LEU A 1 45 ? 3.679   11.199  -1.068  1.00 0.00 ? 45 LEU A O    1 
ATOM 674  C CB   . LEU A 1 45 ? 1.763   9.376   -0.357  1.00 0.00 ? 45 LEU A CB   1 
ATOM 675  C CG   . LEU A 1 45 ? 1.053   8.124   0.178   1.00 0.00 ? 45 LEU A CG   1 
ATOM 676  C CD1  . LEU A 1 45 ? 1.626   6.910   -0.567  1.00 0.00 ? 45 LEU A CD1  1 
ATOM 677  C CD2  . LEU A 1 45 ? 1.217   7.862   1.675   1.00 0.00 ? 45 LEU A CD2  1 
ATOM 678  H H    . LEU A 1 45 ? 0.014   10.990  0.716   1.00 0.00 ? 45 LEU A H    1 
ATOM 679  H HA   . LEU A 1 45 ? 2.670   10.068  1.448   1.00 0.00 ? 45 LEU A HA   1 
ATOM 680  H HB2  . LEU A 1 45 ? 1.186   9.784   -1.185  1.00 0.00 ? 45 LEU A HB2  1 
ATOM 681  H HB3  . LEU A 1 45 ? 2.705   9.038   -0.794  1.00 0.00 ? 45 LEU A HB3  1 
ATOM 682  H HG   . LEU A 1 45 ? -0.011  8.232   -0.033  1.00 0.00 ? 45 LEU A HG   1 
ATOM 683  H HD11 . LEU A 1 45 ? 1.082   6.005   -0.306  1.00 0.00 ? 45 LEU A HD11 1 
ATOM 684  H HD12 . LEU A 1 45 ? 1.579   7.064   -1.641  1.00 0.00 ? 45 LEU A HD12 1 
ATOM 685  H HD13 . LEU A 1 45 ? 2.671   6.790   -0.300  1.00 0.00 ? 45 LEU A HD13 1 
ATOM 686  H HD21 . LEU A 1 45 ? 0.806   6.886   1.932   1.00 0.00 ? 45 LEU A HD21 1 
ATOM 687  H HD22 . LEU A 1 45 ? 2.272   7.882   1.942   1.00 0.00 ? 45 LEU A HD22 1 
ATOM 688  H HD23 . LEU A 1 45 ? 0.674   8.619   2.238   1.00 0.00 ? 45 LEU A HD23 1 
ATOM 689  N N    . ASN A 1 46 ? 3.020   12.794  0.372   1.00 0.00 ? 46 ASN A N    1 
ATOM 690  C CA   . ASN A 1 46 ? 3.484   14.019  -0.283  1.00 0.00 ? 46 ASN A CA   1 
ATOM 691  C C    . ASN A 1 46 ? 4.514   13.810  -1.392  1.00 0.00 ? 46 ASN A C    1 
ATOM 692  O O    . ASN A 1 46 ? 4.215   14.119  -2.542  1.00 0.00 ? 46 ASN A O    1 
ATOM 693  C CB   . ASN A 1 46 ? 4.014   14.999  0.768   1.00 0.00 ? 46 ASN A CB   1 
ATOM 694  C CG   . ASN A 1 46 ? 4.389   16.305  0.078   1.00 0.00 ? 46 ASN A CG   1 
ATOM 695  O OD1  . ASN A 1 46 ? 3.533   16.996  -0.454  1.00 0.00 ? 46 ASN A OD1  1 
ATOM 696  N ND2  . ASN A 1 46 ? 5.658   16.655  0.027   1.00 0.00 ? 46 ASN A ND2  1 
ATOM 697  H H    . ASN A 1 46 ? 2.471   12.929  1.212   1.00 0.00 ? 46 ASN A H    1 
ATOM 698  H HA   . ASN A 1 46 ? 2.610   14.483  -0.747  1.00 0.00 ? 46 ASN A HA   1 
ATOM 699  H HB2  . ASN A 1 46 ? 3.224   15.188  1.493   1.00 0.00 ? 46 ASN A HB2  1 
ATOM 700  H HB3  . ASN A 1 46 ? 4.873   14.583  1.294   1.00 0.00 ? 46 ASN A HB3  1 
ATOM 701  H HD21 . ASN A 1 46 ? 6.391   16.131  0.494   1.00 0.00 ? 46 ASN A HD21 1 
ATOM 702  H HD22 . ASN A 1 46 ? 5.883   17.501  -0.490  1.00 0.00 ? 46 ASN A HD22 1 
ATOM 703  N N    . SER A 1 47 ? 5.706   13.293  -1.071  1.00 0.00 ? 47 SER A N    1 
ATOM 704  C CA   . SER A 1 47 ? 6.583   12.673  -2.060  1.00 0.00 ? 47 SER A CA   1 
ATOM 705  C C    . SER A 1 47 ? 7.486   11.645  -1.386  1.00 0.00 ? 47 SER A C    1 
ATOM 706  O O    . SER A 1 47 ? 7.422   10.456  -1.701  1.00 0.00 ? 47 SER A O    1 
ATOM 707  C CB   . SER A 1 47 ? 7.378   13.738  -2.822  1.00 0.00 ? 47 SER A CB   1 
ATOM 708  O OG   . SER A 1 47 ? 8.091   13.189  -3.911  1.00 0.00 ? 47 SER A OG   1 
ATOM 709  H H    . SER A 1 47 ? 5.855   13.063  -0.104  1.00 0.00 ? 47 SER A H    1 
ATOM 710  H HA   . SER A 1 47 ? 5.957   12.151  -2.779  1.00 0.00 ? 47 SER A HA   1 
ATOM 711  H HB2  . SER A 1 47 ? 6.681   14.469  -3.223  1.00 0.00 ? 47 SER A HB2  1 
ATOM 712  H HB3  . SER A 1 47 ? 8.071   14.241  -2.148  1.00 0.00 ? 47 SER A HB3  1 
ATOM 713  H HG   . SER A 1 47 ? 8.614   13.920  -4.270  1.00 0.00 ? 47 SER A HG   1 
ATOM 714  N N    . SER A 1 48 ? 8.326   12.069  -0.437  1.00 0.00 ? 48 SER A N    1 
ATOM 715  C CA   . SER A 1 48 ? 9.287   11.161  0.188   1.00 0.00 ? 48 SER A CA   1 
ATOM 716  C C    . SER A 1 48 ? 8.622   10.095  1.049   1.00 0.00 ? 48 SER A C    1 
ATOM 717  O O    . SER A 1 48 ? 9.195   9.027   1.252   1.00 0.00 ? 48 SER A O    1 
ATOM 718  C CB   . SER A 1 48 ? 10.320  11.924  1.007   1.00 0.00 ? 48 SER A CB   1 
ATOM 719  O OG   . SER A 1 48 ? 9.752   13.079  1.585   1.00 0.00 ? 48 SER A OG   1 
ATOM 720  H H    . SER A 1 48 ? 8.372   13.044  -0.172  1.00 0.00 ? 48 SER A H    1 
ATOM 721  H HA   . SER A 1 48 ? 9.814   10.639  -0.606  1.00 0.00 ? 48 SER A HA   1 
ATOM 722  H HB2  . SER A 1 48 ? 10.691  11.271  1.794   1.00 0.00 ? 48 SER A HB2  1 
ATOM 723  H HB3  . SER A 1 48 ? 11.153  12.196  0.359   1.00 0.00 ? 48 SER A HB3  1 
ATOM 724  H HG   . SER A 1 48 ? 10.124  13.194  2.472   1.00 0.00 ? 48 SER A HG   1 
ATOM 725  N N    . LYS A 1 49 ? 7.386   10.339  1.493   1.00 0.00 ? 49 LYS A N    1 
ATOM 726  C CA   . LYS A 1 49 ? 6.543   9.343   2.144   1.00 0.00 ? 49 LYS A CA   1 
ATOM 727  C C    . LYS A 1 49 ? 6.588   8.008   1.444   1.00 0.00 ? 49 LYS A C    1 
ATOM 728  O O    . LYS A 1 49 ? 6.602   6.981   2.126   1.00 0.00 ? 49 LYS A O    1 
ATOM 729  C CB   . LYS A 1 49 ? 5.094   9.805   2.128   1.00 0.00 ? 49 LYS A CB   1 
ATOM 730  C CG   . LYS A 1 49 ? 4.709   10.392  3.470   1.00 0.00 ? 49 LYS A CG   1 
ATOM 731  C CD   . LYS A 1 49 ? 4.474   9.321   4.539   1.00 0.00 ? 49 LYS A CD   1 
ATOM 732  C CE   . LYS A 1 49 ? 4.352   9.953   5.924   1.00 0.00 ? 49 LYS A CE   1 
ATOM 733  N NZ   . LYS A 1 49 ? 3.447   11.121  5.976   1.00 0.00 ? 49 LYS A NZ   1 
ATOM 734  H H    . LYS A 1 49 ? 6.991   11.244  1.291   1.00 0.00 ? 49 LYS A H    1 
ATOM 735  H HA   . LYS A 1 49 ? 6.876   9.197   3.167   1.00 0.00 ? 49 LYS A HA   1 
ATOM 736  H HB2  . LYS A 1 49 ? 4.962   10.557  1.352   1.00 0.00 ? 49 LYS A HB2  1 
ATOM 737  H HB3  . LYS A 1 49 ? 4.430   8.965   1.916   1.00 0.00 ? 49 LYS A HB3  1 
ATOM 738  H HG2  . LYS A 1 49 ? 5.465   11.104  3.777   1.00 0.00 ? 49 LYS A HG2  1 
ATOM 739  H HG3  . LYS A 1 49 ? 3.788   10.924  3.328   1.00 0.00 ? 49 LYS A HG3  1 
ATOM 740  H HD2  . LYS A 1 49 ? 3.570   8.761   4.298   1.00 0.00 ? 49 LYS A HD2  1 
ATOM 741  H HD3  . LYS A 1 49 ? 5.302   8.612   4.568   1.00 0.00 ? 49 LYS A HD3  1 
ATOM 742  H HE2  . LYS A 1 49 ? 3.992   9.190   6.608   1.00 0.00 ? 49 LYS A HE2  1 
ATOM 743  H HE3  . LYS A 1 49 ? 5.344   10.266  6.230   1.00 0.00 ? 49 LYS A HE3  1 
ATOM 744  H HZ1  . LYS A 1 49 ? 3.443   11.549  6.892   1.00 0.00 ? 49 LYS A HZ1  1 
ATOM 745  H HZ2  . LYS A 1 49 ? 3.684   11.848  5.310   1.00 0.00 ? 49 LYS A HZ2  1 
ATOM 746  H HZ3  . LYS A 1 49 ? 2.478   10.856  5.808   1.00 0.00 ? 49 LYS A HZ3  1 
ATOM 747  N N    . ALA A 1 50 ? 6.576   8.034   0.107   1.00 0.00 ? 50 ALA A N    1 
ATOM 748  C CA   . ALA A 1 50 ? 6.521   6.828   -0.675  1.00 0.00 ? 50 ALA A CA   1 
ATOM 749  C C    . ALA A 1 50 ? 7.631   5.875   -0.194  1.00 0.00 ? 50 ALA A C    1 
ATOM 750  O O    . ALA A 1 50 ? 7.362   4.705   0.031   1.00 0.00 ? 50 ALA A O    1 
ATOM 751  C CB   . ALA A 1 50 ? 6.635   7.166   -2.173  1.00 0.00 ? 50 ALA A CB   1 
ATOM 752  H H    . ALA A 1 50 ? 6.581   8.918   -0.388  1.00 0.00 ? 50 ALA A H    1 
ATOM 753  H HA   . ALA A 1 50 ? 5.534   6.394   -0.468  1.00 0.00 ? 50 ALA A HA   1 
ATOM 754  H HB1  . ALA A 1 50 ? 5.778   7.749   -2.519  1.00 0.00 ? 50 ALA A HB1  1 
ATOM 755  H HB2  . ALA A 1 50 ? 7.543   7.729   -2.387  1.00 0.00 ? 50 ALA A HB2  1 
ATOM 756  H HB3  . ALA A 1 50 ? 6.662   6.245   -2.744  1.00 0.00 ? 50 ALA A HB3  1 
ATOM 757  N N    . LEU A 1 51 ? 8.852   6.365   0.054   1.00 0.00 ? 51 LEU A N    1 
ATOM 758  C CA   . LEU A 1 51 ? 10.021  5.567   0.394   1.00 0.00 ? 51 LEU A CA   1 
ATOM 759  C C    . LEU A 1 51 ? 9.903   4.898   1.763   1.00 0.00 ? 51 LEU A C    1 
ATOM 760  O O    . LEU A 1 51 ? 10.362  3.766   1.891   1.00 0.00 ? 51 LEU A O    1 
ATOM 761  C CB   . LEU A 1 51 ? 11.270  6.460   0.407   1.00 0.00 ? 51 LEU A CB   1 
ATOM 762  C CG   . LEU A 1 51 ? 11.789  7.010   -0.927  1.00 0.00 ? 51 LEU A CG   1 
ATOM 763  C CD1  . LEU A 1 51 ? 12.288  5.895   -1.839  1.00 0.00 ? 51 LEU A CD1  1 
ATOM 764  C CD2  . LEU A 1 51 ? 10.804  7.904   -1.677  1.00 0.00 ? 51 LEU A CD2  1 
ATOM 765  H H    . LEU A 1 51 ? 9.034   7.360   -0.011  1.00 0.00 ? 51 LEU A H    1 
ATOM 766  H HA   . LEU A 1 51 ? 10.148  4.777   -0.349  1.00 0.00 ? 51 LEU A HA   1 
ATOM 767  H HB2  . LEU A 1 51 ? 11.072  7.304   1.060   1.00 0.00 ? 51 LEU A HB2  1 
ATOM 768  H HB3  . LEU A 1 51 ? 12.087  5.896   0.857   1.00 0.00 ? 51 LEU A HB3  1 
ATOM 769  H HG   . LEU A 1 51 ? 12.634  7.640   -0.681  1.00 0.00 ? 51 LEU A HG   1 
ATOM 770  H HD11 . LEU A 1 51 ? 13.026  5.287   -1.316  1.00 0.00 ? 51 LEU A HD11 1 
ATOM 771  H HD12 . LEU A 1 51 ? 11.455  5.267   -2.146  1.00 0.00 ? 51 LEU A HD12 1 
ATOM 772  H HD13 . LEU A 1 51 ? 12.759  6.326   -2.722  1.00 0.00 ? 51 LEU A HD13 1 
ATOM 773  H HD21 . LEU A 1 51 ? 11.302  8.349   -2.537  1.00 0.00 ? 51 LEU A HD21 1 
ATOM 774  H HD22 . LEU A 1 51 ? 9.958   7.334   -2.051  1.00 0.00 ? 51 LEU A HD22 1 
ATOM 775  H HD23 . LEU A 1 51 ? 10.457  8.692   -1.007  1.00 0.00 ? 51 LEU A HD23 1 
ATOM 776  N N    . ILE A 1 52 ? 9.321   5.550   2.782   1.00 0.00 ? 52 ILE A N    1 
ATOM 777  C CA   . ILE A 1 52 ? 9.084   4.924   4.087   1.00 0.00 ? 52 ILE A CA   1 
ATOM 778  C C    . ILE A 1 52 ? 8.297   3.645   3.857   1.00 0.00 ? 52 ILE A C    1 
ATOM 779  O O    . ILE A 1 52 ? 8.703   2.551   4.256   1.00 0.00 ? 52 ILE A O    1 
ATOM 780  C CB   . ILE A 1 52 ? 8.313   5.883   5.035   1.00 0.00 ? 52 ILE A CB   1 
ATOM 781  C CG1  . ILE A 1 52 ? 9.232   7.041   5.490   1.00 0.00 ? 52 ILE A CG1  1 
ATOM 782  C CG2  . ILE A 1 52 ? 7.737   5.163   6.286   1.00 0.00 ? 52 ILE A CG2  1 
ATOM 783  C CD1  . ILE A 1 52 ? 8.963   8.352   4.753   1.00 0.00 ? 52 ILE A CD1  1 
ATOM 784  H H    . ILE A 1 52 ? 9.003   6.502   2.650   1.00 0.00 ? 52 ILE A H    1 
ATOM 785  H HA   . ILE A 1 52 ? 10.043  4.658   4.533   1.00 0.00 ? 52 ILE A HA   1 
ATOM 786  H HB   . ILE A 1 52 ? 7.468   6.310   4.486   1.00 0.00 ? 52 ILE A HB   1 
ATOM 787  H HG12 . ILE A 1 52 ? 9.082   7.237   6.549   1.00 0.00 ? 52 ILE A HG12 1 
ATOM 788  H HG13 . ILE A 1 52 ? 10.280  6.766   5.353   1.00 0.00 ? 52 ILE A HG13 1 
ATOM 789  H HG21 . ILE A 1 52 ? 7.077   4.319   6.043   1.00 0.00 ? 52 ILE A HG21 1 
ATOM 790  H HG22 . ILE A 1 52 ? 8.554   4.788   6.896   1.00 0.00 ? 52 ILE A HG22 1 
ATOM 791  H HG23 . ILE A 1 52 ? 7.156   5.867   6.884   1.00 0.00 ? 52 ILE A HG23 1 
ATOM 792  H HD11 . ILE A 1 52 ? 7.968   8.714   5.012   1.00 0.00 ? 52 ILE A HD11 1 
ATOM 793  H HD12 . ILE A 1 52 ? 9.699   9.096   5.057   1.00 0.00 ? 52 ILE A HD12 1 
ATOM 794  H HD13 . ILE A 1 52 ? 9.037   8.194   3.680   1.00 0.00 ? 52 ILE A HD13 1 
ATOM 795  N N    . LEU A 1 53 ? 7.121   3.810   3.260   1.00 0.00 ? 53 LEU A N    1 
ATOM 796  C CA   . LEU A 1 53 ? 6.142   2.753   3.159   1.00 0.00 ? 53 LEU A CA   1 
ATOM 797  C C    . LEU A 1 53 ? 6.498   1.752   2.069   1.00 0.00 ? 53 LEU A C    1 
ATOM 798  O O    . LEU A 1 53 ? 6.118   0.594   2.177   1.00 0.00 ? 53 LEU A O    1 
ATOM 799  C CB   . LEU A 1 53 ? 4.792   3.417   2.919   1.00 0.00 ? 53 LEU A CB   1 
ATOM 800  C CG   . LEU A 1 53 ? 3.560   2.533   3.141   1.00 0.00 ? 53 LEU A CG   1 
ATOM 801  C CD1  . LEU A 1 53 ? 3.630   1.790   4.475   1.00 0.00 ? 53 LEU A CD1  1 
ATOM 802  C CD2  . LEU A 1 53 ? 2.324   3.439   3.134   1.00 0.00 ? 53 LEU A CD2  1 
ATOM 803  H H    . LEU A 1 53 ? 6.842   4.745   2.989   1.00 0.00 ? 53 LEU A H    1 
ATOM 804  H HA   . LEU A 1 53 ? 6.132   2.229   4.113   1.00 0.00 ? 53 LEU A HA   1 
ATOM 805  H HB2  . LEU A 1 53 ? 4.728   4.274   3.587   1.00 0.00 ? 53 LEU A HB2  1 
ATOM 806  H HB3  . LEU A 1 53 ? 4.781   3.776   1.894   1.00 0.00 ? 53 LEU A HB3  1 
ATOM 807  H HG   . LEU A 1 53 ? 3.484   1.807   2.333   1.00 0.00 ? 53 LEU A HG   1 
ATOM 808  H HD11 . LEU A 1 53 ? 3.762   2.483   5.308   1.00 0.00 ? 53 LEU A HD11 1 
ATOM 809  H HD12 . LEU A 1 53 ? 2.719   1.230   4.615   1.00 0.00 ? 53 LEU A HD12 1 
ATOM 810  H HD13 . LEU A 1 53 ? 4.410   1.037   4.455   1.00 0.00 ? 53 LEU A HD13 1 
ATOM 811  H HD21 . LEU A 1 53 ? 2.432   4.228   3.877   1.00 0.00 ? 53 LEU A HD21 1 
ATOM 812  H HD22 . LEU A 1 53 ? 2.212   3.883   2.144   1.00 0.00 ? 53 LEU A HD22 1 
ATOM 813  H HD23 . LEU A 1 53 ? 1.427   2.872   3.378   1.00 0.00 ? 53 LEU A HD23 1 
ATOM 814  N N    . LEU A 1 54 ? 7.265   2.149   1.054   1.00 0.00 ? 54 LEU A N    1 
ATOM 815  C CA   . LEU A 1 54 ? 7.957   1.242   0.145   1.00 0.00 ? 54 LEU A CA   1 
ATOM 816  C C    . LEU A 1 54 ? 8.890   0.369   0.972   1.00 0.00 ? 54 LEU A C    1 
ATOM 817  O O    . LEU A 1 54 ? 8.695   -0.837  0.981   1.00 0.00 ? 54 LEU A O    1 
ATOM 818  C CB   . LEU A 1 54 ? 8.770   2.009   -0.917  1.00 0.00 ? 54 LEU A CB   1 
ATOM 819  C CG   . LEU A 1 54 ? 7.985   2.526   -2.140  1.00 0.00 ? 54 LEU A CG   1 
ATOM 820  C CD1  . LEU A 1 54 ? 8.902   3.418   -2.991  1.00 0.00 ? 54 LEU A CD1  1 
ATOM 821  C CD2  . LEU A 1 54 ? 7.443   1.394   -3.015  1.00 0.00 ? 54 LEU A CD2  1 
ATOM 822  H H    . LEU A 1 54 ? 7.466   3.142   0.989   1.00 0.00 ? 54 LEU A H    1 
ATOM 823  H HA   . LEU A 1 54 ? 7.225   0.577   -0.319  1.00 0.00 ? 54 LEU A HA   1 
ATOM 824  H HB2  . LEU A 1 54 ? 9.246   2.846   -0.416  1.00 0.00 ? 54 LEU A HB2  1 
ATOM 825  H HB3  . LEU A 1 54 ? 9.588   1.382   -1.276  1.00 0.00 ? 54 LEU A HB3  1 
ATOM 826  H HG   . LEU A 1 54 ? 7.137   3.116   -1.806  1.00 0.00 ? 54 LEU A HG   1 
ATOM 827  H HD11 . LEU A 1 54 ? 9.202   4.292   -2.416  1.00 0.00 ? 54 LEU A HD11 1 
ATOM 828  H HD12 . LEU A 1 54 ? 9.790   2.857   -3.288  1.00 0.00 ? 54 LEU A HD12 1 
ATOM 829  H HD13 . LEU A 1 54 ? 8.386   3.747   -3.890  1.00 0.00 ? 54 LEU A HD13 1 
ATOM 830  H HD21 . LEU A 1 54 ? 8.261   0.731   -3.295  1.00 0.00 ? 54 LEU A HD21 1 
ATOM 831  H HD22 . LEU A 1 54 ? 6.680   0.841   -2.473  1.00 0.00 ? 54 LEU A HD22 1 
ATOM 832  H HD23 . LEU A 1 54 ? 6.997   1.804   -3.923  1.00 0.00 ? 54 LEU A HD23 1 
ATOM 833  N N    . GLY A 1 55 ? 9.828   0.942   1.730   1.00 0.00 ? 55 GLY A N    1 
ATOM 834  C CA   . GLY A 1 55 ? 10.765  0.197   2.571   1.00 0.00 ? 55 GLY A CA   1 
ATOM 835  C C    . GLY A 1 55 ? 10.105  -0.630  3.671   1.00 0.00 ? 55 GLY A C    1 
ATOM 836  O O    . GLY A 1 55 ? 10.785  -1.434  4.316   1.00 0.00 ? 55 GLY A O    1 
ATOM 837  H H    . GLY A 1 55 ? 9.968   1.948   1.680   1.00 0.00 ? 55 GLY A H    1 
ATOM 838  H HA2  . GLY A 1 55 ? 11.316  -0.504  1.950   1.00 0.00 ? 55 GLY A HA2  1 
ATOM 839  H HA3  . GLY A 1 55 ? 11.467  0.898   3.019   1.00 0.00 ? 55 GLY A HA3  1 
ATOM 840  N N    . ARG A 1 56 ? 8.799   -0.457  3.897   1.00 0.00 ? 56 ARG A N    1 
ATOM 841  C CA   . ARG A 1 56 ? 7.965   -1.414  4.600   1.00 0.00 ? 56 ARG A CA   1 
ATOM 842  C C    . ARG A 1 56 ? 7.512   -2.493  3.628   1.00 0.00 ? 56 ARG A C    1 
ATOM 843  O O    . ARG A 1 56 ? 7.806   -3.657  3.849   1.00 0.00 ? 56 ARG A O    1 
ATOM 844  C CB   . ARG A 1 56 ? 6.787   -0.719  5.282   1.00 0.00 ? 56 ARG A CB   1 
ATOM 845  C CG   . ARG A 1 56 ? 7.330   0.099   6.448   1.00 0.00 ? 56 ARG A CG   1 
ATOM 846  C CD   . ARG A 1 56 ? 6.291   1.016   7.060   1.00 0.00 ? 56 ARG A CD   1 
ATOM 847  N NE   . ARG A 1 56 ? 6.943   1.926   8.006   1.00 0.00 ? 56 ARG A NE   1 
ATOM 848  C CZ   . ARG A 1 56 ? 6.595   2.181   9.267   1.00 0.00 ? 56 ARG A CZ   1 
ATOM 849  N NH1  . ARG A 1 56 ? 5.549   1.594   9.838   1.00 0.00 ? 56 ARG A NH1  1 
ATOM 850  N NH2  . ARG A 1 56 ? 7.329   3.040   9.952   1.00 0.00 ? 56 ARG A NH2  1 
ATOM 851  H H    . ARG A 1 56 ? 8.329   0.277   3.390   1.00 0.00 ? 56 ARG A H    1 
ATOM 852  H HA   . ARG A 1 56 ? 8.566   -1.870  5.373   1.00 0.00 ? 56 ARG A HA   1 
ATOM 853  H HB2  . ARG A 1 56 ? 6.274   -0.076  4.577   1.00 0.00 ? 56 ARG A HB2  1 
ATOM 854  H HB3  . ARG A 1 56 ? 6.090   -1.462  5.666   1.00 0.00 ? 56 ARG A HB3  1 
ATOM 855  H HG2  . ARG A 1 56 ? 7.693   -0.577  7.209   1.00 0.00 ? 56 ARG A HG2  1 
ATOM 856  H HG3  . ARG A 1 56 ? 8.152   0.720   6.105   1.00 0.00 ? 56 ARG A HG3  1 
ATOM 857  H HD2  . ARG A 1 56 ? 5.824   1.552   6.250   1.00 0.00 ? 56 ARG A HD2  1 
ATOM 858  H HD3  . ARG A 1 56 ? 5.512   0.458   7.549   1.00 0.00 ? 56 ARG A HD3  1 
ATOM 859  H HE   . ARG A 1 56 ? 7.813   2.354   7.690   1.00 0.00 ? 56 ARG A HE   1 
ATOM 860  H HH11 . ARG A 1 56 ? 5.059   0.813   9.409   1.00 0.00 ? 56 ARG A HH11 1 
ATOM 861  H HH12 . ARG A 1 56 ? 5.171   1.899   10.738  1.00 0.00 ? 56 ARG A HH12 1 
ATOM 862  H HH21 . ARG A 1 56 ? 8.186   3.392   9.527   1.00 0.00 ? 56 ARG A HH21 1 
ATOM 863  H HH22 . ARG A 1 56 ? 7.134   3.250   10.928  1.00 0.00 ? 56 ARG A HH22 1 
ATOM 864  N N    . LEU A 1 57 ? 6.805   -2.113  2.567   1.00 0.00 ? 57 LEU A N    1 
ATOM 865  C CA   . LEU A 1 57 ? 6.184   -2.977  1.569   1.00 0.00 ? 57 LEU A CA   1 
ATOM 866  C C    . LEU A 1 57 ? 7.138   -4.023  0.992   1.00 0.00 ? 57 LEU A C    1 
ATOM 867  O O    . LEU A 1 57 ? 6.836   -5.211  1.032   1.00 0.00 ? 57 LEU A O    1 
ATOM 868  C CB   . LEU A 1 57 ? 5.592   -2.073  0.474   1.00 0.00 ? 57 LEU A CB   1 
ATOM 869  C CG   . LEU A 1 57 ? 4.648   -2.745  -0.539  1.00 0.00 ? 57 LEU A CG   1 
ATOM 870  C CD1  . LEU A 1 57 ? 3.811   -3.921  -0.035  1.00 0.00 ? 57 LEU A CD1  1 
ATOM 871  C CD2  . LEU A 1 57 ? 3.770   -1.650  -1.156  1.00 0.00 ? 57 LEU A CD2  1 
ATOM 872  H H    . LEU A 1 57 ? 6.613   -1.120  2.457   1.00 0.00 ? 57 LEU A H    1 
ATOM 873  H HA   . LEU A 1 57 ? 5.370   -3.508  2.059   1.00 0.00 ? 57 LEU A HA   1 
ATOM 874  H HB2  . LEU A 1 57 ? 5.072   -1.245  0.949   1.00 0.00 ? 57 LEU A HB2  1 
ATOM 875  H HB3  . LEU A 1 57 ? 6.409   -1.621  -0.084  1.00 0.00 ? 57 LEU A HB3  1 
ATOM 876  H HG   . LEU A 1 57 ? 5.257   -3.154  -1.324  1.00 0.00 ? 57 LEU A HG   1 
ATOM 877  H HD11 . LEU A 1 57 ? 3.252   -3.657  0.852   1.00 0.00 ? 57 LEU A HD11 1 
ATOM 878  H HD12 . LEU A 1 57 ? 3.113   -4.254  -0.799  1.00 0.00 ? 57 LEU A HD12 1 
ATOM 879  H HD13 . LEU A 1 57 ? 4.472   -4.756  0.196   1.00 0.00 ? 57 LEU A HD13 1 
ATOM 880  H HD21 . LEU A 1 57 ? 4.386   -0.987  -1.765  1.00 0.00 ? 57 LEU A HD21 1 
ATOM 881  H HD22 . LEU A 1 57 ? 2.999   -2.097  -1.776  1.00 0.00 ? 57 LEU A HD22 1 
ATOM 882  H HD23 . LEU A 1 57 ? 3.277   -1.074  -0.378  1.00 0.00 ? 57 LEU A HD23 1 
ATOM 883  N N    . GLU A 1 58 ? 8.284   -3.615  0.445   1.00 0.00 ? 58 GLU A N    1 
ATOM 884  C CA   . GLU A 1 58 ? 9.239   -4.554  -0.153  1.00 0.00 ? 58 GLU A CA   1 
ATOM 885  C C    . GLU A 1 58 ? 9.702   -5.579  0.867   1.00 0.00 ? 58 GLU A C    1 
ATOM 886  O O    . GLU A 1 58 ? 9.694   -6.780  0.621   1.00 0.00 ? 58 GLU A O    1 
ATOM 887  C CB   . GLU A 1 58 ? 10.438  -3.877  -0.830  1.00 0.00 ? 58 GLU A CB   1 
ATOM 888  C CG   . GLU A 1 58 ? 10.828  -2.534  -0.255  1.00 0.00 ? 58 GLU A CG   1 
ATOM 889  C CD   . GLU A 1 58 ? 12.223  -2.045  -0.631  1.00 0.00 ? 58 GLU A CD   1 
ATOM 890  O OE1  . GLU A 1 58 ? 13.214  -2.520  -0.027  1.00 0.00 ? 58 GLU A OE1  1 
ATOM 891  O OE2  . GLU A 1 58 ? 12.333  -1.112  -1.452  1.00 0.00 ? 58 GLU A OE2  1 
ATOM 892  H H    . GLU A 1 58 ? 8.496   -2.621  0.440   1.00 0.00 ? 58 GLU A H    1 
ATOM 893  H HA   . GLU A 1 58 ? 8.711   -5.090  -0.920  1.00 0.00 ? 58 GLU A HA   1 
ATOM 894  H HB2  . GLU A 1 58 ? 11.292  -4.543  -0.804  1.00 0.00 ? 58 GLU A HB2  1 
ATOM 895  H HB3  . GLU A 1 58 ? 10.173  -3.709  -1.846  1.00 0.00 ? 58 GLU A HB3  1 
ATOM 896  H HG2  . GLU A 1 58 ? 10.126  -1.796  -0.633  1.00 0.00 ? 58 GLU A HG2  1 
ATOM 897  H HG3  . GLU A 1 58 ? 10.704  -2.646  0.811   1.00 0.00 ? 58 GLU A HG3  1 
ATOM 898  N N    . LYS A 1 59 ? 10.067  -5.093  2.043   1.00 0.00 ? 59 LYS A N    1 
ATOM 899  C CA   . LYS A 1 59 ? 10.456  -5.903  3.191   1.00 0.00 ? 59 LYS A CA   1 
ATOM 900  C C    . LYS A 1 59 ? 9.353   -6.828  3.693   1.00 0.00 ? 59 LYS A C    1 
ATOM 901  O O    . LYS A 1 59 ? 9.651   -7.964  4.059   1.00 0.00 ? 59 LYS A O    1 
ATOM 902  C CB   . LYS A 1 59 ? 10.927  -4.980  4.288   1.00 0.00 ? 59 LYS A CB   1 
ATOM 903  C CG   . LYS A 1 59 ? 12.454  -4.859  4.180   1.00 0.00 ? 59 LYS A CG   1 
ATOM 904  C CD   . LYS A 1 59 ? 13.027  -4.097  2.969   1.00 0.00 ? 59 LYS A CD   1 
ATOM 905  C CE   . LYS A 1 59 ? 13.381  -5.026  1.797   1.00 0.00 ? 59 LYS A CE   1 
ATOM 906  N NZ   . LYS A 1 59 ? 14.664  -5.738  1.969   1.00 0.00 ? 59 LYS A NZ   1 
ATOM 907  H H    . LYS A 1 59 ? 10.038  -4.081  2.091   1.00 0.00 ? 59 LYS A H    1 
ATOM 908  H HA   . LYS A 1 59 ? 11.315  -6.518  2.942   1.00 0.00 ? 59 LYS A HA   1 
ATOM 909  H HB2  . LYS A 1 59 ? 10.420  -4.021  4.210   1.00 0.00 ? 59 LYS A HB2  1 
ATOM 910  H HB3  . LYS A 1 59 ? 10.657  -5.422  5.246   1.00 0.00 ? 59 LYS A HB3  1 
ATOM 911  H HG2  . LYS A 1 59 ? 12.764  -4.363  5.070   1.00 0.00 ? 59 LYS A HG2  1 
ATOM 912  H HG3  . LYS A 1 59 ? 12.891  -5.856  4.218   1.00 0.00 ? 59 LYS A HG3  1 
ATOM 913  H HD2  . LYS A 1 59 ? 12.305  -3.351  2.637   1.00 0.00 ? 59 LYS A HD2  1 
ATOM 914  H HD3  . LYS A 1 59 ? 13.928  -3.561  3.273   1.00 0.00 ? 59 LYS A HD3  1 
ATOM 915  H HE2  . LYS A 1 59 ? 12.582  -5.749  1.645   1.00 0.00 ? 59 LYS A HE2  1 
ATOM 916  H HE3  . LYS A 1 59 ? 13.447  -4.441  0.881   1.00 0.00 ? 59 LYS A HE3  1 
ATOM 917  H HZ1  . LYS A 1 59 ? 14.694  -6.580  1.393   1.00 0.00 ? 59 LYS A HZ1  1 
ATOM 918  H HZ2  . LYS A 1 59 ? 15.432  -5.141  1.681   1.00 0.00 ? 59 LYS A HZ2  1 
ATOM 919  H HZ3  . LYS A 1 59 ? 14.815  -6.011  2.937   1.00 0.00 ? 59 LYS A HZ3  1 
ATOM 920  N N    . TRP A 1 60 ? 8.104   -6.372  3.709   1.00 0.00 ? 60 TRP A N    1 
ATOM 921  C CA   . TRP A 1 60 ? 6.940   -7.174  4.047   1.00 0.00 ? 60 TRP A CA   1 
ATOM 922  C C    . TRP A 1 60 ? 6.833   -8.338  3.071   1.00 0.00 ? 60 TRP A C    1 
ATOM 923  O O    . TRP A 1 60 ? 6.553   -9.465  3.484   1.00 0.00 ? 60 TRP A O    1 
ATOM 924  C CB   . TRP A 1 60 ? 5.674   -6.309  4.017   1.00 0.00 ? 60 TRP A CB   1 
ATOM 925  C CG   . TRP A 1 60 ? 4.403   -7.020  4.366   1.00 0.00 ? 60 TRP A CG   1 
ATOM 926  C CD1  . TRP A 1 60 ? 4.171   -7.782  5.459   1.00 0.00 ? 60 TRP A CD1  1 
ATOM 927  C CD2  . TRP A 1 60 ? 3.173   -7.066  3.589   1.00 0.00 ? 60 TRP A CD2  1 
ATOM 928  N NE1  . TRP A 1 60 ? 2.900   -8.313  5.395   1.00 0.00 ? 60 TRP A NE1  1 
ATOM 929  C CE2  . TRP A 1 60 ? 2.238   -7.901  4.259   1.00 0.00 ? 60 TRP A CE2  1 
ATOM 930  C CE3  . TRP A 1 60 ? 2.732   -6.440  2.407   1.00 0.00 ? 60 TRP A CE3  1 
ATOM 931  C CZ2  . TRP A 1 60 ? 0.958   -8.133  3.740   1.00 0.00 ? 60 TRP A CZ2  1 
ATOM 932  C CZ3  . TRP A 1 60 ? 1.433   -6.626  1.920   1.00 0.00 ? 60 TRP A CZ3  1 
ATOM 933  C CH2  . TRP A 1 60 ? 0.561   -7.520  2.553   1.00 0.00 ? 60 TRP A CH2  1 
ATOM 934  H H    . TRP A 1 60 ? 7.939   -5.410  3.439   1.00 0.00 ? 60 TRP A H    1 
ATOM 935  H HA   . TRP A 1 60 ? 7.060   -7.569  5.051   1.00 0.00 ? 60 TRP A HA   1 
ATOM 936  H HB2  . TRP A 1 60 ? 5.812   -5.455  4.678   1.00 0.00 ? 60 TRP A HB2  1 
ATOM 937  H HB3  . TRP A 1 60 ? 5.529   -5.909  3.015   1.00 0.00 ? 60 TRP A HB3  1 
ATOM 938  H HD1  . TRP A 1 60 ? 4.877   -7.984  6.249   1.00 0.00 ? 60 TRP A HD1  1 
ATOM 939  H HE1  . TRP A 1 60 ? 2.542   -8.975  6.082   1.00 0.00 ? 60 TRP A HE1  1 
ATOM 940  H HE3  . TRP A 1 60 ? 3.374   -5.752  1.899   1.00 0.00 ? 60 TRP A HE3  1 
ATOM 941  H HZ2  . TRP A 1 60 ? 0.211   -8.726  4.224   1.00 0.00 ? 60 TRP A HZ2  1 
ATOM 942  H HZ3  . TRP A 1 60 ? 1.091   -6.021  1.105   1.00 0.00 ? 60 TRP A HZ3  1 
ATOM 943  H HH2  . TRP A 1 60 ? -0.448  -7.696  2.207   1.00 0.00 ? 60 TRP A HH2  1 
ATOM 944  N N    . LEU A 1 61 ? 7.094   -8.065  1.790   1.00 0.00 ? 61 LEU A N    1 
ATOM 945  C CA   . LEU A 1 61 ? 7.026   -9.052  0.715   1.00 0.00 ? 61 LEU A CA   1 
ATOM 946  C C    . LEU A 1 61 ? 8.294   -9.921  0.660   1.00 0.00 ? 61 LEU A C    1 
ATOM 947  O O    . LEU A 1 61 ? 8.259   -10.989 0.055   1.00 0.00 ? 61 LEU A O    1 
ATOM 948  C CB   . LEU A 1 61 ? 6.830   -8.347  -0.648  1.00 0.00 ? 61 LEU A CB   1 
ATOM 949  C CG   . LEU A 1 61 ? 5.352   -8.041  -0.960  1.00 0.00 ? 61 LEU A CG   1 
ATOM 950  C CD1  . LEU A 1 61 ? 5.202   -6.821  -1.871  1.00 0.00 ? 61 LEU A CD1  1 
ATOM 951  C CD2  . LEU A 1 61 ? 4.673   -9.218  -1.671  1.00 0.00 ? 61 LEU A CD2  1 
ATOM 952  H H    . LEU A 1 61 ? 7.382   -7.108  1.592   1.00 0.00 ? 61 LEU A H    1 
ATOM 953  H HA   . LEU A 1 61 ? 6.159   -9.689  0.932   1.00 0.00 ? 61 LEU A HA   1 
ATOM 954  H HB2  . LEU A 1 61 ? 7.409   -7.424  -0.653  1.00 0.00 ? 61 LEU A HB2  1 
ATOM 955  H HB3  . LEU A 1 61 ? 7.233   -8.975  -1.445  1.00 0.00 ? 61 LEU A HB3  1 
ATOM 956  H HG   . LEU A 1 61 ? 4.830   -7.829  -0.025  1.00 0.00 ? 61 LEU A HG   1 
ATOM 957  H HD11 . LEU A 1 61 ? 4.143   -6.612  -2.022  1.00 0.00 ? 61 LEU A HD11 1 
ATOM 958  H HD12 . LEU A 1 61 ? 5.678   -5.959  -1.402  1.00 0.00 ? 61 LEU A HD12 1 
ATOM 959  H HD13 . LEU A 1 61 ? 5.659   -7.020  -2.842  1.00 0.00 ? 61 LEU A HD13 1 
ATOM 960  H HD21 . LEU A 1 61 ? 5.021   -9.292  -2.696  1.00 0.00 ? 61 LEU A HD21 1 
ATOM 961  H HD22 . LEU A 1 61 ? 4.909   -10.157 -1.175  1.00 0.00 ? 61 LEU A HD22 1 
ATOM 962  H HD23 . LEU A 1 61 ? 3.593   -9.065  -1.688  1.00 0.00 ? 61 LEU A HD23 1 
ATOM 963  N N    . GLY A 1 62 ? 9.404   -9.471  1.258   1.00 0.00 ? 62 GLY A N    1 
ATOM 964  C CA   . GLY A 1 62 ? 10.680  -10.176 1.337   1.00 0.00 ? 62 GLY A CA   1 
ATOM 965  C C    . GLY A 1 62 ? 11.705  -9.791  0.261   1.00 0.00 ? 62 GLY A C    1 
ATOM 966  O O    . GLY A 1 62 ? 12.713  -10.489 0.125   1.00 0.00 ? 62 GLY A O    1 
ATOM 967  H H    . GLY A 1 62 ? 9.374   -8.532  1.630   1.00 0.00 ? 62 GLY A H    1 
ATOM 968  H HA2  . GLY A 1 62 ? 11.122  -9.976  2.312   1.00 0.00 ? 62 GLY A HA2  1 
ATOM 969  H HA3  . GLY A 1 62 ? 10.499  -11.248 1.268   1.00 0.00 ? 62 GLY A HA3  1 
ATOM 970  N N    . LYS A 1 63 ? 11.472  -8.727  -0.517  1.00 0.00 ? 63 LYS A N    1 
ATOM 971  C CA   . LYS A 1 63 ? 12.210  -8.424  -1.752  1.00 0.00 ? 63 LYS A CA   1 
ATOM 972  C C    . LYS A 1 63 ? 12.655  -6.957  -1.770  1.00 0.00 ? 63 LYS A C    1 
ATOM 973  O O    . LYS A 1 63 ? 12.871  -6.357  -0.717  1.00 0.00 ? 63 LYS A O    1 
ATOM 974  C CB   . LYS A 1 63 ? 11.358  -8.738  -2.997  1.00 0.00 ? 63 LYS A CB   1 
ATOM 975  C CG   . LYS A 1 63 ? 10.575  -10.056 -3.036  1.00 0.00 ? 63 LYS A CG   1 
ATOM 976  C CD   . LYS A 1 63 ? 11.493  -11.278 -3.125  1.00 0.00 ? 63 LYS A CD   1 
ATOM 977  C CE   . LYS A 1 63 ? 10.668  -12.400 -3.747  1.00 0.00 ? 63 LYS A CE   1 
ATOM 978  N NZ   . LYS A 1 63 ? 11.370  -13.691 -3.788  1.00 0.00 ? 63 LYS A NZ   1 
ATOM 979  H H    . LYS A 1 63 ? 10.729  -8.090  -0.244  1.00 0.00 ? 63 LYS A H    1 
ATOM 980  H HA   . LYS A 1 63 ? 13.108  -9.043  -1.794  1.00 0.00 ? 63 LYS A HA   1 
ATOM 981  H HB2  . LYS A 1 63 ? 10.658  -7.919  -3.098  1.00 0.00 ? 63 LYS A HB2  1 
ATOM 982  H HB3  . LYS A 1 63 ? 11.999  -8.709  -3.881  1.00 0.00 ? 63 LYS A HB3  1 
ATOM 983  H HG2  . LYS A 1 63 ? 9.922   -10.144 -2.168  1.00 0.00 ? 63 LYS A HG2  1 
ATOM 984  H HG3  . LYS A 1 63 ? 9.931   -10.032 -3.920  1.00 0.00 ? 63 LYS A HG3  1 
ATOM 985  H HD2  . LYS A 1 63 ? 12.354  -11.067 -3.765  1.00 0.00 ? 63 LYS A HD2  1 
ATOM 986  H HD3  . LYS A 1 63 ? 11.831  -11.556 -2.127  1.00 0.00 ? 63 LYS A HD3  1 
ATOM 987  H HE2  . LYS A 1 63 ? 9.728   -12.516 -3.206  1.00 0.00 ? 63 LYS A HE2  1 
ATOM 988  H HE3  . LYS A 1 63 ? 10.409  -12.108 -4.762  1.00 0.00 ? 63 LYS A HE3  1 
ATOM 989  H HZ1  . LYS A 1 63 ? 12.156  -13.673 -4.432  1.00 0.00 ? 63 LYS A HZ1  1 
ATOM 990  H HZ2  . LYS A 1 63 ? 11.654  -14.007 -2.873  1.00 0.00 ? 63 LYS A HZ2  1 
ATOM 991  H HZ3  . LYS A 1 63 ? 10.720  -14.387 -4.146  1.00 0.00 ? 63 LYS A HZ3  1 
ATOM 992  N N    . GLU A 1 64 ? 12.826  -6.380  -2.959  1.00 0.00 ? 64 GLU A N    1 
ATOM 993  C CA   . GLU A 1 64 ? 12.997  -4.964  -3.269  1.00 0.00 ? 64 GLU A CA   1 
ATOM 994  C C    . GLU A 1 64 ? 11.703  -4.417  -3.891  1.00 0.00 ? 64 GLU A C    1 
ATOM 995  O O    . GLU A 1 64 ? 10.741  -5.172  -4.064  1.00 0.00 ? 64 GLU A O    1 
ATOM 996  C CB   . GLU A 1 64 ? 14.168  -4.799  -4.247  1.00 0.00 ? 64 GLU A CB   1 
ATOM 997  C CG   . GLU A 1 64 ? 13.927  -5.561  -5.555  1.00 0.00 ? 64 GLU A CG   1 
ATOM 998  C CD   . GLU A 1 64 ? 15.001  -5.318  -6.607  1.00 0.00 ? 64 GLU A CD   1 
ATOM 999  O OE1  . GLU A 1 64 ? 16.179  -5.076  -6.242  1.00 0.00 ? 64 GLU A OE1  1 
ATOM 1000 O OE2  . GLU A 1 64 ? 14.659  -5.440  -7.810  1.00 0.00 ? 64 GLU A OE2  1 
ATOM 1001 H H    . GLU A 1 64 ? 12.668  -6.951  -3.774  1.00 0.00 ? 64 GLU A H    1 
ATOM 1002 H HA   . GLU A 1 64 ? 13.223  -4.407  -2.365  1.00 0.00 ? 64 GLU A HA   1 
ATOM 1003 H HB2  . GLU A 1 64 ? 14.298  -3.742  -4.470  1.00 0.00 ? 64 GLU A HB2  1 
ATOM 1004 H HB3  . GLU A 1 64 ? 15.078  -5.172  -3.782  1.00 0.00 ? 64 GLU A HB3  1 
ATOM 1005 H HG2  . GLU A 1 64 ? 13.884  -6.627  -5.343  1.00 0.00 ? 64 GLU A HG2  1 
ATOM 1006 H HG3  . GLU A 1 64 ? 12.964  -5.274  -5.973  1.00 0.00 ? 64 GLU A HG3  1 
ATOM 1007 N N    . LEU A 1 65 ? 11.697  -3.125  -4.245  1.00 0.00 ? 65 LEU A N    1 
ATOM 1008 C CA   . LEU A 1 65 ? 10.701  -2.427  -5.062  1.00 0.00 ? 65 LEU A CA   1 
ATOM 1009 C C    . LEU A 1 65 ? 11.443  -1.490  -6.044  1.00 0.00 ? 65 LEU A C    1 
ATOM 1010 O O    . LEU A 1 65 ? 12.658  -1.611  -6.233  1.00 0.00 ? 65 LEU A O    1 
ATOM 1011 C CB   . LEU A 1 65 ? 9.678   -1.707  -4.143  1.00 0.00 ? 65 LEU A CB   1 
ATOM 1012 C CG   . LEU A 1 65 ? 8.494   -2.617  -3.761  1.00 0.00 ? 65 LEU A CG   1 
ATOM 1013 C CD1  . LEU A 1 65 ? 7.710   -2.085  -2.557  1.00 0.00 ? 65 LEU A CD1  1 
ATOM 1014 C CD2  . LEU A 1 65 ? 7.488   -2.804  -4.892  1.00 0.00 ? 65 LEU A CD2  1 
ATOM 1015 H H    . LEU A 1 65 ? 12.541  -2.589  -4.088  1.00 0.00 ? 65 LEU A H    1 
ATOM 1016 H HA   . LEU A 1 65 ? 10.182  -3.170  -5.669  1.00 0.00 ? 65 LEU A HA   1 
ATOM 1017 H HB2  . LEU A 1 65 ? 10.194  -1.392  -3.230  1.00 0.00 ? 65 LEU A HB2  1 
ATOM 1018 H HB3  . LEU A 1 65 ? 9.282   -0.819  -4.634  1.00 0.00 ? 65 LEU A HB3  1 
ATOM 1019 H HG   . LEU A 1 65 ? 8.869   -3.600  -3.497  1.00 0.00 ? 65 LEU A HG   1 
ATOM 1020 H HD11 . LEU A 1 65 ? 6.943   -1.379  -2.868  1.00 0.00 ? 65 LEU A HD11 1 
ATOM 1021 H HD12 . LEU A 1 65 ? 7.246   -2.941  -2.074  1.00 0.00 ? 65 LEU A HD12 1 
ATOM 1022 H HD13 . LEU A 1 65 ? 8.375   -1.604  -1.844  1.00 0.00 ? 65 LEU A HD13 1 
ATOM 1023 H HD21 . LEU A 1 65 ? 6.974   -1.867  -5.103  1.00 0.00 ? 65 LEU A HD21 1 
ATOM 1024 H HD22 . LEU A 1 65 ? 7.995   -3.171  -5.786  1.00 0.00 ? 65 LEU A HD22 1 
ATOM 1025 H HD23 . LEU A 1 65 ? 6.774   -3.565  -4.579  1.00 0.00 ? 65 LEU A HD23 1 
ATOM 1026 N N    . ASN A 1 66 ? 10.722  -0.594  -6.731  1.00 0.00 ? 66 ASN A N    1 
ATOM 1027 C CA   . ASN A 1 66 ? 11.255  0.375   -7.698  1.00 0.00 ? 66 ASN A CA   1 
ATOM 1028 C C    . ASN A 1 66 ? 10.388  1.636   -7.615  1.00 0.00 ? 66 ASN A C    1 
ATOM 1029 O O    . ASN A 1 66 ? 9.169   1.493   -7.462  1.00 0.00 ? 66 ASN A O    1 
ATOM 1030 C CB   . ASN A 1 66 ? 11.159  -0.241  -9.109  1.00 0.00 ? 66 ASN A CB   1 
ATOM 1031 C CG   . ASN A 1 66 ? 12.161  0.281   -10.122 1.00 0.00 ? 66 ASN A CG   1 
ATOM 1032 O OD1  . ASN A 1 66 ? 13.296  0.625   -9.815  1.00 0.00 ? 66 ASN A OD1  1 
ATOM 1033 N ND2  . ASN A 1 66 ? 11.764  0.324   -11.377 1.00 0.00 ? 66 ASN A ND2  1 
ATOM 1034 H H    . ASN A 1 66 ? 9.736   -0.499  -6.536  1.00 0.00 ? 66 ASN A H    1 
ATOM 1035 H HA   . ASN A 1 66 ? 12.288  0.625   -7.449  1.00 0.00 ? 66 ASN A HA   1 
ATOM 1036 H HB2  . ASN A 1 66 ? 11.335  -1.304  -9.071  1.00 0.00 ? 66 ASN A HB2  1 
ATOM 1037 H HB3  . ASN A 1 66 ? 10.145  -0.099  -9.484  1.00 0.00 ? 66 ASN A HB3  1 
ATOM 1038 H HD21 . ASN A 1 66 ? 10.875  -0.085  -11.624 1.00 0.00 ? 66 ASN A HD21 1 
ATOM 1039 H HD22 . ASN A 1 66 ? 12.340  0.771   -12.086 1.00 0.00 ? 66 ASN A HD22 1 
ATOM 1040 N N    . PRO A 1 67 ? 10.927  2.861   -7.773  1.00 0.00 ? 67 PRO A N    1 
ATOM 1041 C CA   . PRO A 1 67 ? 10.154  4.084   -7.566  1.00 0.00 ? 67 PRO A CA   1 
ATOM 1042 C C    . PRO A 1 67 ? 9.090   4.261   -8.645  1.00 0.00 ? 67 PRO A C    1 
ATOM 1043 O O    . PRO A 1 67 ? 8.055   4.877   -8.404  1.00 0.00 ? 67 PRO A O    1 
ATOM 1044 C CB   . PRO A 1 67 ? 11.174  5.220   -7.610  1.00 0.00 ? 67 PRO A CB   1 
ATOM 1045 C CG   . PRO A 1 67 ? 12.302  4.686   -8.481  1.00 0.00 ? 67 PRO A CG   1 
ATOM 1046 C CD   . PRO A 1 67 ? 12.275  3.184   -8.212  1.00 0.00 ? 67 PRO A CD   1 
ATOM 1047 H HA   . PRO A 1 67 ? 9.669   4.061   -6.586  1.00 0.00 ? 67 PRO A HA   1 
ATOM 1048 H HB2  . PRO A 1 67 ? 10.756  6.147   -7.997  1.00 0.00 ? 67 PRO A HB2  1 
ATOM 1049 H HB3  . PRO A 1 67 ? 11.568  5.376   -6.619  1.00 0.00 ? 67 PRO A HB3  1 
ATOM 1050 H HG2  . PRO A 1 67 ? 12.084  4.879   -9.534  1.00 0.00 ? 67 PRO A HG2  1 
ATOM 1051 H HG3  . PRO A 1 67 ? 13.258  5.119   -8.197  1.00 0.00 ? 67 PRO A HG3  1 
ATOM 1052 H HD2  . PRO A 1 67 ? 12.510  2.685   -9.141  1.00 0.00 ? 67 PRO A HD2  1 
ATOM 1053 H HD3  . PRO A 1 67 ? 12.991  2.913   -7.439  1.00 0.00 ? 67 PRO A HD3  1 
ATOM 1054 N N    . VAL A 1 68 ? 9.317   3.665   -9.815  1.00 0.00 ? 68 VAL A N    1 
ATOM 1055 C CA   . VAL A 1 68 ? 8.401   3.641   -10.939 1.00 0.00 ? 68 VAL A CA   1 
ATOM 1056 C C    . VAL A 1 68 ? 7.025   3.162   -10.506 1.00 0.00 ? 68 VAL A C    1 
ATOM 1057 O O    . VAL A 1 68 ? 6.042   3.611   -11.074 1.00 0.00 ? 68 VAL A O    1 
ATOM 1058 C CB   . VAL A 1 68 ? 8.952   2.724   -12.040 1.00 0.00 ? 68 VAL A CB   1 
ATOM 1059 C CG1  . VAL A 1 68 ? 8.094   2.821   -13.310 1.00 0.00 ? 68 VAL A CG1  1 
ATOM 1060 C CG2  . VAL A 1 68 ? 10.422  3.017   -12.354 1.00 0.00 ? 68 VAL A CG2  1 
ATOM 1061 H H    . VAL A 1 68 ? 10.189  3.171   -9.924  1.00 0.00 ? 68 VAL A H    1 
ATOM 1062 H HA   . VAL A 1 68 ? 8.306   4.650   -11.330 1.00 0.00 ? 68 VAL A HA   1 
ATOM 1063 H HB   . VAL A 1 68 ? 8.902   1.708   -11.669 1.00 0.00 ? 68 VAL A HB   1 
ATOM 1064 H HG11 . VAL A 1 68 ? 8.546   2.239   -14.110 1.00 0.00 ? 68 VAL A HG11 1 
ATOM 1065 H HG12 . VAL A 1 68 ? 7.102   2.406   -13.123 1.00 0.00 ? 68 VAL A HG12 1 
ATOM 1066 H HG13 . VAL A 1 68 ? 7.976   3.861   -13.607 1.00 0.00 ? 68 VAL A HG13 1 
ATOM 1067 H HG21 . VAL A 1 68 ? 10.758  2.369   -13.163 1.00 0.00 ? 68 VAL A HG21 1 
ATOM 1068 H HG22 . VAL A 1 68 ? 10.548  4.058   -12.645 1.00 0.00 ? 68 VAL A HG22 1 
ATOM 1069 H HG23 . VAL A 1 68 ? 11.051  2.790   -11.489 1.00 0.00 ? 68 VAL A HG23 1 
ATOM 1070 N N    . LEU A 1 69 ? 6.918   2.283   -9.509  1.00 0.00 ? 69 LEU A N    1 
ATOM 1071 C CA   . LEU A 1 69 ? 5.621   1.758   -9.121  1.00 0.00 ? 69 LEU A CA   1 
ATOM 1072 C C    . LEU A 1 69 ? 4.774   2.781   -8.386  1.00 0.00 ? 69 LEU A C    1 
ATOM 1073 O O    . LEU A 1 69 ? 3.551   2.698   -8.463  1.00 0.00 ? 69 LEU A O    1 
ATOM 1074 C CB   . LEU A 1 69 ? 5.799   0.529   -8.253  1.00 0.00 ? 69 LEU A CB   1 
ATOM 1075 C CG   . LEU A 1 69 ? 6.480   -0.636  -8.991  1.00 0.00 ? 69 LEU A CG   1 
ATOM 1076 C CD1  . LEU A 1 69 ? 6.542   -1.767  -7.989  1.00 0.00 ? 69 LEU A CD1  1 
ATOM 1077 C CD2  . LEU A 1 69 ? 5.743   -1.120  -10.240 1.00 0.00 ? 69 LEU A CD2  1 
ATOM 1078 H H    . LEU A 1 69 ? 7.740   1.973   -9.003  1.00 0.00 ? 69 LEU A H    1 
ATOM 1079 H HA   . LEU A 1 69 ? 5.072   1.482   -10.018 1.00 0.00 ? 69 LEU A HA   1 
ATOM 1080 H HB2  . LEU A 1 69 ? 6.388   0.796   -7.374  1.00 0.00 ? 69 LEU A HB2  1 
ATOM 1081 H HB3  . LEU A 1 69 ? 4.811   0.227   -7.907  1.00 0.00 ? 69 LEU A HB3  1 
ATOM 1082 H HG   . LEU A 1 69 ? 7.496   -0.357  -9.269  1.00 0.00 ? 69 LEU A HG   1 
ATOM 1083 H HD11 . LEU A 1 69 ? 6.795   -2.701  -8.488  1.00 0.00 ? 69 LEU A HD11 1 
ATOM 1084 H HD12 . LEU A 1 69 ? 7.322   -1.517  -7.278  1.00 0.00 ? 69 LEU A HD12 1 
ATOM 1085 H HD13 . LEU A 1 69 ? 5.584   -1.834  -7.480  1.00 0.00 ? 69 LEU A HD13 1 
ATOM 1086 H HD21 . LEU A 1 69 ? 4.733   -1.437  -9.988  1.00 0.00 ? 69 LEU A HD21 1 
ATOM 1087 H HD22 . LEU A 1 69 ? 5.714   -0.322  -10.977 1.00 0.00 ? 69 LEU A HD22 1 
ATOM 1088 H HD23 . LEU A 1 69 ? 6.280   -1.964  -10.677 1.00 0.00 ? 69 LEU A HD23 1 
ATOM 1089 N N    . ILE A 1 70 ? 5.399   3.766   -7.739  1.00 0.00 ? 70 ILE A N    1 
ATOM 1090 C CA   . ILE A 1 70 ? 4.706   4.983   -7.333  1.00 0.00 ? 70 ILE A CA   1 
ATOM 1091 C C    . ILE A 1 70 ? 4.120   5.592   -8.597  1.00 0.00 ? 70 ILE A C    1 
ATOM 1092 O O    . ILE A 1 70 ? 2.918   5.787   -8.700  1.00 0.00 ? 70 ILE A O    1 
ATOM 1093 C CB   . ILE A 1 70 ? 5.634   5.945   -6.561  1.00 0.00 ? 70 ILE A CB   1 
ATOM 1094 C CG1  . ILE A 1 70 ? 6.402   5.232   -5.429  1.00 0.00 ? 70 ILE A CG1  1 
ATOM 1095 C CG2  . ILE A 1 70 ? 4.838   7.144   -6.011  1.00 0.00 ? 70 ILE A CG2  1 
ATOM 1096 C CD1  . ILE A 1 70 ? 5.498   4.505   -4.424  1.00 0.00 ? 70 ILE A CD1  1 
ATOM 1097 H H    . ILE A 1 70 ? 6.409   3.792   -7.772  1.00 0.00 ? 70 ILE A H    1 
ATOM 1098 H HA   . ILE A 1 70 ? 3.886   4.732   -6.679  1.00 0.00 ? 70 ILE A HA   1 
ATOM 1099 H HB   . ILE A 1 70 ? 6.377   6.344   -7.246  1.00 0.00 ? 70 ILE A HB   1 
ATOM 1100 H HG12 . ILE A 1 70 ? 7.095   4.508   -5.858  1.00 0.00 ? 70 ILE A HG12 1 
ATOM 1101 H HG13 . ILE A 1 70 ? 7.005   5.971   -4.905  1.00 0.00 ? 70 ILE A HG13 1 
ATOM 1102 H HG21 . ILE A 1 70 ? 5.490   7.803   -5.436  1.00 0.00 ? 70 ILE A HG21 1 
ATOM 1103 H HG22 . ILE A 1 70 ? 4.413   7.720   -6.832  1.00 0.00 ? 70 ILE A HG22 1 
ATOM 1104 H HG23 . ILE A 1 70 ? 4.018   6.813   -5.375  1.00 0.00 ? 70 ILE A HG23 1 
ATOM 1105 H HD11 . ILE A 1 70 ? 6.100   4.109   -3.611  1.00 0.00 ? 70 ILE A HD11 1 
ATOM 1106 H HD12 . ILE A 1 70 ? 4.771   5.196   -4.002  1.00 0.00 ? 70 ILE A HD12 1 
ATOM 1107 H HD13 . ILE A 1 70 ? 4.984   3.673   -4.907  1.00 0.00 ? 70 ILE A HD13 1 
ATOM 1108 N N    . PHE A 1 71 ? 4.971   5.795   -9.590  1.00 0.00 ? 71 PHE A N    1 
ATOM 1109 C CA   . PHE A 1 71 ? 4.705   6.552   -10.791 1.00 0.00 ? 71 PHE A CA   1 
ATOM 1110 C C    . PHE A 1 71 ? 3.930   5.748   -11.853 1.00 0.00 ? 71 PHE A C    1 
ATOM 1111 O O    . PHE A 1 71 ? 3.899   6.170   -13.009 1.00 0.00 ? 71 PHE A O    1 
ATOM 1112 C CB   . PHE A 1 71 ? 6.071   7.034   -11.312 1.00 0.00 ? 71 PHE A CB   1 
ATOM 1113 C CG   . PHE A 1 71 ? 7.063   7.568   -10.275 1.00 0.00 ? 71 PHE A CG   1 
ATOM 1114 C CD1  . PHE A 1 71 ? 6.627   8.271   -9.129  1.00 0.00 ? 71 PHE A CD1  1 
ATOM 1115 C CD2  . PHE A 1 71 ? 8.447   7.358   -10.453 1.00 0.00 ? 71 PHE A CD2  1 
ATOM 1116 C CE1  . PHE A 1 71 ? 7.545   8.840   -8.241  1.00 0.00 ? 71 PHE A CE1  1 
ATOM 1117 C CE2  . PHE A 1 71 ? 9.370   7.936   -9.562  1.00 0.00 ? 71 PHE A CE2  1 
ATOM 1118 C CZ   . PHE A 1 71 ? 8.921   8.695   -8.468  1.00 0.00 ? 71 PHE A CZ   1 
ATOM 1119 H H    . PHE A 1 71 ? 5.923   5.463   -9.501  1.00 0.00 ? 71 PHE A H    1 
ATOM 1120 H HA   . PHE A 1 71 ? 4.106   7.423   -10.525 1.00 0.00 ? 71 PHE A HA   1 
ATOM 1121 H HB2  . PHE A 1 71 ? 6.540   6.209   -11.846 1.00 0.00 ? 71 PHE A HB2  1 
ATOM 1122 H HB3  . PHE A 1 71 ? 5.882   7.826   -12.033 1.00 0.00 ? 71 PHE A HB3  1 
ATOM 1123 H HD1  . PHE A 1 71 ? 5.590   8.372   -8.854  1.00 0.00 ? 71 PHE A HD1  1 
ATOM 1124 H HD2  . PHE A 1 71 ? 8.810   6.728   -11.253 1.00 0.00 ? 71 PHE A HD2  1 
ATOM 1125 H HE1  . PHE A 1 71 ? 7.147   9.384   -7.396  1.00 0.00 ? 71 PHE A HE1  1 
ATOM 1126 H HE2  . PHE A 1 71 ? 10.431  7.791   -9.706  1.00 0.00 ? 71 PHE A HE2  1 
ATOM 1127 H HZ   . PHE A 1 71 ? 9.630   9.150   -7.792  1.00 0.00 ? 71 PHE A HZ   1 
ATOM 1128 N N    . ASN A 1 72 ? 3.370   4.583   -11.503 1.00 0.00 ? 72 ASN A N    1 
ATOM 1129 C CA   . ASN A 1 72 ? 2.718   3.638   -12.419 1.00 0.00 ? 72 ASN A CA   1 
ATOM 1130 C C    . ASN A 1 72 ? 1.497   2.995   -11.756 1.00 0.00 ? 72 ASN A C    1 
ATOM 1131 O O    . ASN A 1 72 ? 0.518   2.674   -12.431 1.00 0.00 ? 72 ASN A O    1 
ATOM 1132 C CB   . ASN A 1 72 ? 3.713   2.544   -12.862 1.00 0.00 ? 72 ASN A CB   1 
ATOM 1133 C CG   . ASN A 1 72 ? 3.307   1.762   -14.109 1.00 0.00 ? 72 ASN A CG   1 
ATOM 1134 O OD1  . ASN A 1 72 ? 2.310   2.030   -14.775 1.00 0.00 ? 72 ASN A OD1  1 
ATOM 1135 N ND2  . ASN A 1 72 ? 4.084   0.756   -14.476 1.00 0.00 ? 72 ASN A ND2  1 
ATOM 1136 H H    . ASN A 1 72 ? 3.397   4.357   -10.521 1.00 0.00 ? 72 ASN A H    1 
ATOM 1137 H HA   . ASN A 1 72 ? 2.384   4.180   -13.303 1.00 0.00 ? 72 ASN A HA   1 
ATOM 1138 H HB2  . ASN A 1 72 ? 4.678   2.986   -13.071 1.00 0.00 ? 72 ASN A HB2  1 
ATOM 1139 H HB3  . ASN A 1 72 ? 3.860   1.855   -12.034 1.00 0.00 ? 72 ASN A HB3  1 
ATOM 1140 H HD21 . ASN A 1 72 ? 4.892   0.455   -13.940 1.00 0.00 ? 72 ASN A HD21 1 
ATOM 1141 H HD22 . ASN A 1 72 ? 3.786   0.189   -15.255 1.00 0.00 ? 72 ASN A HD22 1 
ATOM 1142 N N    . TYR A 1 73 ? 1.518   2.791   -10.430 1.00 0.00 ? 73 TYR A N    1 
ATOM 1143 C CA   . TYR A 1 73 ? 0.384   2.283   -9.682  1.00 0.00 ? 73 TYR A CA   1 
ATOM 1144 C C    . TYR A 1 73 ? 0.194   3.138   -8.408  1.00 0.00 ? 73 TYR A C    1 
ATOM 1145 O O    . TYR A 1 73 ? 0.410   2.635   -7.305  1.00 0.00 ? 73 TYR A O    1 
ATOM 1146 C CB   . TYR A 1 73 ? 0.622   0.778   -9.418  1.00 0.00 ? 73 TYR A CB   1 
ATOM 1147 C CG   . TYR A 1 73 ? 1.056   -0.034  -10.636 1.00 0.00 ? 73 TYR A CG   1 
ATOM 1148 C CD1  . TYR A 1 73 ? 0.127   -0.632  -11.506 1.00 0.00 ? 73 TYR A CD1  1 
ATOM 1149 C CD2  . TYR A 1 73 ? 2.424   -0.152  -10.926 1.00 0.00 ? 73 TYR A CD2  1 
ATOM 1150 C CE1  . TYR A 1 73 ? 0.534   -1.175  -12.738 1.00 0.00 ? 73 TYR A CE1  1 
ATOM 1151 C CE2  . TYR A 1 73 ? 2.848   -0.717  -12.140 1.00 0.00 ? 73 TYR A CE2  1 
ATOM 1152 C CZ   . TYR A 1 73 ? 1.901   -1.154  -13.097 1.00 0.00 ? 73 TYR A CZ   1 
ATOM 1153 O OH   . TYR A 1 73 ? 2.323   -1.754  -14.248 1.00 0.00 ? 73 TYR A OH   1 
ATOM 1154 H H    . TYR A 1 73 ? 2.344   2.902   -9.850  1.00 0.00 ? 73 TYR A H    1 
ATOM 1155 H HA   . TYR A 1 73 ? -0.521  2.384   -10.282 1.00 0.00 ? 73 TYR A HA   1 
ATOM 1156 H HB2  . TYR A 1 73 ? 1.383   0.664   -8.644  1.00 0.00 ? 73 TYR A HB2  1 
ATOM 1157 H HB3  . TYR A 1 73 ? -0.304  0.376   -9.041  1.00 0.00 ? 73 TYR A HB3  1 
ATOM 1158 H HD1  . TYR A 1 73 ? -0.909  -0.713  -11.234 1.00 0.00 ? 73 TYR A HD1  1 
ATOM 1159 H HD2  . TYR A 1 73 ? 3.142   0.212   -10.208 1.00 0.00 ? 73 TYR A HD2  1 
ATOM 1160 H HE1  . TYR A 1 73 ? -0.201  -1.659  -13.365 1.00 0.00 ? 73 TYR A HE1  1 
ATOM 1161 H HE2  . TYR A 1 73 ? 3.904   -0.801  -12.340 1.00 0.00 ? 73 TYR A HE2  1 
ATOM 1162 H HH   . TYR A 1 73 ? 1.631   -1.787  -14.926 1.00 0.00 ? 73 TYR A HH   1 
ATOM 1163 N N    . PRO A 1 74 ? -0.165  4.435   -8.497  1.00 0.00 ? 74 PRO A N    1 
ATOM 1164 C CA   . PRO A 1 74 ? -0.340  5.305   -7.325  1.00 0.00 ? 74 PRO A CA   1 
ATOM 1165 C C    . PRO A 1 74 ? -1.739  5.183   -6.688  1.00 0.00 ? 74 PRO A C    1 
ATOM 1166 O O    . PRO A 1 74 ? -2.301  6.176   -6.246  1.00 0.00 ? 74 PRO A O    1 
ATOM 1167 C CB   . PRO A 1 74 ? -0.112  6.724   -7.883  1.00 0.00 ? 74 PRO A CB   1 
ATOM 1168 C CG   . PRO A 1 74 ? -0.660  6.617   -9.303  1.00 0.00 ? 74 PRO A CG   1 
ATOM 1169 C CD   . PRO A 1 74 ? -0.257  5.212   -9.725  1.00 0.00 ? 74 PRO A CD   1 
ATOM 1170 H HA   . PRO A 1 74 ? 0.410   5.100   -6.564  1.00 0.00 ? 74 PRO A HA   1 
ATOM 1171 H HB2  . PRO A 1 74 ? -0.612  7.511   -7.319  1.00 0.00 ? 74 PRO A HB2  1 
ATOM 1172 H HB3  . PRO A 1 74 ? 0.948   6.954   -7.913  1.00 0.00 ? 74 PRO A HB3  1 
ATOM 1173 H HG2  . PRO A 1 74 ? -1.740  6.662   -9.277  1.00 0.00 ? 74 PRO A HG2  1 
ATOM 1174 H HG3  . PRO A 1 74 ? -0.247  7.378   -9.964  1.00 0.00 ? 74 PRO A HG3  1 
ATOM 1175 H HD2  . PRO A 1 74 ? -0.989  4.793   -10.413 1.00 0.00 ? 74 PRO A HD2  1 
ATOM 1176 H HD3  . PRO A 1 74 ? 0.719   5.260   -10.203 1.00 0.00 ? 74 PRO A HD3  1 
ATOM 1177 N N    . THR A 1 75 ? -2.286  3.980   -6.541  1.00 0.00 ? 75 THR A N    1 
ATOM 1178 C CA   . THR A 1 75 ? -3.591  3.711   -5.930  1.00 0.00 ? 75 THR A CA   1 
ATOM 1179 C C    . THR A 1 75 ? -3.505  2.291   -5.375  1.00 0.00 ? 75 THR A C    1 
ATOM 1180 O O    . THR A 1 75 ? -2.703  1.480   -5.856  1.00 0.00 ? 75 THR A O    1 
ATOM 1181 C CB   . THR A 1 75 ? -4.718  3.852   -6.968  1.00 0.00 ? 75 THR A CB   1 
ATOM 1182 O OG1  . THR A 1 75 ? -4.621  2.835   -7.933  1.00 0.00 ? 75 THR A OG1  1 
ATOM 1183 C CG2  . THR A 1 75 ? -4.794  5.185   -7.730  1.00 0.00 ? 75 THR A CG2  1 
ATOM 1184 H H    . THR A 1 75 ? -1.776  3.157   -6.824  1.00 0.00 ? 75 THR A H    1 
ATOM 1185 H HA   . THR A 1 75 ? -3.834  4.381   -5.096  1.00 0.00 ? 75 THR A HA   1 
ATOM 1186 H HB   . THR A 1 75 ? -5.641  3.705   -6.427  1.00 0.00 ? 75 THR A HB   1 
ATOM 1187 H HG1  . THR A 1 75 ? -5.042  3.172   -8.741  1.00 0.00 ? 75 THR A HG1  1 
ATOM 1188 H HG21 . THR A 1 75 ? -5.689  5.216   -8.349  1.00 0.00 ? 75 THR A HG21 1 
ATOM 1189 H HG22 . THR A 1 75 ? -4.839  6.020   -7.037  1.00 0.00 ? 75 THR A HG22 1 
ATOM 1190 H HG23 . THR A 1 75 ? -3.918  5.324   -8.362  1.00 0.00 ? 75 THR A HG23 1 
ATOM 1191 N N    . ILE A 1 76 ? -4.314  1.942   -4.372  1.00 0.00 ? 76 ILE A N    1 
ATOM 1192 C CA   . ILE A 1 76 ? -4.301  0.582   -3.843  1.00 0.00 ? 76 ILE A CA   1 
ATOM 1193 C C    . ILE A 1 76 ? -4.777  -0.386  -4.935  1.00 0.00 ? 76 ILE A C    1 
ATOM 1194 O O    . ILE A 1 76 ? -4.114  -1.396  -5.169  1.00 0.00 ? 76 ILE A O    1 
ATOM 1195 C CB   . ILE A 1 76 ? -5.098  0.500   -2.519  1.00 0.00 ? 76 ILE A CB   1 
ATOM 1196 C CG1  . ILE A 1 76 ? -4.307  1.026   -1.299  1.00 0.00 ? 76 ILE A CG1  1 
ATOM 1197 C CG2  . ILE A 1 76 ? -5.696  -0.882  -2.217  1.00 0.00 ? 76 ILE A CG2  1 
ATOM 1198 C CD1  . ILE A 1 76 ? -4.876  2.329   -0.735  1.00 0.00 ? 76 ILE A CD1  1 
ATOM 1199 H H    . ILE A 1 76 ? -4.990  2.607   -4.018  1.00 0.00 ? 76 ILE A H    1 
ATOM 1200 H HA   . ILE A 1 76 ? -3.263  0.341   -3.643  1.00 0.00 ? 76 ILE A HA   1 
ATOM 1201 H HB   . ILE A 1 76 ? -5.937  1.150   -2.647  1.00 0.00 ? 76 ILE A HB   1 
ATOM 1202 H HG12 . ILE A 1 76 ? -4.341  0.296   -0.496  1.00 0.00 ? 76 ILE A HG12 1 
ATOM 1203 H HG13 . ILE A 1 76 ? -3.265  1.187   -1.566  1.00 0.00 ? 76 ILE A HG13 1 
ATOM 1204 H HG21 . ILE A 1 76 ? -6.391  -1.182  -3.003  1.00 0.00 ? 76 ILE A HG21 1 
ATOM 1205 H HG22 . ILE A 1 76 ? -4.897  -1.613  -2.109  1.00 0.00 ? 76 ILE A HG22 1 
ATOM 1206 H HG23 . ILE A 1 76 ? -6.284  -0.834  -1.301  1.00 0.00 ? 76 ILE A HG23 1 
ATOM 1207 H HD11 . ILE A 1 76 ? -5.913  2.198   -0.457  1.00 0.00 ? 76 ILE A HD11 1 
ATOM 1208 H HD12 . ILE A 1 76 ? -4.293  2.669   0.134   1.00 0.00 ? 76 ILE A HD12 1 
ATOM 1209 H HD13 . ILE A 1 76 ? -4.880  3.083   -1.506  1.00 0.00 ? 76 ILE A HD13 1 
ATOM 1210 N N    . ALA A 1 77 ? -5.857  -0.061  -5.653  1.00 0.00 ? 77 ALA A N    1 
ATOM 1211 C CA   . ALA A 1 77 ? -6.497  -0.916  -6.655  1.00 0.00 ? 77 ALA A CA   1 
ATOM 1212 C C    . ALA A 1 77 ? -5.633  -1.189  -7.900  1.00 0.00 ? 77 ALA A C    1 
ATOM 1213 O O    . ALA A 1 77 ? -6.018  -1.949  -8.793  1.00 0.00 ? 77 ALA A O    1 
ATOM 1214 C CB   . ALA A 1 77 ? -7.811  -0.251  -7.066  1.00 0.00 ? 77 ALA A CB   1 
ATOM 1215 H H    . ALA A 1 77 ? -6.315  0.831   -5.484  1.00 0.00 ? 77 ALA A H    1 
ATOM 1216 H HA   . ALA A 1 77 ? -6.723  -1.874  -6.186  1.00 0.00 ? 77 ALA A HA   1 
ATOM 1217 H HB1  . ALA A 1 77 ? -7.605  0.720   -7.521  1.00 0.00 ? 77 ALA A HB1  1 
ATOM 1218 H HB2  . ALA A 1 77 ? -8.344  -0.880  -7.777  1.00 0.00 ? 77 ALA A HB2  1 
ATOM 1219 H HB3  . ALA A 1 77 ? -8.440  -0.099  -6.193  1.00 0.00 ? 77 ALA A HB3  1 
ATOM 1220 N N    . GLN A 1 78 ? -4.458  -0.571  -7.987  1.00 0.00 ? 78 GLN A N    1 
ATOM 1221 C CA   . GLN A 1 78 ? -3.465  -0.778  -9.025  1.00 0.00 ? 78 GLN A CA   1 
ATOM 1222 C C    . GLN A 1 78 ? -2.221  -1.346  -8.359  1.00 0.00 ? 78 GLN A C    1 
ATOM 1223 O O    . GLN A 1 78 ? -1.687  -2.342  -8.837  1.00 0.00 ? 78 GLN A O    1 
ATOM 1224 C CB   . GLN A 1 78 ? -3.173  0.567   -9.725  1.00 0.00 ? 78 GLN A CB   1 
ATOM 1225 C CG   . GLN A 1 78 ? -4.340  1.130   -10.551 1.00 0.00 ? 78 GLN A CG   1 
ATOM 1226 C CD   . GLN A 1 78 ? -4.098  2.582   -10.971 1.00 0.00 ? 78 GLN A CD   1 
ATOM 1227 O OE1  . GLN A 1 78 ? -4.840  3.484   -10.595 1.00 0.00 ? 78 GLN A OE1  1 
ATOM 1228 N NE2  . GLN A 1 78 ? -3.069  2.873   -11.748 1.00 0.00 ? 78 GLN A NE2  1 
ATOM 1229 H H    . GLN A 1 78 ? -4.208  0.029   -7.215  1.00 0.00 ? 78 GLN A H    1 
ATOM 1230 H HA   . GLN A 1 78 ? -3.803  -1.536  -9.746  1.00 0.00 ? 78 GLN A HA   1 
ATOM 1231 H HB2  . GLN A 1 78 ? -2.873  1.298   -8.972  1.00 0.00 ? 78 GLN A HB2  1 
ATOM 1232 H HB3  . GLN A 1 78 ? -2.335  0.456   -10.398 1.00 0.00 ? 78 GLN A HB3  1 
ATOM 1233 H HG2  . GLN A 1 78 ? -4.492  0.519   -11.438 1.00 0.00 ? 78 GLN A HG2  1 
ATOM 1234 H HG3  . GLN A 1 78 ? -5.247  1.098   -9.950  1.00 0.00 ? 78 GLN A HG3  1 
ATOM 1235 H HE21 . GLN A 1 78 ? -2.565  2.126   -12.214 1.00 0.00 ? 78 GLN A HE21 1 
ATOM 1236 H HE22 . GLN A 1 78 ? -2.868  3.840   -11.973 1.00 0.00 ? 78 GLN A HE22 1 
ATOM 1237 N N    . LEU A 1 79 ? -1.744  -0.753  -7.259  1.00 0.00 ? 79 LEU A N    1 
ATOM 1238 C CA   . LEU A 1 79 ? -0.518  -1.183  -6.603  1.00 0.00 ? 79 LEU A CA   1 
ATOM 1239 C C    . LEU A 1 79 ? -0.681  -2.595  -6.069  1.00 0.00 ? 79 LEU A C    1 
ATOM 1240 O O    . LEU A 1 79 ? 0.081   -3.470  -6.460  1.00 0.00 ? 79 LEU A O    1 
ATOM 1241 C CB   . LEU A 1 79 ? -0.102  -0.217  -5.483  1.00 0.00 ? 79 LEU A CB   1 
ATOM 1242 C CG   . LEU A 1 79 ? 1.269   -0.566  -4.875  1.00 0.00 ? 79 LEU A CG   1 
ATOM 1243 C CD1  . LEU A 1 79 ? 2.424   -0.534  -5.886  1.00 0.00 ? 79 LEU A CD1  1 
ATOM 1244 C CD2  . LEU A 1 79 ? 1.604   0.414   -3.751  1.00 0.00 ? 79 LEU A CD2  1 
ATOM 1245 H H    . LEU A 1 79 ? -2.204  0.075   -6.897  1.00 0.00 ? 79 LEU A H    1 
ATOM 1246 H HA   . LEU A 1 79 ? 0.263   -1.201  -7.361  1.00 0.00 ? 79 LEU A HA   1 
ATOM 1247 H HB2  . LEU A 1 79 ? -0.069  0.794   -5.871  1.00 0.00 ? 79 LEU A HB2  1 
ATOM 1248 H HB3  . LEU A 1 79 ? -0.857  -0.239  -4.696  1.00 0.00 ? 79 LEU A HB3  1 
ATOM 1249 H HG   . LEU A 1 79 ? 1.204   -1.557  -4.437  1.00 0.00 ? 79 LEU A HG   1 
ATOM 1250 H HD11 . LEU A 1 79 ? 2.461   0.441   -6.378  1.00 0.00 ? 79 LEU A HD11 1 
ATOM 1251 H HD12 . LEU A 1 79 ? 3.371   -0.716  -5.377  1.00 0.00 ? 79 LEU A HD12 1 
ATOM 1252 H HD13 . LEU A 1 79 ? 2.288   -1.306  -6.641  1.00 0.00 ? 79 LEU A HD13 1 
ATOM 1253 H HD21 . LEU A 1 79 ? 1.829   1.389   -4.174  1.00 0.00 ? 79 LEU A HD21 1 
ATOM 1254 H HD22 . LEU A 1 79 ? 0.747   0.515   -3.089  1.00 0.00 ? 79 LEU A HD22 1 
ATOM 1255 H HD23 . LEU A 1 79 ? 2.465   0.058   -3.189  1.00 0.00 ? 79 LEU A HD23 1 
ATOM 1256 N N    . ALA A 1 80 ? -1.665  -2.824  -5.193  1.00 0.00 ? 80 ALA A N    1 
ATOM 1257 C CA   . ALA A 1 80 ? -1.937  -4.135  -4.627  1.00 0.00 ? 80 ALA A CA   1 
ATOM 1258 C C    . ALA A 1 80 ? -2.080  -5.164  -5.740  1.00 0.00 ? 80 ALA A C    1 
ATOM 1259 O O    . ALA A 1 80 ? -1.422  -6.202  -5.697  1.00 0.00 ? 80 ALA A O    1 
ATOM 1260 C CB   . ALA A 1 80 ? -3.215  -4.098  -3.799  1.00 0.00 ? 80 ALA A CB   1 
ATOM 1261 H H    . ALA A 1 80 ? -2.330  -2.087  -4.977  1.00 0.00 ? 80 ALA A H    1 
ATOM 1262 H HA   . ALA A 1 80 ? -1.107  -4.420  -3.981  1.00 0.00 ? 80 ALA A HA   1 
ATOM 1263 H HB1  . ALA A 1 80 ? -3.201  -3.287  -3.079  1.00 0.00 ? 80 ALA A HB1  1 
ATOM 1264 H HB2  . ALA A 1 80 ? -4.069  -3.941  -4.451  1.00 0.00 ? 80 ALA A HB2  1 
ATOM 1265 H HB3  . ALA A 1 80 ? -3.327  -5.052  -3.289  1.00 0.00 ? 80 ALA A HB3  1 
ATOM 1266 N N    . LYS A 1 81 ? -2.879  -4.849  -6.763  1.00 0.00 ? 81 LYS A N    1 
ATOM 1267 C CA   . LYS A 1 81 ? -3.046  -5.694  -7.927  1.00 0.00 ? 81 LYS A CA   1 
ATOM 1268 C C    . LYS A 1 81 ? -1.689  -6.059  -8.527  1.00 0.00 ? 81 LYS A C    1 
ATOM 1269 O O    . LYS A 1 81 ? -1.331  -7.230  -8.598  1.00 0.00 ? 81 LYS A O    1 
ATOM 1270 C CB   . LYS A 1 81 ? -3.947  -4.974  -8.937  1.00 0.00 ? 81 LYS A CB   1 
ATOM 1271 C CG   . LYS A 1 81 ? -4.191  -5.901  -10.121 1.00 0.00 ? 81 LYS A CG   1 
ATOM 1272 C CD   . LYS A 1 81 ? -4.219  -5.151  -11.439 1.00 0.00 ? 81 LYS A CD   1 
ATOM 1273 C CE   . LYS A 1 81 ? -4.595  -6.196  -12.490 1.00 0.00 ? 81 LYS A CE   1 
ATOM 1274 N NZ   . LYS A 1 81 ? -4.464  -5.704  -13.871 1.00 0.00 ? 81 LYS A NZ   1 
ATOM 1275 H H    . LYS A 1 81 ? -3.429  -3.997  -6.742  1.00 0.00 ? 81 LYS A H    1 
ATOM 1276 H HA   . LYS A 1 81 ? -3.535  -6.618  -7.625  1.00 0.00 ? 81 LYS A HA   1 
ATOM 1277 H HB2  . LYS A 1 81 ? -4.907  -4.715  -8.493  1.00 0.00 ? 81 LYS A HB2  1 
ATOM 1278 H HB3  . LYS A 1 81 ? -3.470  -4.055  -9.272  1.00 0.00 ? 81 LYS A HB3  1 
ATOM 1279 H HG2  . LYS A 1 81 ? -3.362  -6.581  -10.223 1.00 0.00 ? 81 LYS A HG2  1 
ATOM 1280 H HG3  . LYS A 1 81 ? -5.096  -6.484  -9.944  1.00 0.00 ? 81 LYS A HG3  1 
ATOM 1281 H HD2  . LYS A 1 81 ? -4.960  -4.356  -11.391 1.00 0.00 ? 81 LYS A HD2  1 
ATOM 1282 H HD3  . LYS A 1 81 ? -3.216  -4.746  -11.610 1.00 0.00 ? 81 LYS A HD3  1 
ATOM 1283 H HE2  . LYS A 1 81 ? -3.964  -7.078  -12.359 1.00 0.00 ? 81 LYS A HE2  1 
ATOM 1284 H HE3  . LYS A 1 81 ? -5.628  -6.502  -12.316 1.00 0.00 ? 81 LYS A HE3  1 
ATOM 1285 H HZ1  . LYS A 1 81 ? -3.488  -5.616  -14.129 1.00 0.00 ? 81 LYS A HZ1  1 
ATOM 1286 H HZ2  . LYS A 1 81 ? -4.939  -6.362  -14.476 1.00 0.00 ? 81 LYS A HZ2  1 
ATOM 1287 H HZ3  . LYS A 1 81 ? -4.948  -4.817  -13.983 1.00 0.00 ? 81 LYS A HZ3  1 
ATOM 1288 N N    . ARG A 1 82 ? -0.933  -5.068  -9.002  1.00 0.00 ? 82 ARG A N    1 
ATOM 1289 C CA   . ARG A 1 82 ? 0.294   -5.316  -9.747  1.00 0.00 ? 82 ARG A CA   1 
ATOM 1290 C C    . ARG A 1 82 ? 1.312   -6.042  -8.861  1.00 0.00 ? 82 ARG A C    1 
ATOM 1291 O O    . ARG A 1 82 ? 2.094   -6.861  -9.344  1.00 0.00 ? 82 ARG A O    1 
ATOM 1292 C CB   . ARG A 1 82 ? 0.848   -3.985  -10.269 1.00 0.00 ? 82 ARG A CB   1 
ATOM 1293 C CG   . ARG A 1 82 ? 1.431   -4.048  -11.675 1.00 0.00 ? 82 ARG A CG   1 
ATOM 1294 C CD   . ARG A 1 82 ? 2.482   -5.100  -11.936 1.00 0.00 ? 82 ARG A CD   1 
ATOM 1295 N NE   . ARG A 1 82 ? 2.671   -5.315  -13.375 1.00 0.00 ? 82 ARG A NE   1 
ATOM 1296 C CZ   . ARG A 1 82 ? 2.876   -6.530  -13.897 1.00 0.00 ? 82 ARG A CZ   1 
ATOM 1297 N NH1  . ARG A 1 82 ? 3.365   -7.504  -13.143 1.00 0.00 ? 82 ARG A NH1  1 
ATOM 1298 N NH2  . ARG A 1 82 ? 2.566   -6.777  -15.156 1.00 0.00 ? 82 ARG A NH2  1 
ATOM 1299 H H    . ARG A 1 82 ? -1.247  -4.110  -8.888  1.00 0.00 ? 82 ARG A H    1 
ATOM 1300 H HA   . ARG A 1 82 ? 0.021   -5.940  -10.599 1.00 0.00 ? 82 ARG A HA   1 
ATOM 1301 H HB2  . ARG A 1 82 ? 0.054   -3.250  -10.323 1.00 0.00 ? 82 ARG A HB2  1 
ATOM 1302 H HB3  . ARG A 1 82 ? 1.585   -3.598  -9.577  1.00 0.00 ? 82 ARG A HB3  1 
ATOM 1303 H HG2  . ARG A 1 82 ? 0.613   -4.151  -12.390 1.00 0.00 ? 82 ARG A HG2  1 
ATOM 1304 H HG3  . ARG A 1 82 ? 1.952   -3.123  -11.822 1.00 0.00 ? 82 ARG A HG3  1 
ATOM 1305 H HD2  . ARG A 1 82 ? 3.405   -4.784  -11.457 1.00 0.00 ? 82 ARG A HD2  1 
ATOM 1306 H HD3  . ARG A 1 82 ? 2.122   -6.019  -11.508 1.00 0.00 ? 82 ARG A HD3  1 
ATOM 1307 H HE   . ARG A 1 82 ? 2.414   -4.537  -13.975 1.00 0.00 ? 82 ARG A HE   1 
ATOM 1308 H HH11 . ARG A 1 82 ? 3.616   -7.346  -12.182 1.00 0.00 ? 82 ARG A HH11 1 
ATOM 1309 H HH12 . ARG A 1 82 ? 3.488   -8.449  -13.509 1.00 0.00 ? 82 ARG A HH12 1 
ATOM 1310 H HH21 . ARG A 1 82 ? 2.035   -6.087  -15.675 1.00 0.00 ? 82 ARG A HH21 1 
ATOM 1311 H HH22 . ARG A 1 82 ? 2.527   -7.741  -15.490 1.00 0.00 ? 82 ARG A HH22 1 
ATOM 1312 N N    . LEU A 1 83 ? 1.316   -5.780  -7.556  1.00 0.00 ? 83 LEU A N    1 
ATOM 1313 C CA   . LEU A 1 83 ? 2.137   -6.516  -6.599  1.00 0.00 ? 83 LEU A CA   1 
ATOM 1314 C C    . LEU A 1 83 ? 1.716   -7.986  -6.581  1.00 0.00 ? 83 LEU A C    1 
ATOM 1315 O O    . LEU A 1 83 ? 2.569   -8.866  -6.612  1.00 0.00 ? 83 LEU A O    1 
ATOM 1316 C CB   . LEU A 1 83 ? 2.086   -5.861  -5.217  1.00 0.00 ? 83 LEU A CB   1 
ATOM 1317 C CG   . LEU A 1 83 ? 2.772   -4.479  -5.184  1.00 0.00 ? 83 LEU A CG   1 
ATOM 1318 C CD1  . LEU A 1 83 ? 2.543   -3.846  -3.818  1.00 0.00 ? 83 LEU A CD1  1 
ATOM 1319 C CD2  . LEU A 1 83 ? 4.279   -4.531  -5.419  1.00 0.00 ? 83 LEU A CD2  1 
ATOM 1320 H H    . LEU A 1 83 ? 0.642   -5.102  -7.215  1.00 0.00 ? 83 LEU A H    1 
ATOM 1321 H HA   . LEU A 1 83 ? 3.168   -6.494  -6.925  1.00 0.00 ? 83 LEU A HA   1 
ATOM 1322 H HB2  . LEU A 1 83 ? 1.044   -5.756  -4.916  1.00 0.00 ? 83 LEU A HB2  1 
ATOM 1323 H HB3  . LEU A 1 83 ? 2.582   -6.519  -4.500  1.00 0.00 ? 83 LEU A HB3  1 
ATOM 1324 H HG   . LEU A 1 83 ? 2.374   -3.816  -5.956  1.00 0.00 ? 83 LEU A HG   1 
ATOM 1325 H HD11 . LEU A 1 83 ? 3.011   -2.865  -3.801  1.00 0.00 ? 83 LEU A HD11 1 
ATOM 1326 H HD12 . LEU A 1 83 ? 1.473   -3.738  -3.635  1.00 0.00 ? 83 LEU A HD12 1 
ATOM 1327 H HD13 . LEU A 1 83 ? 2.978   -4.474  -3.043  1.00 0.00 ? 83 LEU A HD13 1 
ATOM 1328 H HD21 . LEU A 1 83 ? 4.491   -4.908  -6.413  1.00 0.00 ? 83 LEU A HD21 1 
ATOM 1329 H HD22 . LEU A 1 83 ? 4.689   -3.525  -5.345  1.00 0.00 ? 83 LEU A HD22 1 
ATOM 1330 H HD23 . LEU A 1 83 ? 4.756   -5.174  -4.677  1.00 0.00 ? 83 LEU A HD23 1 
ATOM 1331 N N    . GLY A 1 84 ? 0.425   -8.279  -6.669  1.00 0.00 ? 84 GLY A N    1 
ATOM 1332 C CA   . GLY A 1 84 ? -0.080  -9.627  -6.853  1.00 0.00 ? 84 GLY A CA   1 
ATOM 1333 C C    . GLY A 1 84 ? 0.261   -10.272 -8.196  1.00 0.00 ? 84 GLY A C    1 
ATOM 1334 O O    . GLY A 1 84 ? -0.212  -11.377 -8.454  1.00 0.00 ? 84 GLY A O    1 
ATOM 1335 H H    . GLY A 1 84 ? -0.265  -7.534  -6.674  1.00 0.00 ? 84 GLY A H    1 
ATOM 1336 H HA2  . GLY A 1 84 ? 0.316   -10.248 -6.059  1.00 0.00 ? 84 GLY A HA2  1 
ATOM 1337 H HA3  . GLY A 1 84 ? -1.155  -9.610  -6.757  1.00 0.00 ? 84 GLY A HA3  1 
ATOM 1338 N N    . GLU A 1 85 ? 1.032   -9.621  -9.069  1.00 0.00 ? 85 GLU A N    1 
ATOM 1339 C CA   . GLU A 1 85 ? 1.495   -10.182 -10.334 1.00 0.00 ? 85 GLU A CA   1 
ATOM 1340 C C    . GLU A 1 85 ? 3.020   -10.232 -10.403 1.00 0.00 ? 85 GLU A C    1 
ATOM 1341 O O    . GLU A 1 85 ? 3.610   -11.177 -10.936 1.00 0.00 ? 85 GLU A O    1 
ATOM 1342 C CB   . GLU A 1 85 ? 1.011   -9.300  -11.486 1.00 0.00 ? 85 GLU A CB   1 
ATOM 1343 C CG   . GLU A 1 85 ? -0.508  -9.270  -11.692 1.00 0.00 ? 85 GLU A CG   1 
ATOM 1344 C CD   . GLU A 1 85 ? -0.969  -9.871  -13.020 1.00 0.00 ? 85 GLU A CD   1 
ATOM 1345 O OE1  . GLU A 1 85 ? -0.389  -9.519  -14.075 1.00 0.00 ? 85 GLU A OE1  1 
ATOM 1346 O OE2  . GLU A 1 85 ? -1.977  -10.622 -13.016 1.00 0.00 ? 85 GLU A OE2  1 
ATOM 1347 H H    . GLU A 1 85 ? 1.244   -8.651  -8.884  1.00 0.00 ? 85 GLU A H    1 
ATOM 1348 H HA   . GLU A 1 85 ? 1.111   -11.199 -10.452 1.00 0.00 ? 85 GLU A HA   1 
ATOM 1349 H HB2  . GLU A 1 85 ? 1.349   -8.276  -11.325 1.00 0.00 ? 85 GLU A HB2  1 
ATOM 1350 H HB3  . GLU A 1 85 ? 1.510   -9.668  -12.370 1.00 0.00 ? 85 GLU A HB3  1 
ATOM 1351 H HG2  . GLU A 1 85 ? -0.993  -9.767  -10.858 1.00 0.00 ? 85 GLU A HG2  1 
ATOM 1352 H HG3  . GLU A 1 85 ? -0.835  -8.233  -11.676 1.00 0.00 ? 85 GLU A HG3  1 
ATOM 1353 N N    . LEU A 1 86 ? 3.681   -9.187  -9.905  1.00 0.00 ? 86 LEU A N    1 
ATOM 1354 C CA   . LEU A 1 86 ? 5.133   -9.138  -9.782  1.00 0.00 ? 86 LEU A CA   1 
ATOM 1355 C C    . LEU A 1 86 ? 5.621   -10.157 -8.753  1.00 0.00 ? 86 LEU A C    1 
ATOM 1356 O O    . LEU A 1 86 ? 6.726   -10.678 -8.898  1.00 0.00 ? 86 LEU A O    1 
ATOM 1357 C CB   . LEU A 1 86 ? 5.560   -7.739  -9.327  1.00 0.00 ? 86 LEU A CB   1 
ATOM 1358 C CG   . LEU A 1 86 ? 5.402   -6.620  -10.350 1.00 0.00 ? 86 LEU A CG   1 
ATOM 1359 C CD1  . LEU A 1 86 ? 5.677   -5.285  -9.658  1.00 0.00 ? 86 LEU A CD1  1 
ATOM 1360 C CD2  . LEU A 1 86 ? 6.312   -6.789  -11.557 1.00 0.00 ? 86 LEU A CD2  1 
ATOM 1361 H H    . LEU A 1 86 ? 3.135   -8.437  -9.496  1.00 0.00 ? 86 LEU A H    1 
ATOM 1362 H HA   . LEU A 1 86 ? 5.597   -9.375  -10.737 1.00 0.00 ? 86 LEU A HA   1 
ATOM 1363 H HB2  . LEU A 1 86 ? 4.948   -7.468  -8.477  1.00 0.00 ? 86 LEU A HB2  1 
ATOM 1364 H HB3  . LEU A 1 86 ? 6.598   -7.771  -8.998  1.00 0.00 ? 86 LEU A HB3  1 
ATOM 1365 H HG   . LEU A 1 86 ? 4.376   -6.622  -10.699 1.00 0.00 ? 86 LEU A HG   1 
ATOM 1366 H HD11 . LEU A 1 86 ? 6.707   -5.260  -9.298  1.00 0.00 ? 86 LEU A HD11 1 
ATOM 1367 H HD12 . LEU A 1 86 ? 5.515   -4.460  -10.353 1.00 0.00 ? 86 LEU A HD12 1 
ATOM 1368 H HD13 . LEU A 1 86 ? 4.997   -5.189  -8.814  1.00 0.00 ? 86 LEU A HD13 1 
ATOM 1369 H HD21 . LEU A 1 86 ? 7.348   -6.876  -11.229 1.00 0.00 ? 86 LEU A HD21 1 
ATOM 1370 H HD22 . LEU A 1 86 ? 6.041   -7.687  -12.107 1.00 0.00 ? 86 LEU A HD22 1 
ATOM 1371 H HD23 . LEU A 1 86 ? 6.210   -5.931  -12.221 1.00 0.00 ? 86 LEU A HD23 1 
ATOM 1372 N N    . TYR A 1 87 ? 4.800   -10.424 -7.736  1.00 0.00 ? 87 TYR A N    1 
ATOM 1373 C CA   . TYR A 1 87 ? 5.159   -11.240 -6.583  1.00 0.00 ? 87 TYR A CA   1 
ATOM 1374 C C    . TYR A 1 87 ? 4.281   -12.485 -6.550  1.00 0.00 ? 87 TYR A C    1 
ATOM 1375 O O    . TYR A 1 87 ? 4.808   -13.591 -6.683  1.00 0.00 ? 87 TYR A O    1 
ATOM 1376 C CB   . TYR A 1 87 ? 5.102   -10.442 -5.263  1.00 0.00 ? 87 TYR A CB   1 
ATOM 1377 C CG   . TYR A 1 87 ? 5.998   -9.210  -5.201  1.00 0.00 ? 87 TYR A CG   1 
ATOM 1378 C CD1  . TYR A 1 87 ? 5.673   -8.075  -5.957  1.00 0.00 ? 87 TYR A CD1  1 
ATOM 1379 C CD2  . TYR A 1 87 ? 7.129   -9.165  -4.367  1.00 0.00 ? 87 TYR A CD2  1 
ATOM 1380 C CE1  . TYR A 1 87 ? 6.512   -6.956  -5.995  1.00 0.00 ? 87 TYR A CE1  1 
ATOM 1381 C CE2  . TYR A 1 87 ? 7.911   -7.995  -4.306  1.00 0.00 ? 87 TYR A CE2  1 
ATOM 1382 C CZ   . TYR A 1 87 ? 7.638   -6.903  -5.157  1.00 0.00 ? 87 TYR A CZ   1 
ATOM 1383 O OH   . TYR A 1 87 ? 8.420   -5.793  -5.208  1.00 0.00 ? 87 TYR A OH   1 
ATOM 1384 H H    . TYR A 1 87 ? 3.897   -9.962  -7.741  1.00 0.00 ? 87 TYR A H    1 
ATOM 1385 H HA   . TYR A 1 87 ? 6.185   -11.575 -6.704  1.00 0.00 ? 87 TYR A HA   1 
ATOM 1386 H HB2  . TYR A 1 87 ? 4.079   -10.131 -5.068  1.00 0.00 ? 87 TYR A HB2  1 
ATOM 1387 H HB3  . TYR A 1 87 ? 5.366   -11.116 -4.449  1.00 0.00 ? 87 TYR A HB3  1 
ATOM 1388 H HD1  . TYR A 1 87 ? 4.776   -8.085  -6.535  1.00 0.00 ? 87 TYR A HD1  1 
ATOM 1389 H HD2  . TYR A 1 87 ? 7.384   -10.022 -3.757  1.00 0.00 ? 87 TYR A HD2  1 
ATOM 1390 H HE1  . TYR A 1 87 ? 6.308   -6.130  -6.652  1.00 0.00 ? 87 TYR A HE1  1 
ATOM 1391 H HE2  . TYR A 1 87 ? 8.720   -7.946  -3.608  1.00 0.00 ? 87 TYR A HE2  1 
ATOM 1392 H HH   . TYR A 1 87 ? 9.264   -5.811  -4.716  1.00 0.00 ? 87 TYR A HH   1 
ATOM 1393 N N    . LEU A 1 88 ? 2.966   -12.305 -6.357  1.00 0.00 ? 88 LEU A N    1 
ATOM 1394 C CA   . LEU A 1 88 ? 2.025   -13.407 -6.201  1.00 0.00 ? 88 LEU A CA   1 
ATOM 1395 C C    . LEU A 1 88 ? 1.630   -13.984 -7.554  1.00 0.00 ? 88 LEU A C    1 
ATOM 1396 O O    . LEU A 1 88 ? 0.550   -14.603 -7.671  1.00 0.00 ? 88 LEU A O    1 
ATOM 1397 C CB   . LEU A 1 88 ? 0.801   -12.943 -5.394  1.00 0.00 ? 88 LEU A CB   1 
ATOM 1398 C CG   . LEU A 1 88 ? 1.051   -12.122 -4.122  1.00 0.00 ? 88 LEU A CG   1 
ATOM 1399 C CD1  . LEU A 1 88 ? -0.282  -11.967 -3.395  1.00 0.00 ? 88 LEU A CD1  1 
ATOM 1400 C CD2  . LEU A 1 88 ? 2.032   -12.833 -3.198  1.00 0.00 ? 88 LEU A CD2  1 
ATOM 1401 H H    . LEU A 1 88 ? 2.581   -11.382 -6.232  1.00 0.00 ? 88 LEU A H    1 
ATOM 1402 H HA   . LEU A 1 88 ? 2.514   -14.208 -5.643  1.00 0.00 ? 88 LEU A HA   1 
ATOM 1403 H HB2  . LEU A 1 88 ? 0.133   -12.392 -6.047  1.00 0.00 ? 88 LEU A HB2  1 
ATOM 1404 H HB3  . LEU A 1 88 ? 0.281   -13.843 -5.089  1.00 0.00 ? 88 LEU A HB3  1 
ATOM 1405 H HG   . LEU A 1 88 ? 1.429   -11.128 -4.368  1.00 0.00 ? 88 LEU A HG   1 
ATOM 1406 H HD11 . LEU A 1 88 ? -0.154  -11.378 -2.487  1.00 0.00 ? 88 LEU A HD11 1 
ATOM 1407 H HD12 . LEU A 1 88 ? -1.013  -11.480 -4.045  1.00 0.00 ? 88 LEU A HD12 1 
ATOM 1408 H HD13 . LEU A 1 88 ? -0.641  -12.955 -3.119  1.00 0.00 ? 88 LEU A HD13 1 
ATOM 1409 H HD21 . LEU A 1 88 ? 2.219   -12.234 -2.314  1.00 0.00 ? 88 LEU A HD21 1 
ATOM 1410 H HD22 . LEU A 1 88 ? 1.596   -13.782 -2.900  1.00 0.00 ? 88 LEU A HD22 1 
ATOM 1411 H HD23 . LEU A 1 88 ? 2.982   -13.017 -3.694  1.00 0.00 ? 88 LEU A HD23 1 
# 
